data_1HGJ
#
_entry.id   1HGJ
#
_cell.length_a   162.800
_cell.length_b   162.800
_cell.length_c   177.500
_cell.angle_alpha   90.00
_cell.angle_beta   90.00
_cell.angle_gamma   90.00
#
_symmetry.space_group_name_H-M   'P 41'
#
loop_
_entity.id
_entity.type
_entity.pdbx_description
1 polymer 'HEMAGGLUTININ, CHAIN HA1'
2 polymer 'HEMAGGLUTININ, CHAIN HA1'
3 branched beta-D-mannopyranose-(1-4)-2-acetamido-2-deoxy-beta-D-glucopyranose-(1-4)-2-acetamido-2-deoxy-beta-D-glucopyranose
4 non-polymer 2-acetamido-2-deoxy-beta-D-glucopyranose
5 non-polymer 'methyl 5-acetamido-9-amino-3,5,9-trideoxy-D-glycero-alpha-D-galacto-non-2-ulopyranosidonic acid'
6 water water
#
loop_
_entity_poly.entity_id
_entity_poly.type
_entity_poly.pdbx_seq_one_letter_code
_entity_poly.pdbx_strand_id
1 'polypeptide(L)'
;QDLPGNDNSTATLCLGHHAVPNGTLVKTITDDQIEVTNATELVQSSSTGKICNNPHRILDGIDCTLIDALLGDPHCDVFQ
NETWDLFVERSKAFSNCYPYDVPDYASLRSLVASSGTLEFITEGFTWTGVTQNGGSNACKRGPGSGFFSRLNWLTKSGST
YPVLNVTMPNNDNFDKLYIWGIHHPSTNQEQTSLYVQASGRVTVSTRRSQQTIIPNIGSRPWVRGLSSRISIYWTIVKPG
DVLVINSNGNLIAPRGYFKMRTGKSSIMRSDAPIDTCISECITPNGSIPNDKPFQNVNKITYGACPKYVKQNTLKLATGM
RNVPEKQT
;
A,C,E
2 'polypeptide(L)'
;GLFGAIAGFIENGWEGMIDGWYGFRHQNSEGTGQAADLKSTQAAIDQINGKLNRVIEKTNEKFHQIEKEFSEVEGRIQDL
EKYVEDTKIDLWSYNAELLVALENQHTIDLTDSEMNKLFEKTRRQLRENAEEMGNGCFKIYHKCDNACIESIRNGTYDHD
VYRDEALNNRFQIKG
;
B,D,F
#
loop_
_chem_comp.id
_chem_comp.type
_chem_comp.name
_chem_comp.formula
AMN D-saccharide 'methyl 5-acetamido-9-amino-3,5,9-trideoxy-D-glycero-alpha-D-galacto-non-2-ulopyranosidonic acid' 'C12 H22 N2 O8'
BMA D-saccharide, beta linking beta-D-mannopyranose 'C6 H12 O6'
NAG D-saccharide, beta linking 2-acetamido-2-deoxy-beta-D-glucopyranose 'C8 H15 N O6'
#
# COMPACT_ATOMS: atom_id res chain seq x y z
N GLN A 1 72.08 18.14 0.10
CA GLN A 1 71.01 17.36 0.68
C GLN A 1 71.92 16.82 1.78
N ASP A 2 72.08 15.50 1.92
CA ASP A 2 73.13 14.89 2.74
C ASP A 2 74.41 15.03 1.89
N LEU A 3 75.12 13.95 1.58
CA LEU A 3 76.25 13.93 0.66
C LEU A 3 75.89 12.67 -0.17
N PRO A 4 76.77 11.76 -0.63
CA PRO A 4 76.31 10.57 -1.36
C PRO A 4 75.45 9.63 -0.51
N GLY A 5 74.13 9.90 -0.46
CA GLY A 5 73.16 9.07 0.23
C GLY A 5 73.13 7.71 -0.47
N ASN A 6 73.96 6.83 0.03
CA ASN A 6 74.20 5.52 -0.57
C ASN A 6 73.36 4.32 -0.10
N ASP A 7 72.70 4.35 1.07
CA ASP A 7 72.04 3.14 1.55
C ASP A 7 70.83 2.79 0.72
N ASN A 8 71.12 1.87 -0.17
CA ASN A 8 70.18 1.42 -1.16
C ASN A 8 69.24 0.32 -0.62
N SER A 9 68.41 0.52 0.42
CA SER A 9 67.49 -0.56 0.70
C SER A 9 66.09 -0.11 0.37
N THR A 10 65.10 -1.01 0.51
CA THR A 10 63.71 -0.70 0.20
C THR A 10 62.83 -1.12 1.37
N ALA A 11 61.53 -0.83 1.34
CA ALA A 11 60.60 -1.25 2.38
C ALA A 11 59.35 -1.73 1.70
N THR A 12 58.47 -2.42 2.40
CA THR A 12 57.20 -2.85 1.85
C THR A 12 56.08 -2.37 2.74
N LEU A 13 55.05 -1.70 2.20
CA LEU A 13 53.93 -1.28 3.01
C LEU A 13 52.69 -1.93 2.40
N CYS A 14 51.81 -2.58 3.15
CA CYS A 14 50.64 -3.20 2.58
C CYS A 14 49.40 -2.72 3.28
N LEU A 15 48.39 -2.33 2.50
CA LEU A 15 47.15 -1.92 3.09
C LEU A 15 46.24 -3.11 3.13
N GLY A 16 45.38 -3.22 4.11
CA GLY A 16 44.46 -4.33 4.16
C GLY A 16 43.30 -3.94 5.04
N HIS A 17 42.40 -4.89 5.29
CA HIS A 17 41.20 -4.62 6.08
C HIS A 17 40.98 -5.80 7.00
N HIS A 18 40.16 -5.73 8.03
CA HIS A 18 39.99 -6.87 8.93
C HIS A 18 39.14 -7.98 8.32
N ALA A 19 38.95 -9.07 9.03
CA ALA A 19 38.10 -10.17 8.63
C ALA A 19 37.80 -10.88 9.93
N VAL A 20 36.71 -11.61 10.08
CA VAL A 20 36.41 -12.25 11.34
C VAL A 20 36.28 -13.71 11.06
N PRO A 21 36.55 -14.58 12.04
CA PRO A 21 36.49 -16.01 11.82
C PRO A 21 35.05 -16.44 11.52
N ASN A 22 34.10 -15.83 12.26
CA ASN A 22 32.66 -16.12 12.20
C ASN A 22 31.96 -15.41 11.04
N GLY A 23 31.27 -14.25 11.10
CA GLY A 23 30.70 -13.72 9.86
C GLY A 23 29.24 -14.09 9.72
N THR A 24 28.41 -13.29 9.04
CA THR A 24 26.97 -13.50 8.97
C THR A 24 26.53 -13.37 7.55
N LEU A 25 25.62 -14.20 7.09
CA LEU A 25 25.19 -14.13 5.71
C LEU A 25 24.06 -13.12 5.61
N VAL A 26 24.07 -12.24 4.61
CA VAL A 26 23.01 -11.25 4.40
C VAL A 26 22.59 -11.30 2.94
N LYS A 27 21.40 -10.77 2.61
CA LYS A 27 20.90 -10.71 1.24
C LYS A 27 21.34 -9.39 0.60
N THR A 28 21.44 -9.31 -0.70
CA THR A 28 21.96 -8.19 -1.46
C THR A 28 21.06 -8.01 -2.66
N ILE A 29 21.31 -6.99 -3.48
CA ILE A 29 20.57 -6.79 -4.73
C ILE A 29 20.99 -7.92 -5.65
N THR A 30 22.30 -8.22 -5.71
CA THR A 30 22.77 -9.26 -6.60
C THR A 30 23.01 -10.62 -5.99
N ASP A 31 23.07 -10.81 -4.69
CA ASP A 31 23.31 -12.12 -4.09
C ASP A 31 22.27 -12.32 -3.01
N ASP A 32 21.95 -13.52 -2.58
CA ASP A 32 21.03 -13.65 -1.45
C ASP A 32 21.65 -14.32 -0.24
N GLN A 33 22.90 -14.74 -0.38
CA GLN A 33 23.69 -15.05 0.77
C GLN A 33 25.08 -14.55 0.48
N ILE A 34 25.51 -13.42 1.02
CA ILE A 34 26.87 -13.04 0.89
C ILE A 34 27.29 -12.84 2.33
N GLU A 35 28.53 -13.15 2.70
CA GLU A 35 28.94 -13.13 4.10
C GLU A 35 29.57 -11.82 4.46
N VAL A 36 29.11 -11.17 5.51
CA VAL A 36 29.70 -9.92 5.96
C VAL A 36 30.23 -10.10 7.37
N THR A 37 31.12 -9.21 7.78
CA THR A 37 31.70 -9.12 9.10
C THR A 37 30.67 -9.10 10.19
N ASN A 38 29.56 -8.40 10.04
CA ASN A 38 28.60 -8.24 11.12
C ASN A 38 27.25 -7.81 10.58
N ALA A 39 26.16 -8.03 11.27
CA ALA A 39 24.86 -7.67 10.78
C ALA A 39 23.97 -7.41 11.99
N THR A 40 22.75 -6.87 11.83
CA THR A 40 21.86 -6.63 12.95
C THR A 40 20.47 -7.05 12.50
N GLU A 41 19.65 -7.58 13.39
CA GLU A 41 18.35 -8.12 13.02
C GLU A 41 17.30 -7.05 13.05
N LEU A 42 16.50 -6.97 12.00
CA LEU A 42 15.50 -5.94 11.92
C LEU A 42 14.09 -6.46 12.19
N VAL A 43 13.89 -7.79 12.34
CA VAL A 43 12.56 -8.29 12.65
C VAL A 43 12.47 -8.76 14.11
N GLN A 44 11.59 -8.18 14.91
CA GLN A 44 11.33 -8.61 16.26
C GLN A 44 10.45 -9.85 16.14
N SER A 45 10.82 -10.99 16.69
CA SER A 45 10.03 -12.19 16.48
C SER A 45 9.62 -12.90 17.74
N SER A 46 9.77 -12.30 18.90
CA SER A 46 9.44 -12.97 20.13
C SER A 46 8.80 -12.00 21.08
N SER A 47 7.81 -12.47 21.80
CA SER A 47 7.13 -11.67 22.79
C SER A 47 7.68 -12.06 24.15
N THR A 48 7.43 -11.21 25.13
CA THR A 48 7.77 -11.52 26.51
C THR A 48 6.77 -12.58 26.96
N GLY A 49 5.53 -12.53 26.49
CA GLY A 49 4.51 -13.46 26.92
C GLY A 49 3.58 -12.77 27.88
N LYS A 50 3.88 -11.56 28.31
CA LYS A 50 3.04 -10.89 29.25
C LYS A 50 2.70 -9.51 28.74
N ILE A 51 1.51 -9.01 29.02
CA ILE A 51 1.10 -7.68 28.62
C ILE A 51 1.56 -6.78 29.75
N CYS A 52 2.54 -5.93 29.53
CA CYS A 52 2.98 -5.02 30.57
C CYS A 52 1.89 -4.02 30.88
N ASN A 53 1.66 -3.78 32.17
CA ASN A 53 0.60 -2.89 32.61
C ASN A 53 1.02 -1.43 32.65
N ASN A 54 1.99 -1.04 31.84
CA ASN A 54 2.51 0.31 31.87
C ASN A 54 3.23 0.59 30.56
N PRO A 55 3.18 1.72 29.85
CA PRO A 55 2.45 2.94 30.12
C PRO A 55 0.99 3.02 29.80
N HIS A 56 0.36 2.03 29.13
CA HIS A 56 -1.04 2.24 28.78
C HIS A 56 -1.91 1.74 29.90
N ARG A 57 -3.16 2.15 30.04
CA ARG A 57 -3.99 1.68 31.10
C ARG A 57 -4.67 0.40 30.68
N ILE A 58 -4.19 -0.75 31.08
CA ILE A 58 -4.79 -1.99 30.66
C ILE A 58 -5.96 -2.36 31.58
N LEU A 59 -7.16 -2.65 31.10
CA LEU A 59 -8.26 -3.04 31.98
C LEU A 59 -8.51 -4.51 31.72
N ASP A 60 -8.30 -5.44 32.66
CA ASP A 60 -8.48 -6.85 32.37
C ASP A 60 -9.94 -7.12 32.53
N GLY A 61 -10.59 -7.66 31.52
CA GLY A 61 -12.02 -7.89 31.58
C GLY A 61 -12.40 -9.08 32.44
N ILE A 62 -11.43 -9.84 32.92
CA ILE A 62 -11.62 -11.08 33.63
C ILE A 62 -12.69 -11.94 32.94
N ASP A 63 -13.88 -12.21 33.48
CA ASP A 63 -14.80 -13.06 32.76
C ASP A 63 -16.01 -12.28 32.25
N CYS A 64 -15.77 -11.02 31.94
CA CYS A 64 -16.73 -10.14 31.31
C CYS A 64 -16.23 -9.70 29.95
N THR A 65 -17.09 -9.71 28.96
CA THR A 65 -16.76 -9.10 27.70
C THR A 65 -17.04 -7.61 27.90
N LEU A 66 -16.65 -6.74 26.97
CA LEU A 66 -16.95 -5.32 27.11
C LEU A 66 -18.44 -5.08 27.06
N ILE A 67 -19.21 -5.65 26.11
CA ILE A 67 -20.65 -5.41 26.05
C ILE A 67 -21.35 -5.83 27.37
N ASP A 68 -21.06 -6.97 28.02
CA ASP A 68 -21.69 -7.32 29.29
C ASP A 68 -21.32 -6.33 30.37
N ALA A 69 -20.07 -5.85 30.40
CA ALA A 69 -19.69 -4.82 31.36
C ALA A 69 -20.54 -3.57 31.11
N LEU A 70 -20.80 -3.26 29.84
CA LEU A 70 -21.57 -2.09 29.46
C LEU A 70 -23.00 -2.23 29.92
N LEU A 71 -23.67 -3.32 29.53
CA LEU A 71 -25.06 -3.54 29.89
C LEU A 71 -25.28 -3.67 31.41
N GLY A 72 -24.31 -4.27 32.10
CA GLY A 72 -24.42 -4.42 33.54
C GLY A 72 -24.93 -5.78 33.95
N ASP A 73 -24.40 -6.82 33.31
CA ASP A 73 -24.62 -8.18 33.73
C ASP A 73 -24.21 -8.19 35.20
N PRO A 74 -24.97 -8.73 36.18
CA PRO A 74 -24.63 -8.74 37.58
C PRO A 74 -23.18 -9.08 37.82
N HIS A 75 -22.68 -10.11 37.18
CA HIS A 75 -21.33 -10.55 37.47
C HIS A 75 -20.27 -9.60 36.96
N CYS A 76 -20.61 -8.61 36.15
CA CYS A 76 -19.65 -7.65 35.65
C CYS A 76 -19.82 -6.33 36.34
N ASP A 77 -20.54 -6.27 37.47
CA ASP A 77 -20.78 -4.99 38.12
C ASP A 77 -19.51 -4.33 38.64
N VAL A 78 -18.43 -5.09 38.68
CA VAL A 78 -17.12 -4.56 39.05
C VAL A 78 -16.68 -3.43 38.14
N PHE A 79 -17.14 -3.44 36.89
CA PHE A 79 -16.64 -2.51 35.88
C PHE A 79 -17.43 -1.21 35.78
N GLN A 80 -18.37 -0.89 36.68
CA GLN A 80 -19.18 0.30 36.46
C GLN A 80 -18.31 1.52 36.51
N ASN A 81 -18.49 2.44 35.56
CA ASN A 81 -17.74 3.70 35.49
C ASN A 81 -16.24 3.51 35.29
N GLU A 82 -15.84 2.33 34.81
CA GLU A 82 -14.44 2.06 34.62
C GLU A 82 -13.90 2.69 33.34
N THR A 83 -12.58 2.76 33.17
CA THR A 83 -11.95 3.41 32.01
C THR A 83 -10.72 2.65 31.60
N TRP A 84 -10.20 2.84 30.39
CA TRP A 84 -9.08 2.04 29.91
C TRP A 84 -8.39 2.67 28.71
N ASP A 85 -7.15 2.31 28.47
CA ASP A 85 -6.51 2.59 27.21
C ASP A 85 -6.69 1.33 26.38
N LEU A 86 -6.59 0.16 27.00
CA LEU A 86 -6.77 -1.06 26.27
C LEU A 86 -7.64 -1.95 27.13
N PHE A 87 -8.81 -2.38 26.65
CA PHE A 87 -9.61 -3.32 27.41
C PHE A 87 -9.21 -4.69 26.89
N VAL A 88 -8.68 -5.61 27.69
CA VAL A 88 -8.34 -6.96 27.26
C VAL A 88 -9.53 -7.89 27.50
N GLU A 89 -10.12 -8.51 26.49
CA GLU A 89 -11.20 -9.46 26.63
C GLU A 89 -10.62 -10.87 26.70
N ARG A 90 -11.04 -11.70 27.66
CA ARG A 90 -10.46 -13.03 27.80
C ARG A 90 -11.32 -14.10 27.17
N SER A 91 -10.74 -15.20 26.71
CA SER A 91 -11.51 -16.22 26.01
C SER A 91 -12.52 -16.91 26.93
N LYS A 92 -12.27 -16.81 28.23
CA LYS A 92 -13.07 -17.42 29.26
C LYS A 92 -14.29 -16.64 29.67
N ALA A 93 -14.48 -15.43 29.14
CA ALA A 93 -15.58 -14.60 29.53
C ALA A 93 -16.89 -15.27 29.25
N PHE A 94 -17.89 -15.00 30.06
CA PHE A 94 -19.18 -15.62 29.86
C PHE A 94 -20.28 -14.66 30.21
N SER A 95 -21.44 -14.80 29.60
CA SER A 95 -22.56 -13.97 29.98
C SER A 95 -23.39 -14.83 30.87
N ASN A 96 -24.10 -14.19 31.78
CA ASN A 96 -24.89 -14.91 32.73
C ASN A 96 -26.05 -14.06 33.22
N CYS A 97 -26.89 -13.60 32.31
CA CYS A 97 -28.08 -12.85 32.67
C CYS A 97 -29.14 -13.14 31.59
N TYR A 98 -30.15 -12.29 31.40
CA TYR A 98 -31.22 -12.54 30.43
C TYR A 98 -30.63 -12.73 29.04
N PRO A 99 -30.94 -13.75 28.25
CA PRO A 99 -30.36 -13.92 26.91
C PRO A 99 -30.71 -12.75 25.97
N TYR A 100 -29.69 -12.17 25.36
CA TYR A 100 -29.86 -10.98 24.52
C TYR A 100 -29.08 -11.14 23.24
N ASP A 101 -29.32 -10.35 22.23
CA ASP A 101 -28.48 -10.35 21.05
C ASP A 101 -28.33 -8.90 20.64
N VAL A 102 -27.23 -8.54 20.00
CA VAL A 102 -27.03 -7.14 19.65
C VAL A 102 -26.92 -7.13 18.12
N PRO A 103 -27.91 -6.61 17.36
CA PRO A 103 -27.89 -6.55 15.91
C PRO A 103 -26.55 -6.15 15.31
N ASP A 104 -25.93 -5.02 15.63
CA ASP A 104 -24.61 -4.83 15.08
C ASP A 104 -23.63 -4.85 16.23
N TYR A 105 -23.48 -6.01 16.87
CA TYR A 105 -22.61 -6.19 18.00
C TYR A 105 -21.23 -5.60 17.72
N ALA A 106 -20.75 -5.83 16.52
CA ALA A 106 -19.46 -5.36 16.15
C ALA A 106 -19.31 -3.85 16.17
N SER A 107 -20.30 -3.08 15.75
CA SER A 107 -20.12 -1.67 15.89
C SER A 107 -20.29 -1.22 17.30
N LEU A 108 -21.22 -1.73 18.11
CA LEU A 108 -21.34 -1.29 19.49
C LEU A 108 -20.05 -1.63 20.26
N ARG A 109 -19.48 -2.84 20.13
CA ARG A 109 -18.23 -3.16 20.81
C ARG A 109 -17.16 -2.18 20.39
N SER A 110 -17.09 -1.75 19.13
CA SER A 110 -16.06 -0.84 18.63
C SER A 110 -16.19 0.54 19.24
N LEU A 111 -17.39 1.07 19.05
CA LEU A 111 -17.77 2.39 19.43
C LEU A 111 -17.55 2.62 20.92
N VAL A 112 -17.86 1.63 21.77
CA VAL A 112 -17.58 1.76 23.18
C VAL A 112 -16.09 1.60 23.41
N ALA A 113 -15.48 0.58 22.79
CA ALA A 113 -14.07 0.28 22.96
C ALA A 113 -13.19 1.48 22.74
N SER A 114 -13.40 2.28 21.72
CA SER A 114 -12.53 3.41 21.58
C SER A 114 -12.98 4.66 22.33
N SER A 115 -14.21 4.69 22.85
CA SER A 115 -14.61 5.80 23.69
C SER A 115 -13.79 5.67 24.94
N GLY A 116 -13.65 4.45 25.44
CA GLY A 116 -12.76 4.22 26.57
C GLY A 116 -13.34 4.55 27.93
N THR A 117 -14.66 4.65 28.09
CA THR A 117 -15.19 4.94 29.39
C THR A 117 -16.56 4.30 29.51
N LEU A 118 -16.86 3.82 30.70
CA LEU A 118 -18.16 3.27 30.98
C LEU A 118 -18.92 4.16 31.97
N GLU A 119 -18.47 5.43 32.10
CA GLU A 119 -19.12 6.41 32.97
C GLU A 119 -20.58 6.55 32.62
N PHE A 120 -21.43 6.26 33.59
CA PHE A 120 -22.84 6.27 33.40
C PHE A 120 -23.46 7.31 34.27
N ILE A 121 -24.37 8.06 33.69
CA ILE A 121 -25.11 9.09 34.38
C ILE A 121 -26.56 8.65 34.41
N THR A 122 -27.23 8.61 35.56
CA THR A 122 -28.59 8.17 35.56
C THR A 122 -29.44 9.39 35.32
N GLU A 123 -30.49 9.29 34.53
CA GLU A 123 -31.32 10.43 34.31
C GLU A 123 -32.70 10.09 34.80
N GLY A 124 -33.47 11.12 35.09
CA GLY A 124 -34.76 10.91 35.70
C GLY A 124 -35.86 10.65 34.71
N PHE A 125 -35.87 9.50 34.04
CA PHE A 125 -36.96 9.20 33.13
C PHE A 125 -38.20 8.91 33.97
N THR A 126 -39.39 9.41 33.63
CA THR A 126 -40.54 9.06 34.44
C THR A 126 -41.44 8.17 33.62
N TRP A 127 -41.60 6.91 34.03
CA TRP A 127 -42.43 6.02 33.25
C TRP A 127 -43.80 5.94 33.88
N THR A 128 -44.81 6.70 33.45
CA THR A 128 -46.11 6.63 34.12
C THR A 128 -47.04 5.56 33.58
N GLY A 129 -47.51 4.70 34.46
CA GLY A 129 -48.51 3.73 34.04
C GLY A 129 -47.96 2.36 33.76
N VAL A 130 -46.67 2.14 34.03
CA VAL A 130 -46.07 0.84 33.84
C VAL A 130 -45.34 0.47 35.11
N THR A 131 -45.07 -0.80 35.27
CA THR A 131 -44.28 -1.30 36.38
C THR A 131 -42.82 -1.32 35.96
N GLN A 132 -41.98 -0.65 36.76
CA GLN A 132 -40.54 -0.57 36.51
C GLN A 132 -39.78 -1.70 37.13
N ASN A 133 -38.48 -1.76 36.84
CA ASN A 133 -37.53 -2.63 37.51
C ASN A 133 -37.76 -4.11 37.39
N GLY A 134 -38.40 -4.57 36.33
CA GLY A 134 -38.56 -5.99 36.13
C GLY A 134 -37.22 -6.70 36.06
N GLY A 135 -37.18 -7.93 36.53
CA GLY A 135 -35.96 -8.71 36.53
C GLY A 135 -36.33 -10.14 36.21
N SER A 136 -35.37 -11.03 36.25
CA SER A 136 -35.57 -12.38 35.86
C SER A 136 -34.68 -13.22 36.71
N ASN A 137 -35.05 -14.47 36.82
CA ASN A 137 -34.26 -15.38 37.57
C ASN A 137 -33.08 -15.84 36.79
N ALA A 138 -33.05 -15.62 35.46
CA ALA A 138 -31.86 -15.96 34.71
C ALA A 138 -30.78 -14.91 34.90
N CYS A 139 -31.09 -13.81 35.56
CA CYS A 139 -30.13 -12.75 35.80
C CYS A 139 -30.12 -12.45 37.27
N LYS A 140 -29.70 -13.45 38.05
CA LYS A 140 -29.74 -13.38 39.51
C LYS A 140 -28.90 -12.23 40.04
N ARG A 141 -29.46 -11.29 40.77
CA ARG A 141 -28.59 -10.34 41.43
C ARG A 141 -28.74 -10.69 42.89
N GLY A 142 -27.65 -11.29 43.36
CA GLY A 142 -27.59 -11.84 44.70
C GLY A 142 -28.52 -13.07 44.81
N PRO A 143 -29.37 -13.15 45.82
CA PRO A 143 -30.31 -14.26 45.98
C PRO A 143 -31.50 -14.11 45.02
N GLY A 144 -31.84 -12.85 44.69
CA GLY A 144 -33.06 -12.55 43.95
C GLY A 144 -32.90 -12.59 42.46
N SER A 145 -34.00 -12.29 41.82
CA SER A 145 -34.00 -12.09 40.40
C SER A 145 -33.25 -10.79 40.16
N GLY A 146 -32.90 -10.51 38.91
CA GLY A 146 -32.26 -9.23 38.58
C GLY A 146 -32.27 -9.04 37.08
N PHE A 147 -31.58 -8.04 36.62
CA PHE A 147 -31.54 -7.71 35.22
C PHE A 147 -30.26 -6.92 35.02
N PHE A 148 -29.99 -6.39 33.85
CA PHE A 148 -28.79 -5.60 33.61
C PHE A 148 -28.85 -4.32 34.44
N SER A 149 -27.79 -3.90 35.12
CA SER A 149 -27.86 -2.71 35.93
C SER A 149 -28.19 -1.45 35.16
N ARG A 150 -27.81 -1.37 33.89
CA ARG A 150 -28.04 -0.15 33.16
C ARG A 150 -29.32 -0.10 32.33
N LEU A 151 -30.22 -1.07 32.45
CA LEU A 151 -31.43 -1.12 31.64
C LEU A 151 -32.68 -1.20 32.54
N ASN A 152 -33.91 -0.89 32.12
CA ASN A 152 -35.04 -0.90 33.04
C ASN A 152 -36.21 -1.55 32.36
N TRP A 153 -36.58 -2.78 32.78
CA TRP A 153 -37.60 -3.56 32.09
C TRP A 153 -39.00 -3.15 32.54
N LEU A 154 -39.76 -2.57 31.63
CA LEU A 154 -41.10 -2.09 31.95
C LEU A 154 -42.12 -3.14 31.49
N THR A 155 -43.07 -3.36 32.37
CA THR A 155 -44.19 -4.27 32.15
C THR A 155 -45.47 -3.54 32.57
N LYS A 156 -46.66 -4.11 32.31
CA LYS A 156 -47.93 -3.45 32.60
C LYS A 156 -48.15 -3.12 34.07
N SER A 157 -48.97 -2.10 34.30
CA SER A 157 -49.45 -1.89 35.64
C SER A 157 -50.94 -2.19 35.61
N GLY A 158 -51.28 -3.21 36.41
CA GLY A 158 -52.65 -3.69 36.49
C GLY A 158 -53.09 -4.33 35.17
N SER A 159 -53.83 -3.58 34.39
CA SER A 159 -54.37 -4.15 33.18
C SER A 159 -54.00 -3.36 31.96
N THR A 160 -53.04 -2.45 32.10
CA THR A 160 -52.74 -1.63 30.97
C THR A 160 -51.29 -1.20 30.88
N TYR A 161 -50.87 -1.12 29.63
CA TYR A 161 -49.57 -0.60 29.31
C TYR A 161 -49.95 0.56 28.40
N PRO A 162 -49.69 1.79 28.82
CA PRO A 162 -50.00 3.00 28.07
C PRO A 162 -49.09 3.22 26.90
N VAL A 163 -49.31 4.25 26.10
CA VAL A 163 -48.30 4.58 25.12
C VAL A 163 -47.35 5.48 25.87
N LEU A 164 -46.13 5.03 26.06
CA LEU A 164 -45.13 5.83 26.71
C LEU A 164 -44.58 6.78 25.65
N ASN A 165 -44.38 8.02 26.05
CA ASN A 165 -43.87 9.03 25.13
C ASN A 165 -42.99 9.95 25.97
N VAL A 166 -41.71 9.62 26.21
CA VAL A 166 -40.88 10.45 27.07
C VAL A 166 -39.82 11.17 26.27
N THR A 167 -39.18 12.20 26.84
CA THR A 167 -38.17 12.95 26.14
C THR A 167 -37.05 13.35 27.09
N MET A 168 -35.83 13.41 26.60
CA MET A 168 -34.70 13.76 27.42
C MET A 168 -33.75 14.57 26.56
N PRO A 169 -33.64 15.87 26.83
CA PRO A 169 -32.82 16.82 26.11
C PRO A 169 -31.34 16.68 26.37
N ASN A 170 -30.53 16.92 25.35
CA ASN A 170 -29.12 16.88 25.58
C ASN A 170 -28.77 18.33 25.75
N ASN A 171 -28.64 18.74 26.99
CA ASN A 171 -28.35 20.13 27.24
C ASN A 171 -26.90 20.37 27.58
N ASP A 172 -26.14 19.30 27.66
CA ASP A 172 -24.75 19.39 27.99
C ASP A 172 -24.04 19.66 26.69
N ASN A 173 -22.75 19.69 26.75
CA ASN A 173 -21.95 20.03 25.59
C ASN A 173 -21.17 18.82 25.13
N PHE A 174 -21.68 17.62 25.33
CA PHE A 174 -20.99 16.41 24.86
C PHE A 174 -22.02 15.45 24.30
N ASP A 175 -21.60 14.44 23.54
CA ASP A 175 -22.52 13.46 23.01
C ASP A 175 -22.88 12.45 24.07
N LYS A 176 -24.12 11.96 24.02
CA LYS A 176 -24.62 11.02 24.98
C LYS A 176 -24.92 9.71 24.28
N LEU A 177 -24.42 8.58 24.75
CA LEU A 177 -24.74 7.28 24.17
C LEU A 177 -25.86 6.67 25.01
N TYR A 178 -27.04 6.35 24.44
CA TYR A 178 -28.09 5.65 25.18
C TYR A 178 -28.22 4.21 24.66
N ILE A 179 -28.08 3.21 25.52
CA ILE A 179 -28.29 1.82 25.16
C ILE A 179 -29.71 1.47 25.61
N TRP A 180 -30.56 0.96 24.73
CA TRP A 180 -31.92 0.57 25.08
C TRP A 180 -32.18 -0.78 24.44
N GLY A 181 -33.39 -1.35 24.50
CA GLY A 181 -33.61 -2.65 23.90
C GLY A 181 -35.09 -2.98 23.76
N ILE A 182 -35.39 -4.17 23.24
CA ILE A 182 -36.77 -4.57 23.04
C ILE A 182 -36.84 -6.03 23.47
N HIS A 183 -37.95 -6.47 24.08
CA HIS A 183 -38.13 -7.86 24.50
C HIS A 183 -38.94 -8.61 23.46
N HIS A 184 -38.39 -9.70 22.95
CA HIS A 184 -39.10 -10.55 22.02
C HIS A 184 -39.65 -11.68 22.85
N PRO A 185 -40.96 -11.81 23.08
CA PRO A 185 -41.57 -12.89 23.86
C PRO A 185 -41.54 -14.22 23.12
N SER A 186 -41.72 -15.33 23.82
CA SER A 186 -41.80 -16.60 23.12
C SER A 186 -43.18 -16.86 22.61
N THR A 187 -44.21 -16.46 23.38
CA THR A 187 -45.59 -16.81 23.05
C THR A 187 -46.46 -15.58 23.02
N ASN A 188 -47.54 -15.63 22.27
CA ASN A 188 -48.46 -14.52 22.24
C ASN A 188 -49.04 -14.32 23.62
N GLN A 189 -49.11 -15.42 24.35
CA GLN A 189 -49.54 -15.38 25.73
C GLN A 189 -48.57 -14.53 26.53
N GLU A 190 -47.26 -14.81 26.46
CA GLU A 190 -46.25 -14.01 27.17
C GLU A 190 -46.39 -12.53 26.83
N GLN A 191 -46.63 -12.26 25.54
CA GLN A 191 -46.78 -10.90 25.07
C GLN A 191 -47.89 -10.21 25.81
N THR A 192 -49.07 -10.81 25.83
CA THR A 192 -50.22 -10.15 26.43
C THR A 192 -50.15 -10.11 27.94
N SER A 193 -49.59 -11.15 28.55
CA SER A 193 -49.36 -11.18 29.97
C SER A 193 -48.53 -10.01 30.42
N LEU A 194 -47.40 -9.76 29.75
CA LEU A 194 -46.51 -8.69 30.15
C LEU A 194 -46.91 -7.32 29.64
N TYR A 195 -47.20 -7.19 28.35
CA TYR A 195 -47.37 -5.88 27.74
C TYR A 195 -48.80 -5.55 27.31
N VAL A 196 -49.76 -6.45 27.56
CA VAL A 196 -51.17 -6.31 27.23
C VAL A 196 -51.42 -6.30 25.73
N GLN A 197 -50.93 -5.27 25.01
CA GLN A 197 -51.05 -5.18 23.57
C GLN A 197 -50.51 -6.46 22.95
N ALA A 198 -51.18 -7.00 21.93
CA ALA A 198 -50.65 -8.20 21.30
C ALA A 198 -49.49 -7.94 20.34
N SER A 199 -49.12 -6.68 20.11
CA SER A 199 -48.01 -6.36 19.25
C SER A 199 -47.38 -5.08 19.80
N GLY A 200 -46.16 -5.21 20.29
CA GLY A 200 -45.45 -4.06 20.82
C GLY A 200 -44.80 -3.25 19.73
N ARG A 201 -44.12 -2.18 20.11
CA ARG A 201 -43.46 -1.29 19.18
C ARG A 201 -42.54 -0.38 19.98
N VAL A 202 -41.32 -0.10 19.54
CA VAL A 202 -40.47 0.84 20.21
C VAL A 202 -39.95 1.76 19.12
N THR A 203 -40.06 3.07 19.28
CA THR A 203 -39.51 4.03 18.33
C THR A 203 -38.59 4.96 19.12
N VAL A 204 -37.28 5.00 18.89
CA VAL A 204 -36.43 5.94 19.60
C VAL A 204 -35.91 6.92 18.56
N SER A 205 -36.01 8.22 18.81
CA SER A 205 -35.61 9.17 17.79
C SER A 205 -34.97 10.42 18.35
N THR A 206 -34.37 11.17 17.43
CA THR A 206 -33.81 12.47 17.74
C THR A 206 -34.28 13.40 16.63
N ARG A 207 -33.76 14.60 16.50
CA ARG A 207 -34.07 15.45 15.37
C ARG A 207 -33.46 14.88 14.12
N ARG A 208 -32.38 14.13 14.28
CA ARG A 208 -31.65 13.56 13.17
C ARG A 208 -32.00 12.14 12.77
N SER A 209 -32.52 11.29 13.65
CA SER A 209 -32.65 9.89 13.29
C SER A 209 -33.82 9.27 13.97
N GLN A 210 -34.16 8.04 13.62
CA GLN A 210 -35.24 7.31 14.28
C GLN A 210 -35.02 5.82 14.06
N GLN A 211 -35.40 4.98 15.01
CA GLN A 211 -35.37 3.54 14.83
C GLN A 211 -36.69 3.10 15.37
N THR A 212 -37.44 2.31 14.61
CA THR A 212 -38.64 1.71 15.17
C THR A 212 -38.41 0.24 15.02
N ILE A 213 -38.44 -0.49 16.12
CA ILE A 213 -38.25 -1.91 16.11
C ILE A 213 -39.55 -2.49 16.60
N ILE A 214 -40.06 -3.53 15.98
CA ILE A 214 -41.22 -4.20 16.54
C ILE A 214 -40.70 -5.58 16.96
N PRO A 215 -41.18 -6.12 18.07
CA PRO A 215 -40.76 -7.42 18.59
C PRO A 215 -41.11 -8.58 17.69
N ASN A 216 -40.64 -9.79 17.98
CA ASN A 216 -40.94 -10.92 17.13
C ASN A 216 -41.20 -12.06 18.07
N ILE A 217 -42.41 -12.57 18.07
CA ILE A 217 -42.80 -13.64 18.98
C ILE A 217 -42.46 -14.99 18.39
N GLY A 218 -41.87 -15.85 19.17
CA GLY A 218 -41.54 -17.17 18.69
C GLY A 218 -40.57 -17.82 19.66
N SER A 219 -40.46 -19.14 19.65
CA SER A 219 -39.53 -19.76 20.54
C SER A 219 -38.15 -19.76 19.92
N ARG A 220 -37.18 -19.36 20.73
CA ARG A 220 -35.78 -19.54 20.38
C ARG A 220 -35.25 -20.67 21.25
N PRO A 221 -33.97 -21.08 21.20
CA PRO A 221 -33.46 -22.13 22.05
C PRO A 221 -33.38 -21.70 23.50
N TRP A 222 -33.68 -22.63 24.38
CA TRP A 222 -33.58 -22.48 25.81
C TRP A 222 -32.17 -22.03 26.14
N VAL A 223 -32.07 -20.86 26.74
CA VAL A 223 -30.82 -20.34 27.25
C VAL A 223 -31.16 -19.80 28.64
N ARG A 224 -30.50 -20.37 29.64
CA ARG A 224 -30.75 -20.09 31.05
C ARG A 224 -32.23 -20.10 31.44
N GLY A 225 -32.94 -21.13 30.99
CA GLY A 225 -34.35 -21.27 31.30
C GLY A 225 -35.25 -20.48 30.39
N LEU A 226 -34.73 -19.69 29.45
CA LEU A 226 -35.59 -18.86 28.64
C LEU A 226 -35.55 -19.09 27.12
N SER A 227 -36.70 -18.89 26.46
CA SER A 227 -36.79 -18.91 25.00
C SER A 227 -37.03 -17.53 24.44
N SER A 228 -37.22 -16.54 25.31
CA SER A 228 -37.40 -15.18 24.89
C SER A 228 -36.01 -14.61 24.66
N ARG A 229 -35.88 -13.44 24.06
CA ARG A 229 -34.59 -12.78 23.87
C ARG A 229 -34.83 -11.29 24.03
N ILE A 230 -33.80 -10.52 24.37
CA ILE A 230 -33.98 -9.09 24.22
C ILE A 230 -32.92 -8.63 23.23
N SER A 231 -33.17 -7.72 22.30
CA SER A 231 -32.15 -7.30 21.35
C SER A 231 -31.72 -5.91 21.79
N ILE A 232 -30.41 -5.61 21.78
CA ILE A 232 -29.90 -4.32 22.25
C ILE A 232 -29.68 -3.33 21.10
N TYR A 233 -30.01 -2.06 21.28
CA TYR A 233 -29.83 -1.02 20.30
C TYR A 233 -29.13 0.17 20.93
N TRP A 234 -28.70 1.19 20.20
CA TRP A 234 -28.02 2.33 20.79
C TRP A 234 -28.40 3.57 20.04
N THR A 235 -28.38 4.73 20.65
CA THR A 235 -28.69 5.99 19.98
C THR A 235 -27.72 6.99 20.53
N ILE A 236 -27.04 7.77 19.70
CA ILE A 236 -26.16 8.79 20.23
C ILE A 236 -26.93 10.07 20.13
N VAL A 237 -26.93 10.93 21.14
CA VAL A 237 -27.66 12.19 21.08
C VAL A 237 -26.63 13.30 21.17
N LYS A 238 -26.62 14.14 20.15
CA LYS A 238 -25.64 15.19 20.06
C LYS A 238 -26.01 16.35 20.94
N PRO A 239 -25.13 17.29 21.33
CA PRO A 239 -25.49 18.41 22.18
C PRO A 239 -26.54 19.22 21.49
N GLY A 240 -27.54 19.62 22.25
CA GLY A 240 -28.63 20.38 21.71
C GLY A 240 -29.73 19.53 21.08
N ASP A 241 -29.53 18.23 20.88
CA ASP A 241 -30.57 17.42 20.29
C ASP A 241 -31.48 16.90 21.39
N VAL A 242 -32.42 16.04 21.08
CA VAL A 242 -33.32 15.57 22.10
C VAL A 242 -33.69 14.13 21.80
N LEU A 243 -33.79 13.30 22.82
CA LEU A 243 -34.20 11.92 22.66
C LEU A 243 -35.70 11.87 22.92
N VAL A 244 -36.48 11.17 22.09
CA VAL A 244 -37.89 10.90 22.39
C VAL A 244 -38.07 9.39 22.30
N ILE A 245 -38.55 8.73 23.37
CA ILE A 245 -38.72 7.28 23.39
C ILE A 245 -40.20 7.05 23.37
N ASN A 246 -40.72 6.37 22.38
CA ASN A 246 -42.15 6.19 22.30
C ASN A 246 -42.48 4.72 22.11
N SER A 247 -43.21 4.14 23.02
CA SER A 247 -43.47 2.75 22.92
C SER A 247 -44.84 2.45 23.44
N ASN A 248 -45.25 1.26 23.06
CA ASN A 248 -46.60 0.79 23.24
C ASN A 248 -46.55 -0.62 23.79
N GLY A 249 -45.34 -1.14 24.04
CA GLY A 249 -45.14 -2.46 24.62
C GLY A 249 -43.73 -2.93 24.33
N ASN A 250 -43.18 -3.80 25.18
CA ASN A 250 -41.88 -4.48 24.97
C ASN A 250 -40.61 -3.65 25.11
N LEU A 251 -40.69 -2.39 25.55
CA LEU A 251 -39.51 -1.54 25.70
C LEU A 251 -38.69 -2.00 26.88
N ILE A 252 -37.34 -2.07 26.72
CA ILE A 252 -36.41 -2.26 27.83
C ILE A 252 -35.76 -0.89 27.85
N ALA A 253 -36.17 -0.03 28.77
CA ALA A 253 -35.81 1.38 28.78
C ALA A 253 -34.42 1.72 29.25
N PRO A 254 -33.77 2.80 28.79
CA PRO A 254 -32.45 3.18 29.27
C PRO A 254 -32.57 3.77 30.66
N ARG A 255 -31.56 3.70 31.52
CA ARG A 255 -31.64 4.40 32.82
C ARG A 255 -30.88 5.73 32.76
N GLY A 256 -30.19 6.05 31.68
CA GLY A 256 -29.44 7.29 31.58
C GLY A 256 -28.45 7.09 30.46
N TYR A 257 -27.36 7.83 30.46
CA TYR A 257 -26.45 7.75 29.35
C TYR A 257 -25.04 7.40 29.74
N PHE A 258 -24.30 6.82 28.80
CA PHE A 258 -22.89 6.61 28.93
C PHE A 258 -22.31 7.84 28.30
N LYS A 259 -21.26 8.43 28.83
CA LYS A 259 -20.76 9.54 28.08
C LYS A 259 -19.67 9.06 27.15
N MET A 260 -19.56 9.73 26.03
CA MET A 260 -18.63 9.33 25.03
C MET A 260 -17.41 10.21 25.04
N ARG A 261 -16.26 9.64 24.74
CA ARG A 261 -15.11 10.47 24.52
C ARG A 261 -14.28 10.01 23.35
N THR A 262 -13.28 10.81 23.03
CA THR A 262 -12.43 10.62 21.88
C THR A 262 -11.04 10.40 22.43
N GLY A 263 -10.42 9.26 22.16
CA GLY A 263 -9.10 9.03 22.73
C GLY A 263 -8.42 7.93 21.99
N LYS A 264 -7.39 7.38 22.61
CA LYS A 264 -6.61 6.36 21.99
C LYS A 264 -7.01 4.98 22.46
N SER A 265 -8.23 4.81 22.96
CA SER A 265 -8.61 3.55 23.55
C SER A 265 -9.04 2.57 22.49
N SER A 266 -8.92 1.30 22.82
CA SER A 266 -9.24 0.22 21.93
C SER A 266 -9.50 -1.02 22.77
N ILE A 267 -9.78 -2.15 22.17
CA ILE A 267 -10.07 -3.38 22.89
C ILE A 267 -9.22 -4.45 22.27
N MET A 268 -8.82 -5.52 22.95
CA MET A 268 -7.95 -6.56 22.39
C MET A 268 -8.37 -7.89 22.95
N ARG A 269 -8.35 -8.96 22.17
CA ARG A 269 -8.70 -10.25 22.71
C ARG A 269 -7.38 -10.92 22.96
N SER A 270 -7.12 -11.30 24.21
CA SER A 270 -5.86 -11.92 24.56
C SER A 270 -6.01 -12.68 25.87
N ASP A 271 -5.37 -13.84 25.93
CA ASP A 271 -5.29 -14.53 27.19
C ASP A 271 -3.93 -14.35 27.85
N ALA A 272 -3.08 -13.46 27.33
CA ALA A 272 -1.81 -13.20 27.96
C ALA A 272 -1.98 -12.57 29.35
N PRO A 273 -1.13 -12.91 30.30
CA PRO A 273 -1.10 -12.42 31.67
C PRO A 273 -0.73 -10.96 31.73
N ILE A 274 -1.36 -10.13 32.54
CA ILE A 274 -0.87 -8.75 32.64
C ILE A 274 0.18 -8.75 33.75
N ASP A 275 1.23 -7.98 33.59
CA ASP A 275 2.35 -8.05 34.49
C ASP A 275 2.90 -6.66 34.67
N THR A 276 3.80 -6.44 35.60
CA THR A 276 4.25 -5.09 35.84
C THR A 276 5.55 -4.91 35.14
N CYS A 277 5.56 -4.02 34.17
CA CYS A 277 6.75 -3.71 33.39
C CYS A 277 6.36 -2.59 32.47
N ILE A 278 7.28 -1.83 31.91
CA ILE A 278 6.81 -0.78 31.03
C ILE A 278 7.16 -1.26 29.64
N SER A 279 6.21 -1.18 28.73
CA SER A 279 6.38 -1.59 27.35
C SER A 279 5.34 -0.85 26.57
N GLU A 280 5.77 -0.24 25.48
CA GLU A 280 4.87 0.55 24.67
C GLU A 280 4.00 -0.22 23.69
N CYS A 281 4.48 -1.35 23.18
CA CYS A 281 3.84 -2.09 22.13
C CYS A 281 3.14 -3.31 22.67
N ILE A 282 1.84 -3.48 22.46
CA ILE A 282 1.13 -4.64 22.96
C ILE A 282 0.58 -5.41 21.77
N THR A 283 0.71 -6.70 21.88
CA THR A 283 0.36 -7.70 20.91
C THR A 283 -0.51 -8.70 21.65
N PRO A 284 -1.48 -9.38 21.08
CA PRO A 284 -2.26 -10.35 21.82
C PRO A 284 -1.39 -11.46 22.38
N ASN A 285 -0.15 -11.64 21.89
CA ASN A 285 0.82 -12.56 22.45
C ASN A 285 1.62 -11.97 23.61
N GLY A 286 1.34 -10.76 24.07
CA GLY A 286 2.15 -10.17 25.11
C GLY A 286 2.92 -9.01 24.51
N SER A 287 3.53 -8.17 25.31
CA SER A 287 4.31 -7.06 24.82
C SER A 287 5.57 -7.51 24.08
N ILE A 288 6.03 -6.63 23.21
CA ILE A 288 7.23 -6.86 22.44
C ILE A 288 8.03 -5.56 22.40
N PRO A 289 9.35 -5.57 22.28
CA PRO A 289 10.13 -4.35 22.20
C PRO A 289 10.13 -3.74 20.82
N ASN A 290 9.91 -2.43 20.81
CA ASN A 290 9.82 -1.69 19.57
C ASN A 290 11.16 -1.05 19.22
N ASP A 291 12.26 -1.70 19.57
CA ASP A 291 13.55 -1.23 19.17
C ASP A 291 13.77 -1.57 17.68
N LYS A 292 13.36 -2.77 17.20
CA LYS A 292 13.55 -3.11 15.79
C LYS A 292 12.48 -2.45 14.90
N PRO A 293 12.66 -2.22 13.60
CA PRO A 293 11.64 -1.59 12.75
C PRO A 293 10.50 -2.49 12.31
N PHE A 294 10.69 -3.81 12.23
CA PHE A 294 9.64 -4.69 11.76
C PHE A 294 9.37 -5.75 12.78
N GLN A 295 8.19 -6.36 12.85
CA GLN A 295 7.99 -7.44 13.78
C GLN A 295 7.19 -8.50 13.11
N ASN A 296 7.27 -9.70 13.64
CA ASN A 296 6.61 -10.81 13.05
C ASN A 296 5.84 -11.58 14.13
N VAL A 297 5.60 -10.94 15.30
CA VAL A 297 4.91 -11.63 16.37
C VAL A 297 3.45 -11.70 16.05
N ASN A 298 2.74 -10.61 15.81
CA ASN A 298 1.32 -10.66 15.48
C ASN A 298 0.90 -9.40 14.73
N LYS A 299 -0.05 -9.51 13.79
CA LYS A 299 -0.53 -8.40 12.98
C LYS A 299 -1.49 -7.51 13.77
N ILE A 300 -1.88 -7.92 14.98
CA ILE A 300 -2.71 -7.11 15.87
C ILE A 300 -1.80 -6.37 16.82
N THR A 301 -1.80 -5.07 16.85
CA THR A 301 -0.97 -4.41 17.80
C THR A 301 -1.73 -3.23 18.37
N TYR A 302 -1.25 -2.67 19.51
CA TYR A 302 -1.77 -1.46 20.09
C TYR A 302 -0.55 -0.72 20.57
N GLY A 303 -0.37 0.59 20.33
CA GLY A 303 0.76 1.30 20.92
C GLY A 303 1.84 1.60 19.88
N ALA A 304 3.04 2.04 20.27
CA ALA A 304 4.14 2.32 19.34
C ALA A 304 4.84 1.02 18.95
N CYS A 305 4.46 0.40 17.85
CA CYS A 305 4.94 -0.96 17.56
C CYS A 305 5.65 -1.08 16.22
N PRO A 306 6.47 -2.10 16.00
CA PRO A 306 7.14 -2.28 14.72
C PRO A 306 6.12 -2.67 13.65
N LYS A 307 6.43 -2.49 12.36
CA LYS A 307 5.47 -2.80 11.30
C LYS A 307 5.51 -4.29 11.08
N TYR A 308 4.34 -4.96 11.17
CA TYR A 308 4.25 -6.40 10.98
C TYR A 308 4.62 -6.81 9.59
N VAL A 309 5.38 -7.89 9.47
CA VAL A 309 5.96 -8.30 8.20
C VAL A 309 5.88 -9.80 8.14
N LYS A 310 5.80 -10.36 6.94
CA LYS A 310 5.72 -11.80 6.77
C LYS A 310 7.06 -12.46 7.09
N GLN A 311 8.20 -11.84 6.80
CA GLN A 311 9.52 -12.40 7.05
C GLN A 311 9.79 -12.63 8.52
N ASN A 312 10.55 -13.63 8.95
CA ASN A 312 10.84 -13.66 10.37
C ASN A 312 12.28 -13.27 10.67
N THR A 313 13.09 -13.08 9.64
CA THR A 313 14.42 -12.56 9.88
C THR A 313 14.84 -11.70 8.72
N LEU A 314 15.40 -10.52 8.99
CA LEU A 314 15.96 -9.64 7.98
C LEU A 314 17.18 -8.96 8.60
N LYS A 315 18.36 -9.39 8.16
CA LYS A 315 19.58 -8.86 8.69
C LYS A 315 20.15 -7.74 7.88
N LEU A 316 20.47 -6.64 8.54
CA LEU A 316 21.07 -5.49 7.92
C LEU A 316 22.56 -5.58 8.13
N ALA A 317 23.37 -5.63 7.08
CA ALA A 317 24.83 -5.67 7.20
C ALA A 317 25.33 -4.45 7.92
N THR A 318 26.15 -4.62 8.95
CA THR A 318 26.73 -3.47 9.60
C THR A 318 28.26 -3.59 9.50
N GLY A 319 28.78 -4.23 8.43
CA GLY A 319 30.22 -4.32 8.25
C GLY A 319 30.53 -4.72 6.84
N MET A 320 31.80 -4.70 6.51
CA MET A 320 32.29 -5.06 5.19
C MET A 320 32.11 -6.52 4.87
N ARG A 321 32.49 -6.91 3.67
CA ARG A 321 32.44 -8.31 3.30
C ARG A 321 33.53 -9.08 4.07
N ASN A 322 33.23 -10.27 4.52
CA ASN A 322 34.19 -11.07 5.28
C ASN A 322 35.01 -11.88 4.32
N VAL A 323 36.29 -11.60 4.15
CA VAL A 323 37.14 -12.41 3.28
C VAL A 323 38.26 -12.94 4.19
N PRO A 324 38.07 -14.04 4.94
CA PRO A 324 39.05 -14.58 5.89
C PRO A 324 40.32 -15.18 5.32
N GLU A 325 41.28 -14.93 6.23
CA GLU A 325 42.73 -15.10 6.16
C GLU A 325 42.93 -16.47 6.75
N LYS A 326 42.40 -17.54 6.16
CA LYS A 326 42.25 -18.91 6.72
C LYS A 326 40.87 -18.80 7.37
N GLN A 327 40.51 -19.40 8.51
CA GLN A 327 39.30 -19.06 9.24
C GLN A 327 39.44 -19.71 10.61
N THR A 328 40.05 -19.00 11.55
CA THR A 328 40.29 -19.46 12.92
C THR A 328 40.56 -18.23 13.80
N GLY B 1 33.44 -5.29 -4.37
CA GLY B 1 32.16 -4.77 -4.81
C GLY B 1 32.48 -3.79 -5.92
N LEU B 2 31.96 -2.56 -5.93
CA LEU B 2 32.13 -1.71 -7.09
C LEU B 2 33.56 -1.27 -7.31
N PHE B 3 34.38 -1.21 -6.28
CA PHE B 3 35.71 -0.69 -6.50
C PHE B 3 36.71 -1.81 -6.63
N GLY B 4 36.35 -3.00 -6.19
CA GLY B 4 37.25 -4.13 -6.38
C GLY B 4 38.53 -4.07 -5.55
N ALA B 5 38.50 -3.39 -4.40
CA ALA B 5 39.62 -3.44 -3.48
C ALA B 5 39.35 -4.65 -2.62
N ILE B 6 38.31 -4.62 -1.76
CA ILE B 6 37.98 -5.73 -0.84
C ILE B 6 37.50 -6.86 -1.70
N ALA B 7 38.02 -8.05 -1.39
CA ALA B 7 37.73 -9.25 -2.12
C ALA B 7 38.03 -9.01 -3.59
N GLY B 8 38.99 -8.13 -3.85
CA GLY B 8 39.35 -7.74 -5.19
C GLY B 8 40.86 -7.73 -5.25
N PHE B 9 41.49 -6.58 -5.52
CA PHE B 9 42.95 -6.57 -5.62
C PHE B 9 43.61 -6.83 -4.29
N ILE B 10 42.87 -6.66 -3.18
CA ILE B 10 43.36 -7.04 -1.88
C ILE B 10 42.81 -8.43 -1.66
N GLU B 11 43.68 -9.42 -1.78
CA GLU B 11 43.30 -10.84 -1.70
C GLU B 11 42.39 -11.28 -0.59
N ASN B 12 42.66 -10.91 0.64
CA ASN B 12 41.80 -11.28 1.75
C ASN B 12 42.07 -10.40 2.94
N GLY B 13 41.20 -10.46 3.94
CA GLY B 13 41.31 -9.63 5.13
C GLY B 13 42.29 -10.22 6.11
N TRP B 14 42.60 -9.46 7.16
CA TRP B 14 43.49 -9.89 8.20
C TRP B 14 42.64 -10.18 9.38
N GLU B 15 42.51 -11.45 9.79
CA GLU B 15 41.75 -11.78 10.99
C GLU B 15 42.48 -11.25 12.21
N GLY B 16 43.79 -11.03 12.06
CA GLY B 16 44.58 -10.52 13.16
C GLY B 16 44.40 -9.03 13.47
N MET B 17 43.75 -8.25 12.60
CA MET B 17 43.69 -6.82 12.87
C MET B 17 42.51 -6.61 13.79
N ILE B 18 42.78 -6.27 15.03
CA ILE B 18 41.68 -6.22 15.98
C ILE B 18 41.39 -4.82 16.42
N ASP B 19 42.27 -3.91 16.07
CA ASP B 19 42.23 -2.55 16.54
C ASP B 19 41.59 -1.59 15.53
N GLY B 20 41.02 -2.07 14.42
CA GLY B 20 40.40 -1.18 13.45
C GLY B 20 39.98 -1.98 12.25
N TRP B 21 39.28 -1.35 11.31
CA TRP B 21 38.77 -2.05 10.15
C TRP B 21 39.73 -2.01 8.98
N TYR B 22 40.54 -0.98 8.84
CA TYR B 22 41.44 -0.89 7.71
C TYR B 22 42.79 -0.57 8.29
N GLY B 23 43.92 -0.90 7.67
CA GLY B 23 45.20 -0.60 8.28
C GLY B 23 46.36 -1.08 7.44
N PHE B 24 47.54 -0.96 8.02
CA PHE B 24 48.79 -1.23 7.36
C PHE B 24 49.58 -2.36 8.02
N ARG B 25 50.34 -3.14 7.29
CA ARG B 25 51.35 -4.03 7.84
C ARG B 25 52.59 -3.63 7.04
N HIS B 26 53.78 -3.54 7.64
CA HIS B 26 54.98 -3.14 6.97
C HIS B 26 56.05 -4.15 7.28
N GLN B 27 57.10 -4.18 6.50
CA GLN B 27 58.27 -4.96 6.83
C GLN B 27 59.41 -4.06 6.42
N ASN B 28 60.27 -3.70 7.38
CA ASN B 28 61.31 -2.71 7.20
C ASN B 28 62.59 -3.08 7.94
N SER B 29 63.51 -2.09 8.05
CA SER B 29 64.80 -2.18 8.73
C SER B 29 64.68 -2.84 10.10
N GLU B 30 63.80 -2.34 10.96
CA GLU B 30 63.65 -2.87 12.28
C GLU B 30 62.75 -4.09 12.37
N GLY B 31 62.16 -4.57 11.27
CA GLY B 31 61.28 -5.74 11.33
C GLY B 31 59.92 -5.51 10.71
N THR B 32 58.94 -6.29 11.16
CA THR B 32 57.61 -6.28 10.56
C THR B 32 56.62 -5.72 11.55
N GLY B 33 55.59 -4.99 11.16
CA GLY B 33 54.60 -4.50 12.11
C GLY B 33 53.27 -4.19 11.44
N GLN B 34 52.22 -4.05 12.22
CA GLN B 34 50.86 -3.87 11.73
C GLN B 34 50.24 -2.69 12.47
N ALA B 35 49.32 -1.93 11.92
CA ALA B 35 48.74 -0.80 12.63
C ALA B 35 47.38 -0.51 12.03
N ALA B 36 46.29 -0.36 12.79
CA ALA B 36 45.00 -0.03 12.21
C ALA B 36 45.02 1.42 11.79
N ASP B 37 44.22 1.80 10.79
CA ASP B 37 44.12 3.17 10.34
C ASP B 37 42.84 3.65 10.95
N LEU B 38 42.87 4.67 11.80
CA LEU B 38 41.65 5.03 12.49
C LEU B 38 40.75 5.98 11.77
N LYS B 39 41.27 6.76 10.82
CA LYS B 39 40.39 7.67 10.12
C LYS B 39 39.49 6.93 9.16
N SER B 40 39.97 5.96 8.38
CA SER B 40 39.09 5.28 7.48
C SER B 40 38.18 4.37 8.27
N THR B 41 38.65 3.78 9.37
CA THR B 41 37.75 2.99 10.20
C THR B 41 36.59 3.84 10.73
N GLN B 42 36.88 5.06 11.17
CA GLN B 42 35.81 5.90 11.65
C GLN B 42 34.89 6.32 10.51
N ALA B 43 35.39 6.63 9.32
CA ALA B 43 34.57 7.00 8.19
C ALA B 43 33.60 5.91 7.84
N ALA B 44 34.09 4.68 7.73
CA ALA B 44 33.23 3.55 7.46
C ALA B 44 32.22 3.38 8.57
N ILE B 45 32.66 3.36 9.85
CA ILE B 45 31.74 3.18 10.97
C ILE B 45 30.67 4.25 11.05
N ASP B 46 31.03 5.52 10.93
CA ASP B 46 30.06 6.58 11.03
C ASP B 46 29.00 6.46 9.98
N GLN B 47 29.35 6.16 8.72
CA GLN B 47 28.35 6.00 7.66
C GLN B 47 27.42 4.85 7.97
N ILE B 48 27.93 3.68 8.39
CA ILE B 48 27.03 2.58 8.74
C ILE B 48 26.17 2.95 9.95
N ASN B 49 26.64 3.72 10.93
CA ASN B 49 25.74 4.10 12.01
C ASN B 49 24.71 5.09 11.52
N GLY B 50 25.05 5.92 10.56
CA GLY B 50 24.13 6.90 10.05
C GLY B 50 22.96 6.22 9.40
N LYS B 51 23.30 5.23 8.61
CA LYS B 51 22.37 4.38 7.89
C LYS B 51 21.53 3.67 8.93
N LEU B 52 22.18 3.12 9.95
CA LEU B 52 21.48 2.37 10.96
C LEU B 52 20.44 3.18 11.71
N ASN B 53 20.78 4.39 12.11
CA ASN B 53 19.86 5.19 12.91
C ASN B 53 18.67 5.62 12.11
N ARG B 54 18.83 5.78 10.81
CA ARG B 54 17.76 6.24 9.95
C ARG B 54 16.75 5.12 9.92
N VAL B 55 17.20 3.87 9.84
CA VAL B 55 16.30 2.73 9.80
C VAL B 55 15.59 2.52 11.11
N ILE B 56 16.18 2.86 12.25
CA ILE B 56 15.49 2.67 13.52
C ILE B 56 14.71 3.94 14.00
N GLU B 57 14.73 5.00 13.18
CA GLU B 57 13.98 6.26 13.37
C GLU B 57 12.48 5.94 13.35
N LYS B 58 11.86 6.40 14.45
CA LYS B 58 10.42 6.33 14.80
C LYS B 58 9.51 5.17 14.37
N THR B 59 9.16 4.28 15.31
CA THR B 59 8.05 3.36 15.08
C THR B 59 6.84 4.26 15.23
N ASN B 60 5.93 4.33 14.28
CA ASN B 60 4.77 5.18 14.46
C ASN B 60 3.77 4.42 15.32
N GLU B 61 2.84 5.08 16.01
CA GLU B 61 1.97 4.35 16.90
C GLU B 61 0.56 4.33 16.41
N LYS B 62 -0.14 3.25 16.65
CA LYS B 62 -1.50 3.12 16.17
C LYS B 62 -2.33 2.54 17.30
N PHE B 63 -3.54 3.04 17.46
CA PHE B 63 -4.42 2.65 18.53
C PHE B 63 -5.60 1.88 18.00
N HIS B 64 -6.85 2.35 18.03
CA HIS B 64 -7.98 1.54 17.56
C HIS B 64 -7.86 1.32 16.08
N GLN B 65 -7.93 0.10 15.55
CA GLN B 65 -7.75 -0.13 14.12
C GLN B 65 -8.91 -0.95 13.62
N ILE B 66 -8.75 -2.03 12.86
CA ILE B 66 -9.89 -2.83 12.44
C ILE B 66 -9.64 -4.23 12.99
N GLU B 67 -10.66 -5.08 13.04
CA GLU B 67 -10.47 -6.43 13.51
C GLU B 67 -9.74 -7.26 12.50
N LYS B 68 -8.87 -8.13 12.96
CA LYS B 68 -8.04 -8.89 12.05
C LYS B 68 -8.17 -10.38 12.25
N GLU B 69 -9.09 -10.81 13.10
CA GLU B 69 -9.36 -12.19 13.39
C GLU B 69 -10.86 -12.25 13.64
N PHE B 70 -11.54 -13.25 13.09
CA PHE B 70 -13.00 -13.32 13.11
C PHE B 70 -13.48 -14.70 13.56
N SER B 71 -14.58 -14.88 14.29
CA SER B 71 -14.97 -16.22 14.65
C SER B 71 -16.16 -16.74 13.88
N GLU B 72 -16.92 -15.90 13.19
CA GLU B 72 -18.08 -16.33 12.45
C GLU B 72 -17.82 -16.06 10.97
N VAL B 73 -18.62 -16.63 10.08
CA VAL B 73 -18.47 -16.39 8.65
C VAL B 73 -19.46 -15.30 8.31
N GLU B 74 -19.02 -14.20 7.70
CA GLU B 74 -19.97 -13.14 7.45
C GLU B 74 -20.09 -12.75 5.99
N GLY B 75 -19.12 -12.98 5.12
CA GLY B 75 -19.30 -12.64 3.72
C GLY B 75 -18.62 -11.33 3.32
N ARG B 76 -19.32 -10.56 2.50
CA ARG B 76 -18.80 -9.36 1.88
C ARG B 76 -18.00 -8.40 2.76
N ILE B 77 -18.50 -7.92 3.90
CA ILE B 77 -17.71 -6.98 4.68
C ILE B 77 -16.47 -7.62 5.30
N GLN B 78 -16.55 -8.84 5.80
CA GLN B 78 -15.40 -9.47 6.41
C GLN B 78 -14.36 -9.80 5.33
N ASP B 79 -14.79 -10.06 4.10
CA ASP B 79 -13.86 -10.34 3.02
C ASP B 79 -12.96 -9.13 2.75
N LEU B 80 -13.58 -7.96 2.76
CA LEU B 80 -12.87 -6.73 2.57
C LEU B 80 -11.96 -6.46 3.76
N GLU B 81 -12.43 -6.61 5.01
CA GLU B 81 -11.56 -6.42 6.16
C GLU B 81 -10.32 -7.29 6.05
N LYS B 82 -10.48 -8.53 5.64
CA LYS B 82 -9.34 -9.39 5.46
C LYS B 82 -8.48 -8.92 4.31
N TYR B 83 -9.06 -8.57 3.15
CA TYR B 83 -8.28 -8.11 1.99
C TYR B 83 -7.48 -6.83 2.26
N VAL B 84 -8.05 -5.82 2.94
CA VAL B 84 -7.29 -4.64 3.30
C VAL B 84 -6.05 -5.04 4.09
N GLU B 85 -6.14 -5.90 5.09
CA GLU B 85 -4.97 -6.24 5.87
C GLU B 85 -3.99 -7.08 5.08
N ASP B 86 -4.46 -8.03 4.29
CA ASP B 86 -3.51 -8.87 3.59
C ASP B 86 -2.78 -8.05 2.56
N THR B 87 -3.44 -7.05 1.94
CA THR B 87 -2.66 -6.32 0.97
C THR B 87 -1.72 -5.35 1.71
N LYS B 88 -2.09 -4.82 2.91
CA LYS B 88 -1.18 -3.99 3.70
C LYS B 88 0.06 -4.80 4.09
N ILE B 89 -0.09 -5.99 4.66
CA ILE B 89 1.05 -6.83 5.01
C ILE B 89 1.97 -7.12 3.83
N ASP B 90 1.47 -7.59 2.69
CA ASP B 90 2.37 -7.86 1.56
C ASP B 90 3.18 -6.62 1.11
N LEU B 91 2.54 -5.43 1.14
CA LEU B 91 3.22 -4.21 0.75
C LEU B 91 4.30 -3.89 1.75
N TRP B 92 3.99 -3.93 3.07
CA TRP B 92 5.07 -3.70 4.04
C TRP B 92 6.14 -4.78 3.96
N SER B 93 5.83 -6.03 3.60
CA SER B 93 6.85 -7.04 3.51
C SER B 93 7.76 -6.80 2.32
N TYR B 94 7.17 -6.31 1.22
CA TYR B 94 7.94 -6.02 0.03
C TYR B 94 8.92 -4.93 0.39
N ASN B 95 8.44 -3.93 1.10
CA ASN B 95 9.25 -2.81 1.49
C ASN B 95 10.41 -3.24 2.31
N ALA B 96 10.18 -4.08 3.34
CA ALA B 96 11.28 -4.52 4.17
C ALA B 96 12.33 -5.30 3.37
N GLU B 97 11.88 -6.19 2.50
CA GLU B 97 12.78 -7.00 1.73
C GLU B 97 13.65 -6.15 0.82
N LEU B 98 13.05 -5.21 0.11
CA LEU B 98 13.81 -4.34 -0.78
C LEU B 98 14.73 -3.44 0.02
N LEU B 99 14.29 -2.90 1.15
CA LEU B 99 15.09 -2.00 1.94
C LEU B 99 16.35 -2.71 2.35
N VAL B 100 16.33 -3.88 3.01
CA VAL B 100 17.62 -4.44 3.42
C VAL B 100 18.45 -4.82 2.19
N ALA B 101 17.85 -5.25 1.07
CA ALA B 101 18.66 -5.55 -0.10
C ALA B 101 19.42 -4.31 -0.62
N LEU B 102 18.78 -3.16 -0.81
CA LEU B 102 19.48 -1.96 -1.26
C LEU B 102 20.53 -1.59 -0.23
N GLU B 103 20.11 -1.46 1.03
CA GLU B 103 21.00 -1.11 2.11
C GLU B 103 22.28 -1.93 2.15
N ASN B 104 22.15 -3.28 2.11
CA ASN B 104 23.28 -4.19 2.24
C ASN B 104 24.19 -4.07 1.06
N GLN B 105 23.60 -3.91 -0.11
CA GLN B 105 24.36 -3.77 -1.31
C GLN B 105 25.24 -2.55 -1.17
N HIS B 106 24.64 -1.46 -0.73
CA HIS B 106 25.36 -0.21 -0.55
C HIS B 106 26.41 -0.33 0.54
N THR B 107 26.15 -1.00 1.67
CA THR B 107 27.16 -1.13 2.71
C THR B 107 28.39 -1.87 2.19
N ILE B 108 28.22 -2.89 1.34
CA ILE B 108 29.39 -3.52 0.78
C ILE B 108 30.12 -2.55 -0.17
N ASP B 109 29.47 -1.75 -1.01
CA ASP B 109 30.26 -0.89 -1.88
C ASP B 109 30.87 0.26 -1.14
N LEU B 110 30.19 0.80 -0.13
CA LEU B 110 30.72 1.85 0.75
C LEU B 110 32.03 1.40 1.41
N THR B 111 32.07 0.22 2.03
CA THR B 111 33.28 -0.25 2.67
C THR B 111 34.35 -0.59 1.66
N ASP B 112 33.97 -1.04 0.45
CA ASP B 112 34.92 -1.30 -0.63
C ASP B 112 35.58 -0.01 -1.02
N SER B 113 34.75 1.02 -1.18
CA SER B 113 35.16 2.39 -1.42
C SER B 113 36.16 2.87 -0.37
N GLU B 114 35.87 2.83 0.94
CA GLU B 114 36.82 3.33 1.94
C GLU B 114 38.16 2.61 1.86
N MET B 115 38.16 1.30 1.59
CA MET B 115 39.42 0.59 1.42
C MET B 115 40.17 1.20 0.26
N ASN B 116 39.49 1.36 -0.87
CA ASN B 116 40.15 1.90 -2.04
C ASN B 116 40.55 3.33 -1.82
N LYS B 117 39.80 4.14 -1.11
CA LYS B 117 40.20 5.51 -0.86
C LYS B 117 41.48 5.52 -0.02
N LEU B 118 41.61 4.67 0.99
CA LEU B 118 42.82 4.62 1.79
C LEU B 118 44.00 4.26 0.92
N PHE B 119 43.82 3.30 0.02
CA PHE B 119 44.87 2.93 -0.86
C PHE B 119 45.27 4.16 -1.68
N GLU B 120 44.36 4.81 -2.37
CA GLU B 120 44.66 5.96 -3.22
C GLU B 120 45.33 7.09 -2.53
N LYS B 121 44.97 7.30 -1.28
CA LYS B 121 45.54 8.34 -0.46
C LYS B 121 47.00 8.03 -0.20
N THR B 122 47.30 6.80 0.24
CA THR B 122 48.67 6.38 0.44
C THR B 122 49.48 6.45 -0.86
N ARG B 123 48.94 6.05 -2.00
CA ARG B 123 49.61 6.14 -3.30
C ARG B 123 50.07 7.57 -3.57
N ARG B 124 49.10 8.47 -3.50
CA ARG B 124 49.33 9.88 -3.76
C ARG B 124 50.44 10.48 -2.96
N GLN B 125 50.57 10.01 -1.72
CA GLN B 125 51.52 10.52 -0.76
C GLN B 125 52.93 10.05 -1.02
N LEU B 126 53.10 8.78 -1.35
CA LEU B 126 54.41 8.25 -1.64
C LEU B 126 54.98 8.82 -2.94
N ARG B 127 54.16 9.46 -3.78
CA ARG B 127 54.60 10.06 -5.02
C ARG B 127 55.55 9.21 -5.84
N GLU B 128 56.70 9.69 -6.27
CA GLU B 128 57.54 8.93 -7.18
C GLU B 128 58.44 7.96 -6.46
N ASN B 129 58.23 7.72 -5.18
CA ASN B 129 59.18 6.94 -4.39
C ASN B 129 58.77 5.50 -4.15
N ALA B 130 57.59 5.11 -4.61
CA ALA B 130 57.15 3.76 -4.38
C ALA B 130 56.44 3.24 -5.61
N GLU B 131 56.37 1.92 -5.73
CA GLU B 131 55.63 1.34 -6.82
C GLU B 131 54.56 0.42 -6.30
N GLU B 132 53.47 0.32 -7.01
CA GLU B 132 52.40 -0.54 -6.59
C GLU B 132 52.66 -1.94 -7.03
N MET B 133 52.73 -2.85 -6.08
CA MET B 133 52.93 -4.24 -6.40
C MET B 133 51.66 -4.87 -6.91
N GLY B 134 50.53 -4.14 -6.84
CA GLY B 134 49.30 -4.59 -7.45
C GLY B 134 48.43 -5.46 -6.58
N ASN B 135 48.90 -5.81 -5.40
CA ASN B 135 48.10 -6.60 -4.47
C ASN B 135 47.82 -5.73 -3.26
N GLY B 136 47.76 -4.41 -3.44
CA GLY B 136 47.52 -3.56 -2.29
C GLY B 136 48.77 -3.32 -1.45
N CYS B 137 49.96 -3.78 -1.87
CA CYS B 137 51.20 -3.43 -1.21
C CYS B 137 52.03 -2.50 -2.08
N PHE B 138 52.64 -1.45 -1.49
CA PHE B 138 53.61 -0.64 -2.19
C PHE B 138 55.02 -1.14 -1.88
N LYS B 139 55.91 -1.12 -2.86
CA LYS B 139 57.33 -1.35 -2.67
C LYS B 139 57.94 0.03 -2.55
N ILE B 140 58.44 0.43 -1.36
CA ILE B 140 59.04 1.75 -1.15
C ILE B 140 60.51 1.68 -1.53
N TYR B 141 60.98 2.36 -2.58
CA TYR B 141 62.35 2.24 -3.04
C TYR B 141 63.35 3.15 -2.32
N HIS B 142 63.32 3.19 -1.01
CA HIS B 142 64.31 3.97 -0.28
C HIS B 142 64.33 3.41 1.13
N LYS B 143 65.40 3.64 1.90
CA LYS B 143 65.49 3.11 3.25
C LYS B 143 64.42 3.79 4.08
N CYS B 144 63.49 3.03 4.64
CA CYS B 144 62.41 3.64 5.39
C CYS B 144 62.22 2.96 6.73
N ASP B 145 62.82 3.57 7.75
CA ASP B 145 62.75 3.02 9.12
C ASP B 145 61.36 3.20 9.71
N ASN B 146 61.18 2.77 10.94
CA ASN B 146 59.88 2.82 11.56
C ASN B 146 59.30 4.21 11.70
N ALA B 147 60.11 5.26 11.82
CA ALA B 147 59.52 6.58 11.93
C ALA B 147 59.05 7.00 10.56
N CYS B 148 59.76 6.55 9.53
CA CYS B 148 59.36 6.80 8.16
C CYS B 148 58.03 6.12 7.96
N ILE B 149 57.88 4.84 8.32
CA ILE B 149 56.60 4.16 8.17
C ILE B 149 55.53 4.90 8.95
N GLU B 150 55.80 5.39 10.16
CA GLU B 150 54.82 6.12 10.91
C GLU B 150 54.45 7.43 10.24
N SER B 151 55.36 8.15 9.58
CA SER B 151 54.97 9.39 8.91
C SER B 151 54.04 9.12 7.72
N ILE B 152 54.19 7.97 7.01
CA ILE B 152 53.27 7.63 5.92
C ILE B 152 51.89 7.41 6.50
N ARG B 153 51.83 6.60 7.55
CA ARG B 153 50.58 6.29 8.21
C ARG B 153 49.92 7.53 8.78
N ASN B 154 50.61 8.36 9.57
CA ASN B 154 49.96 9.54 10.11
C ASN B 154 49.92 10.70 9.13
N GLY B 155 50.32 10.49 7.88
CA GLY B 155 50.10 11.44 6.82
C GLY B 155 51.04 12.62 6.77
N THR B 156 52.22 12.50 7.32
CA THR B 156 53.14 13.60 7.26
C THR B 156 54.36 13.27 6.37
N TYR B 157 54.35 12.18 5.59
CA TYR B 157 55.53 11.78 4.85
C TYR B 157 55.92 12.80 3.79
N ASP B 158 57.19 13.19 3.76
CA ASP B 158 57.68 14.11 2.76
C ASP B 158 58.41 13.34 1.67
N HIS B 159 57.82 13.30 0.49
CA HIS B 159 58.41 12.53 -0.57
C HIS B 159 59.72 13.17 -1.00
N ASP B 160 59.84 14.50 -0.95
CA ASP B 160 61.03 15.15 -1.44
C ASP B 160 62.27 14.71 -0.72
N VAL B 161 62.14 14.54 0.60
CA VAL B 161 63.22 14.06 1.45
C VAL B 161 63.87 12.80 0.91
N TYR B 162 63.13 11.92 0.25
CA TYR B 162 63.75 10.69 -0.25
C TYR B 162 63.70 10.58 -1.77
N ARG B 163 63.26 11.61 -2.49
CA ARG B 163 63.07 11.47 -3.91
C ARG B 163 64.33 11.06 -4.68
N ASP B 164 65.50 11.67 -4.49
CA ASP B 164 66.67 11.28 -5.29
C ASP B 164 67.12 9.88 -4.93
N GLU B 165 67.02 9.52 -3.65
CA GLU B 165 67.38 8.17 -3.22
C GLU B 165 66.49 7.15 -3.91
N ALA B 166 65.18 7.37 -3.83
CA ALA B 166 64.21 6.49 -4.43
C ALA B 166 64.32 6.46 -5.94
N LEU B 167 64.41 7.59 -6.63
CA LEU B 167 64.47 7.59 -8.07
C LEU B 167 65.70 6.86 -8.57
N ASN B 168 66.81 6.98 -7.85
CA ASN B 168 68.00 6.27 -8.22
C ASN B 168 67.80 4.77 -8.16
N ASN B 169 67.35 4.31 -6.99
CA ASN B 169 67.06 2.90 -6.69
C ASN B 169 66.05 2.28 -7.65
N ARG B 170 65.07 3.08 -8.01
CA ARG B 170 63.95 2.61 -8.78
C ARG B 170 64.21 2.56 -10.26
N PHE B 171 64.90 3.56 -10.79
CA PHE B 171 65.09 3.57 -12.22
C PHE B 171 66.49 3.11 -12.56
N GLN B 172 67.48 3.97 -12.38
CA GLN B 172 68.84 3.73 -12.84
C GLN B 172 69.27 2.28 -13.01
N ILE B 173 69.46 1.54 -11.91
CA ILE B 173 69.87 0.13 -11.93
C ILE B 173 70.78 -0.30 -13.10
N LYS B 174 70.27 -0.67 -14.28
CA LYS B 174 71.12 -1.06 -15.39
C LYS B 174 70.33 -1.11 -16.71
N GLY B 175 69.25 -0.34 -16.78
CA GLY B 175 68.43 -0.30 -17.97
C GLY B 175 67.69 1.03 -17.98
N GLN C 1 71.96 -9.92 -17.65
CA GLN C 1 70.89 -10.88 -17.50
C GLN C 1 70.88 -11.32 -18.95
N ASP C 2 69.81 -11.18 -19.72
CA ASP C 2 69.88 -11.47 -21.15
C ASP C 2 70.87 -10.56 -21.85
N LEU C 3 71.19 -10.97 -23.06
CA LEU C 3 72.18 -10.31 -23.88
C LEU C 3 71.56 -9.26 -24.81
N PRO C 4 72.33 -8.51 -25.63
CA PRO C 4 71.83 -7.50 -26.55
C PRO C 4 70.63 -7.85 -27.42
N GLY C 5 69.47 -7.38 -26.97
CA GLY C 5 68.28 -7.39 -27.79
C GLY C 5 68.49 -6.26 -28.80
N ASN C 6 69.09 -6.62 -29.94
CA ASN C 6 69.39 -5.71 -31.05
C ASN C 6 68.19 -4.81 -31.37
N ASP C 7 67.03 -5.45 -31.51
CA ASP C 7 65.82 -4.70 -31.74
C ASP C 7 65.10 -4.52 -30.42
N ASN C 8 64.57 -3.32 -30.32
CA ASN C 8 63.82 -2.83 -29.18
C ASN C 8 62.69 -2.00 -29.81
N SER C 9 61.55 -2.67 -29.76
CA SER C 9 60.29 -2.29 -30.35
C SER C 9 59.27 -2.18 -29.23
N THR C 10 58.01 -1.86 -29.56
CA THR C 10 56.97 -1.68 -28.58
C THR C 10 55.74 -2.48 -29.01
N ALA C 11 54.69 -2.55 -28.20
CA ALA C 11 53.47 -3.24 -28.56
C ALA C 11 52.30 -2.39 -28.11
N THR C 12 51.09 -2.63 -28.55
CA THR C 12 49.94 -1.90 -28.11
C THR C 12 48.91 -2.88 -27.63
N LEU C 13 48.36 -2.71 -26.43
CA LEU C 13 47.31 -3.58 -25.94
C LEU C 13 46.09 -2.70 -25.66
N CYS C 14 44.87 -3.04 -26.10
CA CYS C 14 43.74 -2.19 -25.84
C CYS C 14 42.63 -2.97 -25.21
N LEU C 15 42.04 -2.44 -24.16
CA LEU C 15 40.96 -3.13 -23.53
C LEU C 15 39.68 -2.57 -24.09
N GLY C 16 38.63 -3.36 -24.21
CA GLY C 16 37.38 -2.83 -24.69
C GLY C 16 36.29 -3.75 -24.25
N HIS C 17 35.07 -3.48 -24.69
CA HIS C 17 33.91 -4.27 -24.30
C HIS C 17 33.06 -4.53 -25.54
N HIS C 18 32.11 -5.44 -25.58
CA HIS C 18 31.32 -5.67 -26.76
C HIS C 18 30.31 -4.58 -27.03
N ALA C 19 29.58 -4.66 -28.12
CA ALA C 19 28.47 -3.78 -28.45
C ALA C 19 27.63 -4.57 -29.43
N VAL C 20 26.35 -4.33 -29.59
CA VAL C 20 25.54 -5.14 -30.49
C VAL C 20 24.95 -4.18 -31.48
N PRO C 21 24.63 -4.63 -32.68
CA PRO C 21 24.07 -3.75 -33.69
C PRO C 21 22.70 -3.24 -33.28
N ASN C 22 21.91 -4.14 -32.68
CA ASN C 22 20.53 -3.92 -32.25
C ASN C 22 20.42 -3.21 -30.91
N GLY C 23 20.24 -3.79 -29.72
CA GLY C 23 20.20 -2.93 -28.52
C GLY C 23 18.78 -2.59 -28.10
N THR C 24 18.49 -2.37 -26.82
CA THR C 24 17.14 -2.17 -26.35
C THR C 24 17.14 -0.96 -25.46
N LEU C 25 16.13 -0.12 -25.53
CA LEU C 25 16.07 1.05 -24.68
C LEU C 25 15.46 0.70 -23.35
N VAL C 26 16.04 1.14 -22.23
CA VAL C 26 15.49 0.89 -20.91
C VAL C 26 15.42 2.20 -20.15
N LYS C 27 14.64 2.27 -19.06
CA LYS C 27 14.55 3.45 -18.21
C LYS C 27 15.57 3.37 -17.09
N THR C 28 16.00 4.48 -16.53
CA THR C 28 17.05 4.57 -15.54
C THR C 28 16.59 5.57 -14.49
N ILE C 29 17.39 5.81 -13.44
CA ILE C 29 17.10 6.82 -12.45
C ILE C 29 17.28 8.15 -13.15
N THR C 30 18.34 8.31 -13.94
CA THR C 30 18.59 9.59 -14.59
C THR C 30 18.15 9.70 -16.03
N ASP C 31 17.83 8.63 -16.75
CA ASP C 31 17.41 8.72 -18.16
C ASP C 31 16.15 7.92 -18.31
N ASP C 32 15.33 8.11 -19.31
CA ASP C 32 14.19 7.23 -19.47
C ASP C 32 14.23 6.46 -20.79
N GLN C 33 15.21 6.76 -21.61
CA GLN C 33 15.53 5.86 -22.68
C GLN C 33 17.03 5.83 -22.78
N ILE C 34 17.70 4.80 -22.30
CA ILE C 34 19.11 4.71 -22.54
C ILE C 34 19.23 3.32 -23.18
N GLU C 35 20.14 3.11 -24.12
CA GLU C 35 20.20 1.87 -24.86
C GLU C 35 21.18 0.91 -24.27
N VAL C 36 20.76 -0.31 -23.97
CA VAL C 36 21.65 -1.31 -23.44
C VAL C 36 21.73 -2.47 -24.41
N THR C 37 22.77 -3.29 -24.28
CA THR C 37 23.00 -4.52 -25.01
C THR C 37 21.83 -5.46 -24.97
N ASN C 38 21.14 -5.62 -23.85
CA ASN C 38 20.06 -6.61 -23.78
C ASN C 38 19.12 -6.29 -22.63
N ALA C 39 17.91 -6.76 -22.63
CA ALA C 39 16.98 -6.49 -21.56
C ALA C 39 15.99 -7.66 -21.47
N THR C 40 15.14 -7.74 -20.46
CA THR C 40 14.18 -8.80 -20.32
C THR C 40 12.88 -8.16 -19.85
N GLU C 41 11.73 -8.66 -20.29
CA GLU C 41 10.46 -8.04 -19.99
C GLU C 41 9.91 -8.54 -18.68
N LEU C 42 9.45 -7.64 -17.81
CA LEU C 42 8.96 -8.05 -16.54
C LEU C 42 7.44 -8.00 -16.46
N VAL C 43 6.74 -7.51 -17.47
CA VAL C 43 5.29 -7.48 -17.42
C VAL C 43 4.70 -8.53 -18.35
N GLN C 44 3.95 -9.49 -17.85
CA GLN C 44 3.22 -10.46 -18.65
C GLN C 44 1.98 -9.75 -19.20
N SER C 45 1.79 -9.68 -20.51
CA SER C 45 0.67 -8.90 -21.01
C SER C 45 -0.25 -9.63 -21.95
N SER C 46 -0.17 -10.94 -22.00
CA SER C 46 -1.01 -11.68 -22.90
C SER C 46 -1.45 -12.97 -22.25
N SER C 47 -2.69 -13.35 -22.50
CA SER C 47 -3.23 -14.59 -21.99
C SER C 47 -3.21 -15.60 -23.11
N THR C 48 -3.34 -16.87 -22.72
CA THR C 48 -3.46 -17.93 -23.68
C THR C 48 -4.86 -17.80 -24.31
N GLY C 49 -5.84 -17.37 -23.52
CA GLY C 49 -7.21 -17.28 -23.99
C GLY C 49 -8.03 -18.42 -23.43
N LYS C 50 -7.40 -19.38 -22.77
CA LYS C 50 -8.12 -20.51 -22.25
C LYS C 50 -7.79 -20.72 -20.80
N ILE C 51 -8.75 -21.17 -20.01
CA ILE C 51 -8.53 -21.45 -18.61
C ILE C 51 -8.03 -22.87 -18.57
N CYS C 52 -6.79 -23.13 -18.23
CA CYS C 52 -6.30 -24.50 -18.15
C CYS C 52 -6.97 -25.22 -17.01
N ASN C 53 -7.37 -26.43 -17.25
CA ASN C 53 -8.09 -27.24 -16.28
C ASN C 53 -7.20 -27.97 -15.29
N ASN C 54 -5.98 -27.49 -15.07
CA ASN C 54 -5.02 -28.17 -14.22
C ASN C 54 -3.97 -27.16 -13.78
N PRO C 55 -3.44 -27.08 -12.56
CA PRO C 55 -3.69 -27.88 -11.39
C PRO C 55 -4.92 -27.60 -10.55
N HIS C 56 -5.68 -26.51 -10.77
CA HIS C 56 -6.77 -26.26 -9.84
C HIS C 56 -8.01 -26.99 -10.33
N ARG C 57 -9.01 -27.28 -9.50
CA ARG C 57 -10.17 -27.96 -9.96
C ARG C 57 -11.16 -26.95 -10.51
N ILE C 58 -11.24 -26.75 -11.81
CA ILE C 58 -12.17 -25.79 -12.36
C ILE C 58 -13.56 -26.41 -12.50
N LEU C 59 -14.64 -25.80 -12.02
CA LEU C 59 -15.99 -26.33 -12.21
C LEU C 59 -16.69 -25.38 -13.16
N ASP C 60 -17.06 -25.76 -14.39
CA ASP C 60 -17.68 -24.83 -15.32
C ASP C 60 -19.14 -24.82 -14.97
N GLY C 61 -19.67 -23.65 -14.69
CA GLY C 61 -21.07 -23.55 -14.25
C GLY C 61 -22.07 -23.72 -15.38
N ILE C 62 -21.59 -23.79 -16.63
CA ILE C 62 -22.39 -23.82 -17.83
C ILE C 62 -23.49 -22.77 -17.74
N ASP C 63 -24.79 -23.08 -17.68
CA ASP C 63 -25.77 -22.01 -17.64
C ASP C 63 -26.46 -21.91 -16.28
N CYS C 64 -25.69 -22.25 -15.24
CA CYS C 64 -26.09 -22.08 -13.86
C CYS C 64 -25.16 -21.11 -13.17
N THR C 65 -25.71 -20.24 -12.36
CA THR C 65 -24.89 -19.44 -11.49
C THR C 65 -24.64 -20.31 -10.26
N LEU C 66 -23.72 -19.94 -9.36
CA LEU C 66 -23.49 -20.73 -8.17
C LEU C 66 -24.73 -20.75 -7.30
N ILE C 67 -25.42 -19.64 -7.05
CA ILE C 67 -26.61 -19.64 -6.17
C ILE C 67 -27.68 -20.58 -6.75
N ASP C 68 -28.00 -20.62 -8.06
CA ASP C 68 -29.00 -21.53 -8.57
C ASP C 68 -28.55 -22.97 -8.41
N ALA C 69 -27.27 -23.27 -8.63
CA ALA C 69 -26.76 -24.61 -8.37
C ALA C 69 -26.98 -24.98 -6.89
N LEU C 70 -26.82 -23.99 -5.99
CA LEU C 70 -26.99 -24.19 -4.57
C LEU C 70 -28.44 -24.50 -4.25
N LEU C 71 -29.35 -23.62 -4.68
CA LEU C 71 -30.76 -23.77 -4.37
C LEU C 71 -31.36 -25.03 -5.00
N GLY C 72 -30.88 -25.38 -6.19
CA GLY C 72 -31.38 -26.55 -6.87
C GLY C 72 -32.44 -26.26 -7.89
N ASP C 73 -32.20 -25.21 -8.69
CA ASP C 73 -33.01 -24.94 -9.85
C ASP C 73 -32.98 -26.23 -10.65
N PRO C 74 -34.08 -26.78 -11.16
CA PRO C 74 -34.12 -28.02 -11.92
C PRO C 74 -32.99 -28.13 -12.91
N HIS C 75 -32.78 -27.06 -13.68
CA HIS C 75 -31.80 -27.16 -14.74
C HIS C 75 -30.37 -27.20 -14.24
N CYS C 76 -30.12 -26.97 -12.95
CA CYS C 76 -28.80 -27.02 -12.40
C CYS C 76 -28.63 -28.24 -11.58
N ASP C 77 -29.51 -29.25 -11.70
CA ASP C 77 -29.38 -30.42 -10.85
C ASP C 77 -28.12 -31.22 -11.09
N VAL C 78 -27.45 -30.95 -12.20
CA VAL C 78 -26.16 -31.55 -12.51
C VAL C 78 -25.13 -31.30 -11.41
N PHE C 79 -25.26 -30.19 -10.68
CA PHE C 79 -24.23 -29.79 -9.76
C PHE C 79 -24.43 -30.31 -8.35
N GLN C 80 -25.35 -31.22 -8.06
CA GLN C 80 -25.59 -31.55 -6.66
C GLN C 80 -24.36 -32.20 -6.07
N ASN C 81 -23.96 -31.79 -4.86
CA ASN C 81 -22.79 -32.36 -4.17
C ASN C 81 -21.49 -32.14 -4.90
N GLU C 82 -21.46 -31.18 -5.81
CA GLU C 82 -20.26 -30.91 -6.57
C GLU C 82 -19.22 -30.13 -5.76
N THR C 83 -17.97 -30.05 -6.21
CA THR C 83 -16.89 -29.36 -5.51
C THR C 83 -15.98 -28.66 -6.48
N TRP C 84 -15.14 -27.71 -6.04
CA TRP C 84 -14.32 -26.93 -6.96
C TRP C 84 -13.20 -26.21 -6.25
N ASP C 85 -12.16 -25.86 -6.99
CA ASP C 85 -11.20 -24.91 -6.51
C ASP C 85 -11.63 -23.57 -7.08
N LEU C 86 -12.12 -23.56 -8.32
CA LEU C 86 -12.58 -22.34 -8.91
C LEU C 86 -13.89 -22.63 -9.60
N PHE C 87 -14.98 -21.98 -9.24
CA PHE C 87 -16.22 -22.16 -9.94
C PHE C 87 -16.27 -21.06 -10.98
N VAL C 88 -16.34 -21.35 -12.28
CA VAL C 88 -16.40 -20.31 -13.31
C VAL C 88 -17.86 -20.04 -13.62
N GLU C 89 -18.41 -18.85 -13.42
CA GLU C 89 -19.78 -18.49 -13.79
C GLU C 89 -19.81 -17.86 -15.17
N ARG C 90 -20.72 -18.32 -16.04
CA ARG C 90 -20.72 -17.82 -17.41
C ARG C 90 -21.75 -16.73 -17.65
N SER C 91 -21.51 -15.81 -18.57
CA SER C 91 -22.41 -14.71 -18.75
C SER C 91 -23.79 -15.15 -19.24
N LYS C 92 -23.82 -16.35 -19.81
CA LYS C 92 -25.01 -16.93 -20.38
C LYS C 92 -25.92 -17.61 -19.40
N ALA C 93 -25.50 -17.70 -18.14
CA ALA C 93 -26.28 -18.42 -17.15
C ALA C 93 -27.66 -17.81 -17.00
N PHE C 94 -28.66 -18.63 -16.68
CA PHE C 94 -29.99 -18.10 -16.53
C PHE C 94 -30.68 -18.85 -15.42
N SER C 95 -31.63 -18.22 -14.76
CA SER C 95 -32.42 -18.92 -13.78
C SER C 95 -33.71 -19.26 -14.47
N ASN C 96 -34.33 -20.33 -14.02
CA ASN C 96 -35.52 -20.81 -14.65
C ASN C 96 -36.35 -21.62 -13.69
N CYS C 97 -36.72 -21.01 -12.58
CA CYS C 97 -37.59 -21.65 -11.61
C CYS C 97 -38.41 -20.55 -10.92
N TYR C 98 -38.95 -20.74 -9.69
CA TYR C 98 -39.78 -19.75 -9.03
C TYR C 98 -38.99 -18.48 -8.85
N PRO C 99 -39.47 -17.26 -9.19
CA PRO C 99 -38.71 -16.03 -9.03
C PRO C 99 -38.36 -15.74 -7.56
N TYR C 100 -37.09 -15.53 -7.27
CA TYR C 100 -36.59 -15.35 -5.91
C TYR C 100 -35.65 -14.17 -5.85
N ASP C 101 -35.32 -13.67 -4.69
CA ASP C 101 -34.30 -12.65 -4.57
C ASP C 101 -33.54 -12.99 -3.31
N VAL C 102 -32.28 -12.63 -3.22
CA VAL C 102 -31.49 -12.99 -2.04
C VAL C 102 -31.04 -11.67 -1.44
N PRO C 103 -31.52 -11.24 -0.28
CA PRO C 103 -31.16 -10.00 0.35
C PRO C 103 -29.67 -9.70 0.33
N ASP C 104 -28.77 -10.55 0.81
CA ASP C 104 -27.38 -10.17 0.62
C ASP C 104 -26.77 -11.20 -0.31
N TYR C 105 -27.22 -11.19 -1.56
CA TYR C 105 -26.76 -12.14 -2.56
C TYR C 105 -25.25 -12.24 -2.58
N ALA C 106 -24.61 -11.09 -2.48
CA ALA C 106 -23.17 -11.02 -2.52
C ALA C 106 -22.51 -11.76 -1.37
N SER C 107 -22.99 -11.72 -0.14
CA SER C 107 -22.34 -12.54 0.83
C SER C 107 -22.65 -13.99 0.66
N LEU C 108 -23.86 -14.41 0.32
CA LEU C 108 -24.15 -15.84 0.15
C LEU C 108 -23.32 -16.39 -1.01
N ARG C 109 -23.25 -15.72 -2.18
CA ARG C 109 -22.38 -16.20 -3.26
C ARG C 109 -20.93 -16.33 -2.79
N SER C 110 -20.40 -15.41 -1.96
CA SER C 110 -19.04 -15.45 -1.46
C SER C 110 -18.80 -16.63 -0.54
N LEU C 111 -19.65 -16.70 0.46
CA LEU C 111 -19.56 -17.66 1.54
C LEU C 111 -19.60 -19.08 1.01
N VAL C 112 -20.46 -19.34 0.00
CA VAL C 112 -20.51 -20.65 -0.62
C VAL C 112 -19.28 -20.83 -1.51
N ALA C 113 -18.96 -19.81 -2.32
CA ALA C 113 -17.85 -19.85 -3.25
C ALA C 113 -16.56 -20.25 -2.60
N SER C 114 -16.22 -19.74 -1.43
CA SER C 114 -14.97 -20.17 -0.85
C SER C 114 -15.10 -21.41 0.00
N SER C 115 -16.31 -21.84 0.37
CA SER C 115 -16.46 -23.11 1.06
C SER C 115 -16.05 -24.18 0.08
N GLY C 116 -16.49 -24.03 -1.16
CA GLY C 116 -16.05 -24.92 -2.21
C GLY C 116 -16.77 -26.25 -2.28
N THR C 117 -17.95 -26.41 -1.68
CA THR C 117 -18.62 -27.67 -1.77
C THR C 117 -20.12 -27.43 -1.71
N LEU C 118 -20.85 -28.24 -2.48
CA LEU C 118 -22.30 -28.19 -2.45
C LEU C 118 -22.86 -29.47 -1.83
N GLU C 119 -22.03 -30.22 -1.07
CA GLU C 119 -22.43 -31.42 -0.36
C GLU C 119 -23.61 -31.15 0.54
N PHE C 120 -24.71 -31.83 0.25
CA PHE C 120 -25.94 -31.62 0.98
C PHE C 120 -26.32 -32.89 1.72
N ILE C 121 -26.71 -32.70 2.95
CA ILE C 121 -27.15 -33.78 3.80
C ILE C 121 -28.62 -33.52 4.06
N THR C 122 -29.48 -34.50 3.87
CA THR C 122 -30.90 -34.25 4.13
C THR C 122 -31.14 -34.60 5.56
N GLU C 123 -31.94 -33.83 6.26
CA GLU C 123 -32.21 -34.18 7.63
C GLU C 123 -33.69 -34.38 7.76
N GLY C 124 -34.08 -35.11 8.80
CA GLY C 124 -35.46 -35.51 8.94
C GLY C 124 -36.31 -34.48 9.62
N PHE C 125 -36.57 -33.34 9.00
CA PHE C 125 -37.46 -32.37 9.63
C PHE C 125 -38.88 -32.93 9.59
N THR C 126 -39.67 -32.82 10.66
CA THR C 126 -41.03 -33.32 10.56
C THR C 126 -41.98 -32.16 10.59
N TRP C 127 -42.68 -31.91 9.50
CA TRP C 127 -43.59 -30.77 9.47
C TRP C 127 -45.01 -31.25 9.73
N THR C 128 -45.51 -31.21 10.96
CA THR C 128 -46.86 -31.73 11.19
C THR C 128 -47.97 -30.72 10.97
N GLY C 129 -48.93 -31.07 10.13
CA GLY C 129 -50.07 -30.19 9.99
C GLY C 129 -50.02 -29.31 8.77
N VAL C 130 -49.02 -29.48 7.91
CA VAL C 130 -48.91 -28.71 6.69
C VAL C 130 -48.68 -29.67 5.54
N THR C 131 -48.97 -29.22 4.33
CA THR C 131 -48.71 -29.97 3.14
C THR C 131 -47.30 -29.63 2.65
N GLN C 132 -46.48 -30.67 2.50
CA GLN C 132 -45.10 -30.54 2.03
C GLN C 132 -44.98 -30.58 0.53
N ASN C 133 -43.78 -30.34 0.04
CA ASN C 133 -43.41 -30.52 -1.35
C ASN C 133 -44.13 -29.70 -2.39
N GLY C 134 -44.63 -28.52 -2.01
CA GLY C 134 -45.26 -27.65 -2.99
C GLY C 134 -44.29 -27.30 -4.10
N GLY C 135 -44.83 -27.11 -5.30
CA GLY C 135 -44.03 -26.79 -6.46
C GLY C 135 -44.82 -25.81 -7.30
N SER C 136 -44.31 -25.46 -8.45
CA SER C 136 -44.91 -24.47 -9.28
C SER C 136 -44.62 -24.84 -10.70
N ASN C 137 -45.44 -24.33 -11.57
CA ASN C 137 -45.24 -24.56 -12.95
C ASN C 137 -44.17 -23.67 -13.51
N ALA C 138 -43.75 -22.64 -12.79
CA ALA C 138 -42.63 -21.84 -13.27
C ALA C 138 -41.31 -22.54 -12.99
N CYS C 139 -41.35 -23.66 -12.23
CA CYS C 139 -40.16 -24.40 -11.90
C CYS C 139 -40.38 -25.84 -12.31
N LYS C 140 -40.56 -26.05 -13.60
CA LYS C 140 -40.89 -27.37 -14.14
C LYS C 140 -39.83 -28.40 -13.82
N ARG C 141 -40.17 -29.47 -13.14
CA ARG C 141 -39.18 -30.52 -13.05
C ARG C 141 -39.78 -31.64 -13.88
N GLY C 142 -39.14 -31.78 -15.04
CA GLY C 142 -39.59 -32.71 -16.07
C GLY C 142 -40.89 -32.19 -16.67
N PRO C 143 -41.93 -33.01 -16.77
CA PRO C 143 -43.22 -32.59 -17.32
C PRO C 143 -44.02 -31.79 -16.29
N GLY C 144 -43.77 -32.09 -15.00
CA GLY C 144 -44.59 -31.55 -13.93
C GLY C 144 -44.11 -30.21 -13.39
N SER C 145 -44.85 -29.78 -12.40
CA SER C 145 -44.45 -28.63 -11.64
C SER C 145 -43.23 -29.06 -10.82
N GLY C 146 -42.50 -28.11 -10.23
CA GLY C 146 -41.39 -28.46 -9.35
C GLY C 146 -40.99 -27.23 -8.58
N PHE C 147 -39.88 -27.34 -7.87
CA PHE C 147 -39.39 -26.27 -7.05
C PHE C 147 -37.90 -26.51 -6.90
N PHE C 148 -37.20 -25.73 -6.09
CA PHE C 148 -35.77 -25.92 -5.89
C PHE C 148 -35.52 -27.27 -5.21
N SER C 149 -34.59 -28.12 -5.65
CA SER C 149 -34.38 -29.39 -5.01
C SER C 149 -34.04 -29.30 -3.54
N ARG C 150 -33.36 -28.24 -3.10
CA ARG C 150 -32.94 -28.20 -1.72
C ARG C 150 -33.87 -27.45 -0.77
N LEU C 151 -35.08 -27.07 -1.20
CA LEU C 151 -35.99 -26.28 -0.35
C LEU C 151 -37.34 -27.00 -0.27
N ASN C 152 -38.23 -26.73 0.69
CA ASN C 152 -39.46 -27.49 0.79
C ASN C 152 -40.61 -26.56 1.08
N TRP C 153 -41.49 -26.32 0.09
CA TRP C 153 -42.56 -25.31 0.22
C TRP C 153 -43.76 -25.87 0.98
N LEU C 154 -44.02 -25.32 2.15
CA LEU C 154 -45.10 -25.78 2.97
C LEU C 154 -46.29 -24.87 2.78
N THR C 155 -47.46 -25.50 2.65
CA THR C 155 -48.74 -24.84 2.52
C THR C 155 -49.71 -25.50 3.47
N LYS C 156 -50.92 -24.97 3.67
CA LYS C 156 -51.85 -25.53 4.65
C LYS C 156 -52.30 -26.96 4.37
N SER C 157 -52.72 -27.63 5.44
CA SER C 157 -53.38 -28.90 5.29
C SER C 157 -54.85 -28.67 5.66
N GLY C 158 -55.71 -28.85 4.67
CA GLY C 158 -57.12 -28.66 4.86
C GLY C 158 -57.44 -27.19 5.10
N SER C 159 -57.65 -26.86 6.34
CA SER C 159 -58.10 -25.53 6.67
C SER C 159 -57.17 -24.84 7.65
N THR C 160 -56.00 -25.41 7.86
CA THR C 160 -55.14 -24.90 8.90
C THR C 160 -53.67 -24.99 8.58
N TYR C 161 -52.96 -23.95 9.00
CA TYR C 161 -51.53 -23.94 8.98
C TYR C 161 -51.25 -23.71 10.44
N PRO C 162 -50.64 -24.66 11.13
CA PRO C 162 -50.31 -24.58 12.54
C PRO C 162 -49.13 -23.68 12.82
N VAL C 163 -48.76 -23.46 14.07
CA VAL C 163 -47.49 -22.79 14.30
C VAL C 163 -46.47 -23.89 14.29
N LEU C 164 -45.59 -23.89 13.30
CA LEU C 164 -44.55 -24.87 13.23
C LEU C 164 -43.46 -24.42 14.19
N ASN C 165 -42.89 -25.37 14.92
CA ASN C 165 -41.85 -25.07 15.87
C ASN C 165 -40.91 -26.24 15.89
N VAL C 166 -39.95 -26.34 14.97
CA VAL C 166 -39.09 -27.52 14.88
C VAL C 166 -37.69 -27.21 15.33
N THR C 167 -36.86 -28.20 15.60
CA THR C 167 -35.50 -27.98 16.06
C THR C 167 -34.57 -29.04 15.51
N MET C 168 -33.33 -28.68 15.22
CA MET C 168 -32.39 -29.60 14.65
C MET C 168 -31.04 -29.26 15.23
N PRO C 169 -30.51 -30.12 16.11
CA PRO C 169 -29.26 -29.97 16.82
C PRO C 169 -28.05 -30.17 15.95
N ASN C 170 -27.00 -29.41 16.21
CA ASN C 170 -25.78 -29.65 15.47
C ASN C 170 -24.97 -30.50 16.39
N ASN C 171 -24.98 -31.80 16.13
CA ASN C 171 -24.26 -32.69 17.00
C ASN C 171 -22.96 -33.14 16.42
N ASP C 172 -22.70 -32.72 15.20
CA ASP C 172 -21.49 -33.10 14.52
C ASP C 172 -20.46 -32.11 14.97
N ASN C 173 -19.29 -32.21 14.41
CA ASN C 173 -18.18 -31.38 14.81
C ASN C 173 -17.81 -30.41 13.69
N PHE C 174 -18.77 -30.00 12.87
CA PHE C 174 -18.49 -29.04 11.81
C PHE C 174 -19.66 -28.06 11.73
N ASP C 175 -19.47 -26.92 11.06
CA ASP C 175 -20.54 -25.96 10.92
C ASP C 175 -21.48 -26.39 9.83
N LYS C 176 -22.76 -26.06 10.01
CA LYS C 176 -23.78 -26.44 9.06
C LYS C 176 -24.37 -25.20 8.45
N LEU C 177 -24.46 -25.11 7.12
CA LEU C 177 -25.11 -23.98 6.48
C LEU C 177 -26.54 -24.37 6.15
N TYR C 178 -27.57 -23.66 6.64
CA TYR C 178 -28.95 -23.95 6.25
C TYR C 178 -29.48 -22.81 5.38
N ILE C 179 -29.93 -23.09 4.17
CA ILE C 179 -30.57 -22.11 3.30
C ILE C 179 -32.07 -22.29 3.47
N TRP C 180 -32.83 -21.26 3.81
CA TRP C 180 -34.27 -21.32 3.94
C TRP C 180 -34.86 -20.10 3.27
N GLY C 181 -36.17 -19.85 3.32
CA GLY C 181 -36.71 -18.68 2.63
C GLY C 181 -38.10 -18.34 3.07
N ILE C 182 -38.71 -17.32 2.49
CA ILE C 182 -40.07 -16.91 2.83
C ILE C 182 -40.78 -16.58 1.53
N HIS C 183 -42.09 -16.88 1.42
CA HIS C 183 -42.85 -16.58 0.22
C HIS C 183 -43.61 -15.28 0.42
N HIS C 184 -43.42 -14.32 -0.46
CA HIS C 184 -44.16 -13.08 -0.45
C HIS C 184 -45.26 -13.25 -1.46
N PRO C 185 -46.53 -13.34 -1.08
CA PRO C 185 -47.66 -13.50 -2.00
C PRO C 185 -47.99 -12.22 -2.76
N SER C 186 -48.72 -12.29 -3.86
CA SER C 186 -49.10 -11.09 -4.55
C SER C 186 -50.31 -10.49 -3.93
N THR C 187 -51.25 -11.31 -3.48
CA THR C 187 -52.52 -10.79 -3.03
C THR C 187 -52.83 -11.34 -1.66
N ASN C 188 -53.63 -10.62 -0.89
CA ASN C 188 -54.08 -11.11 0.41
C ASN C 188 -54.86 -12.40 0.24
N GLN C 189 -55.52 -12.54 -0.91
CA GLN C 189 -56.21 -13.77 -1.25
C GLN C 189 -55.19 -14.88 -1.37
N GLU C 190 -54.10 -14.72 -2.14
CA GLU C 190 -53.06 -15.75 -2.25
C GLU C 190 -52.55 -16.14 -0.86
N GLN C 191 -52.39 -15.14 0.01
CA GLN C 191 -51.89 -15.37 1.35
C GLN C 191 -52.80 -16.31 2.08
N THR C 192 -54.09 -16.02 2.12
CA THR C 192 -55.01 -16.84 2.89
C THR C 192 -55.28 -18.19 2.25
N SER C 193 -55.31 -18.23 0.92
CA SER C 193 -55.47 -19.48 0.21
C SER C 193 -54.37 -20.46 0.60
N LEU C 194 -53.10 -20.03 0.56
CA LEU C 194 -52.01 -20.91 0.85
C LEU C 194 -51.75 -21.09 2.33
N TYR C 195 -51.67 -20.03 3.11
CA TYR C 195 -51.16 -20.12 4.48
C TYR C 195 -52.21 -19.85 5.55
N VAL C 196 -53.47 -19.62 5.14
CA VAL C 196 -54.62 -19.35 6.02
C VAL C 196 -54.49 -18.04 6.77
N GLN C 197 -53.51 -17.91 7.68
CA GLN C 197 -53.24 -16.68 8.41
C GLN C 197 -53.08 -15.53 7.43
N ALA C 198 -53.64 -14.35 7.72
CA ALA C 198 -53.47 -13.24 6.81
C ALA C 198 -52.12 -12.55 6.90
N SER C 199 -51.26 -12.97 7.83
CA SER C 199 -49.93 -12.41 7.95
C SER C 199 -49.02 -13.50 8.46
N GLY C 200 -48.10 -13.91 7.61
CA GLY C 200 -47.15 -14.96 7.97
C GLY C 200 -46.01 -14.41 8.81
N ARG C 201 -45.07 -15.27 9.17
CA ARG C 201 -43.93 -14.90 9.99
C ARG C 201 -42.96 -16.06 10.00
N VAL C 202 -41.67 -15.86 9.88
CA VAL C 202 -40.70 -16.93 9.95
C VAL C 202 -39.65 -16.44 10.90
N THR C 203 -39.27 -17.19 11.93
CA THR C 203 -38.21 -16.81 12.85
C THR C 203 -37.23 -17.98 12.85
N VAL C 204 -35.99 -17.84 12.42
CA VAL C 204 -35.03 -18.96 12.48
C VAL C 204 -33.96 -18.53 13.45
N SER C 205 -33.59 -19.35 14.42
CA SER C 205 -32.65 -18.93 15.45
C SER C 205 -31.75 -20.03 15.93
N THR C 206 -30.74 -19.62 16.65
CA THR C 206 -29.81 -20.52 17.30
C THR C 206 -29.62 -19.95 18.69
N ARG C 207 -28.67 -20.46 19.47
CA ARG C 207 -28.36 -19.87 20.76
C ARG C 207 -27.74 -18.52 20.58
N ARG C 208 -27.09 -18.33 19.44
CA ARG C 208 -26.39 -17.10 19.14
C ARG C 208 -27.15 -16.05 18.32
N SER C 209 -28.14 -16.39 17.51
CA SER C 209 -28.69 -15.41 16.60
C SER C 209 -30.15 -15.67 16.36
N GLN C 210 -30.82 -14.78 15.65
CA GLN C 210 -32.21 -14.97 15.26
C GLN C 210 -32.50 -14.08 14.08
N GLN C 211 -33.40 -14.50 13.19
CA GLN C 211 -33.87 -13.65 12.12
C GLN C 211 -35.34 -13.86 12.14
N THR C 212 -36.13 -12.80 12.15
CA THR C 212 -37.56 -12.96 11.95
C THR C 212 -37.86 -12.14 10.73
N ILE C 213 -38.44 -12.76 9.72
CA ILE C 213 -38.78 -12.07 8.51
C ILE C 213 -40.27 -12.17 8.40
N ILE C 214 -40.97 -11.11 8.06
CA ILE C 214 -42.39 -11.25 7.81
C ILE C 214 -42.55 -10.99 6.32
N PRO C 215 -43.46 -11.68 5.62
CA PRO C 215 -43.67 -11.53 4.19
C PRO C 215 -44.22 -10.18 3.81
N ASN C 216 -44.29 -9.88 2.52
CA ASN C 216 -44.81 -8.58 2.09
C ASN C 216 -45.67 -8.83 0.91
N ILE C 217 -46.94 -8.54 1.04
CA ILE C 217 -47.89 -8.83 -0.02
C ILE C 217 -47.95 -7.68 -1.00
N GLY C 218 -47.94 -7.98 -2.29
CA GLY C 218 -48.03 -6.93 -3.28
C GLY C 218 -47.63 -7.49 -4.60
N SER C 219 -48.03 -6.87 -5.69
CA SER C 219 -47.62 -7.37 -6.99
C SER C 219 -46.22 -6.87 -7.34
N ARG C 220 -45.40 -7.80 -7.78
CA ARG C 220 -44.14 -7.44 -8.38
C ARG C 220 -44.29 -7.69 -9.88
N PRO C 221 -43.30 -7.46 -10.75
CA PRO C 221 -43.43 -7.72 -12.17
C PRO C 221 -43.54 -9.21 -12.46
N TRP C 222 -44.36 -9.53 -13.44
CA TRP C 222 -44.53 -10.87 -13.96
C TRP C 222 -43.18 -11.42 -14.37
N VAL C 223 -42.78 -12.51 -13.71
CA VAL C 223 -41.58 -13.24 -14.06
C VAL C 223 -41.99 -14.70 -14.07
N ARG C 224 -41.86 -15.33 -15.23
CA ARG C 224 -42.31 -16.70 -15.51
C ARG C 224 -43.73 -17.00 -15.02
N GLY C 225 -44.65 -16.09 -15.34
CA GLY C 225 -46.04 -16.25 -14.97
C GLY C 225 -46.36 -15.79 -13.56
N LEU C 226 -45.37 -15.36 -12.75
CA LEU C 226 -45.64 -15.02 -11.38
C LEU C 226 -45.33 -13.59 -10.94
N SER C 227 -46.14 -13.08 -10.00
CA SER C 227 -45.89 -11.79 -9.36
C SER C 227 -45.48 -11.94 -7.93
N SER C 228 -45.48 -13.17 -7.42
CA SER C 228 -45.03 -13.45 -6.09
C SER C 228 -43.51 -13.56 -6.15
N ARG C 229 -42.82 -13.64 -5.01
CA ARG C 229 -41.38 -13.79 -4.99
C ARG C 229 -41.07 -14.63 -3.79
N ILE C 230 -39.93 -15.32 -3.75
CA ILE C 230 -39.52 -15.87 -2.47
C ILE C 230 -38.16 -15.23 -2.18
N SER C 231 -37.84 -14.84 -0.95
CA SER C 231 -36.55 -14.27 -0.65
C SER C 231 -35.73 -15.32 0.08
N ILE C 232 -34.45 -15.51 -0.26
CA ILE C 232 -33.60 -16.56 0.35
C ILE C 232 -32.78 -16.03 1.52
N TYR C 233 -32.65 -16.79 2.59
CA TYR C 233 -31.86 -16.41 3.75
C TYR C 233 -30.93 -17.58 4.12
N TRP C 234 -29.99 -17.42 5.05
CA TRP C 234 -29.09 -18.51 5.41
C TRP C 234 -28.79 -18.43 6.88
N THR C 235 -28.49 -19.54 7.54
CA THR C 235 -28.17 -19.54 8.96
C THR C 235 -27.05 -20.55 9.10
N ILE C 236 -25.96 -20.22 9.77
CA ILE C 236 -24.90 -21.20 9.97
C ILE C 236 -25.08 -21.68 11.37
N VAL C 237 -24.97 -22.96 11.63
CA VAL C 237 -25.16 -23.48 12.96
C VAL C 237 -23.86 -24.13 13.33
N LYS C 238 -23.27 -23.64 14.41
CA LYS C 238 -21.98 -24.11 14.88
C LYS C 238 -22.11 -25.43 15.61
N PRO C 239 -21.06 -26.24 15.80
CA PRO C 239 -21.17 -27.52 16.50
C PRO C 239 -21.64 -27.26 17.91
N GLY C 240 -22.57 -28.07 18.34
CA GLY C 240 -23.14 -27.94 19.66
C GLY C 240 -24.29 -26.95 19.73
N ASP C 241 -24.54 -26.17 18.68
CA ASP C 241 -25.65 -25.23 18.74
C ASP C 241 -26.92 -25.93 18.26
N VAL C 242 -28.02 -25.22 18.11
CA VAL C 242 -29.24 -25.86 17.72
C VAL C 242 -30.03 -24.89 16.86
N LEU C 243 -30.67 -25.38 15.81
CA LEU C 243 -31.51 -24.56 14.97
C LEU C 243 -32.94 -24.72 15.50
N VAL C 244 -33.71 -23.63 15.62
CA VAL C 244 -35.14 -23.72 15.90
C VAL C 244 -35.84 -22.91 14.79
N ILE C 245 -36.77 -23.52 14.01
CA ILE C 245 -37.47 -22.82 12.94
C ILE C 245 -38.87 -22.67 13.45
N ASN C 246 -39.37 -21.46 13.54
CA ASN C 246 -40.70 -21.25 14.06
C ASN C 246 -41.51 -20.38 13.13
N SER C 247 -42.61 -20.89 12.60
CA SER C 247 -43.33 -20.12 11.65
C SER C 247 -44.79 -20.38 11.80
N ASN C 248 -45.51 -19.46 11.20
CA ASN C 248 -46.94 -19.37 11.34
C ASN C 248 -47.55 -19.18 9.95
N GLY C 249 -46.71 -19.20 8.90
CA GLY C 249 -47.15 -19.09 7.52
C GLY C 249 -45.98 -18.64 6.66
N ASN C 250 -46.01 -18.99 5.38
CA ASN C 250 -45.05 -18.50 4.36
C ASN C 250 -43.64 -19.06 4.43
N LEU C 251 -43.34 -20.03 5.27
CA LEU C 251 -42.00 -20.61 5.34
C LEU C 251 -41.70 -21.47 4.12
N ILE C 252 -40.51 -21.34 3.53
CA ILE C 252 -39.99 -22.23 2.51
C ILE C 252 -38.90 -22.93 3.30
N ALA C 253 -39.17 -24.15 3.78
CA ALA C 253 -38.32 -24.84 4.75
C ALA C 253 -37.07 -25.47 4.21
N PRO C 254 -35.99 -25.60 4.97
CA PRO C 254 -34.75 -26.23 4.49
C PRO C 254 -34.96 -27.74 4.43
N ARG C 255 -34.27 -28.49 3.55
CA ARG C 255 -34.38 -29.94 3.61
C ARG C 255 -33.20 -30.56 4.35
N GLY C 256 -32.22 -29.79 4.76
CA GLY C 256 -31.06 -30.32 5.44
C GLY C 256 -29.97 -29.27 5.33
N TYR C 257 -28.71 -29.67 5.42
CA TYR C 257 -27.67 -28.68 5.44
C TYR C 257 -26.62 -28.89 4.40
N PHE C 258 -25.96 -27.80 4.01
CA PHE C 258 -24.80 -27.87 3.15
C PHE C 258 -23.68 -27.92 4.13
N LYS C 259 -22.65 -28.69 3.92
CA LYS C 259 -21.60 -28.57 4.89
C LYS C 259 -20.60 -27.57 4.43
N MET C 260 -19.99 -26.90 5.39
CA MET C 260 -19.05 -25.86 5.07
C MET C 260 -17.64 -26.33 5.23
N ARG C 261 -16.74 -25.85 4.40
CA ARG C 261 -15.34 -26.07 4.65
C ARG C 261 -14.50 -24.85 4.41
N THR C 262 -13.21 -24.99 4.73
CA THR C 262 -12.26 -23.91 4.70
C THR C 262 -11.24 -24.31 3.69
N GLY C 263 -11.07 -23.57 2.62
CA GLY C 263 -10.09 -23.98 1.63
C GLY C 263 -9.70 -22.82 0.75
N LYS C 264 -9.14 -23.14 -0.39
CA LYS C 264 -8.66 -22.12 -1.29
C LYS C 264 -9.64 -21.88 -2.41
N SER C 265 -10.91 -22.19 -2.21
CA SER C 265 -11.85 -22.09 -3.29
C SER C 265 -12.36 -20.67 -3.44
N SER C 266 -12.81 -20.37 -4.63
CA SER C 266 -13.29 -19.07 -4.98
C SER C 266 -14.17 -19.20 -6.20
N ILE C 267 -14.73 -18.12 -6.72
CA ILE C 267 -15.60 -18.16 -7.87
C ILE C 267 -15.10 -17.11 -8.85
N MET C 268 -15.29 -17.24 -10.16
CA MET C 268 -14.78 -16.25 -11.12
C MET C 268 -15.78 -16.09 -12.23
N ARG C 269 -15.97 -14.90 -12.76
CA ARG C 269 -16.89 -14.75 -13.86
C ARG C 269 -16.02 -14.69 -15.09
N SER C 270 -16.21 -15.61 -16.01
CA SER C 270 -15.40 -15.64 -17.20
C SER C 270 -16.14 -16.41 -18.30
N ASP C 271 -15.98 -15.95 -19.53
CA ASP C 271 -16.47 -16.72 -20.63
C ASP C 271 -15.35 -17.44 -21.34
N ALA C 272 -14.14 -17.43 -20.79
CA ALA C 272 -13.03 -18.13 -21.41
C ALA C 272 -13.28 -19.66 -21.42
N PRO C 273 -12.87 -20.36 -22.49
CA PRO C 273 -12.98 -21.79 -22.68
C PRO C 273 -12.11 -22.54 -21.72
N ILE C 274 -12.56 -23.65 -21.13
CA ILE C 274 -11.65 -24.41 -20.29
C ILE C 274 -10.95 -25.41 -21.21
N ASP C 275 -9.68 -25.68 -20.99
CA ASP C 275 -8.91 -26.48 -21.91
C ASP C 275 -7.94 -27.31 -21.12
N THR C 276 -7.26 -28.24 -21.74
CA THR C 276 -6.42 -29.09 -20.97
C THR C 276 -5.02 -28.60 -21.11
N CYS C 277 -4.44 -28.19 -19.99
CA CYS C 277 -3.07 -27.70 -19.92
C CYS C 277 -2.79 -27.42 -18.47
N ILE C 278 -1.55 -27.32 -18.04
CA ILE C 278 -1.37 -27.03 -16.63
C ILE C 278 -0.93 -25.59 -16.58
N SER C 279 -1.55 -24.78 -15.72
CA SER C 279 -1.21 -23.39 -15.56
C SER C 279 -1.67 -23.02 -14.17
N GLU C 280 -0.79 -22.38 -13.42
CA GLU C 280 -1.12 -22.02 -12.07
C GLU C 280 -1.97 -20.76 -11.89
N CYS C 281 -1.83 -19.79 -12.78
CA CYS C 281 -2.45 -18.51 -12.64
C CYS C 281 -3.67 -18.38 -13.55
N ILE C 282 -4.85 -18.07 -13.03
CA ILE C 282 -6.04 -17.93 -13.83
C ILE C 282 -6.55 -16.52 -13.71
N THR C 283 -6.94 -16.01 -14.84
CA THR C 283 -7.39 -14.65 -15.07
C THR C 283 -8.69 -14.80 -15.79
N PRO C 284 -9.69 -13.92 -15.66
CA PRO C 284 -10.94 -14.09 -16.39
C PRO C 284 -10.70 -14.08 -17.90
N ASN C 285 -9.54 -13.61 -18.36
CA ASN C 285 -9.16 -13.69 -19.76
C ASN C 285 -8.51 -15.02 -20.13
N GLY C 286 -8.41 -15.98 -19.25
CA GLY C 286 -7.69 -17.20 -19.57
C GLY C 286 -6.43 -17.25 -18.74
N SER C 287 -5.75 -18.38 -18.67
CA SER C 287 -4.52 -18.51 -17.93
C SER C 287 -3.38 -17.68 -18.52
N ILE C 288 -2.43 -17.35 -17.66
CA ILE C 288 -1.26 -16.58 -18.06
C ILE C 288 -0.05 -17.21 -17.36
N PRO C 289 1.16 -17.13 -17.89
CA PRO C 289 2.34 -17.68 -17.23
C PRO C 289 2.90 -16.76 -16.16
N ASN C 290 3.19 -17.37 -15.01
CA ASN C 290 3.67 -16.64 -13.87
C ASN C 290 5.19 -16.68 -13.79
N ASP C 291 5.83 -16.69 -14.95
CA ASP C 291 7.28 -16.60 -14.97
C ASP C 291 7.68 -15.12 -14.72
N LYS C 292 6.98 -14.13 -15.29
CA LYS C 292 7.36 -12.73 -15.05
C LYS C 292 6.85 -12.23 -13.70
N PRO C 293 7.39 -11.18 -13.04
CA PRO C 293 6.91 -10.73 -11.75
C PRO C 293 5.65 -9.90 -11.76
N PHE C 294 5.36 -9.20 -12.84
CA PHE C 294 4.21 -8.31 -12.89
C PHE C 294 3.34 -8.70 -14.07
N GLN C 295 2.04 -8.42 -14.08
CA GLN C 295 1.23 -8.74 -15.23
C GLN C 295 0.29 -7.61 -15.43
N ASN C 296 -0.20 -7.51 -16.63
CA ASN C 296 -1.09 -6.44 -17.00
C ASN C 296 -2.31 -7.00 -17.73
N VAL C 297 -2.58 -8.31 -17.60
CA VAL C 297 -3.70 -8.90 -18.30
C VAL C 297 -4.98 -8.55 -17.56
N ASN C 298 -5.14 -8.85 -16.28
CA ASN C 298 -6.38 -8.49 -15.57
C ASN C 298 -6.10 -8.41 -14.06
N LYS C 299 -6.80 -7.51 -13.33
CA LYS C 299 -6.63 -7.34 -11.91
C LYS C 299 -7.35 -8.42 -11.11
N ILE C 300 -8.10 -9.28 -11.77
CA ILE C 300 -8.75 -10.41 -11.13
C ILE C 300 -7.89 -11.63 -11.35
N THR C 301 -7.40 -12.28 -10.32
CA THR C 301 -6.62 -13.47 -10.57
C THR C 301 -7.01 -14.50 -9.53
N TYR C 302 -6.62 -15.77 -9.77
CA TYR C 302 -6.79 -16.85 -8.83
C TYR C 302 -5.51 -17.68 -8.98
N GLY C 303 -4.84 -18.12 -7.92
CA GLY C 303 -3.67 -18.97 -8.09
C GLY C 303 -2.34 -18.25 -7.90
N ALA C 304 -1.20 -18.83 -8.27
CA ALA C 304 0.11 -18.19 -8.14
C ALA C 304 0.32 -17.25 -9.30
N CYS C 305 0.02 -15.98 -9.17
CA CYS C 305 0.01 -15.07 -10.31
C CYS C 305 0.92 -13.87 -10.16
N PRO C 306 1.33 -13.21 -11.25
CA PRO C 306 2.15 -12.00 -11.16
C PRO C 306 1.34 -10.82 -10.56
N LYS C 307 2.00 -9.80 -10.00
CA LYS C 307 1.27 -8.71 -9.38
C LYS C 307 0.79 -7.82 -10.50
N TYR C 308 -0.50 -7.55 -10.55
CA TYR C 308 -1.09 -6.67 -11.58
C TYR C 308 -0.57 -5.26 -11.48
N VAL C 309 -0.26 -4.67 -12.63
CA VAL C 309 0.38 -3.39 -12.67
C VAL C 309 -0.23 -2.60 -13.80
N LYS C 310 -0.22 -1.28 -13.71
CA LYS C 310 -0.80 -0.43 -14.74
C LYS C 310 0.08 -0.44 -15.98
N GLN C 311 1.41 -0.52 -15.85
CA GLN C 311 2.33 -0.51 -16.99
C GLN C 311 2.14 -1.68 -17.91
N ASN C 312 2.35 -1.59 -19.21
CA ASN C 312 2.27 -2.85 -19.98
C ASN C 312 3.62 -3.32 -20.42
N THR C 313 4.68 -2.54 -20.23
CA THR C 313 6.00 -3.05 -20.47
C THR C 313 6.97 -2.46 -19.46
N LEU C 314 7.86 -3.27 -18.88
CA LEU C 314 8.91 -2.82 -18.01
C LEU C 314 10.11 -3.74 -18.27
N LYS C 315 11.13 -3.18 -18.93
CA LYS C 315 12.31 -3.94 -19.29
C LYS C 315 13.45 -3.77 -18.32
N LEU C 316 13.97 -4.88 -17.85
CA LEU C 316 15.07 -4.92 -16.92
C LEU C 316 16.33 -5.10 -17.74
N ALA C 317 17.28 -4.17 -17.73
CA ALA C 317 18.54 -4.31 -18.43
C ALA C 317 19.28 -5.54 -18.00
N THR C 318 19.70 -6.39 -18.90
CA THR C 318 20.52 -7.52 -18.54
C THR C 318 21.86 -7.41 -19.26
N GLY C 319 22.34 -6.19 -19.53
CA GLY C 319 23.62 -6.03 -20.17
C GLY C 319 24.10 -4.60 -20.05
N MET C 320 25.32 -4.35 -20.45
CA MET C 320 25.94 -3.06 -20.39
C MET C 320 25.33 -2.06 -21.33
N ARG C 321 25.80 -0.83 -21.29
CA ARG C 321 25.32 0.16 -22.22
C ARG C 321 25.83 -0.17 -23.62
N ASN C 322 25.02 0.00 -24.64
CA ASN C 322 25.39 -0.30 -26.03
C ASN C 322 26.06 0.91 -26.65
N VAL C 323 27.34 0.88 -26.92
CA VAL C 323 28.01 2.01 -27.56
C VAL C 323 28.61 1.45 -28.84
N PRO C 324 27.86 1.30 -29.94
CA PRO C 324 28.34 0.70 -31.20
C PRO C 324 29.35 1.51 -32.01
N GLU C 325 30.16 0.99 -32.96
CA GLU C 325 31.13 1.88 -33.62
C GLU C 325 30.71 2.39 -34.98
N LYS C 326 29.89 1.73 -35.78
CA LYS C 326 29.53 2.31 -37.09
C LYS C 326 28.70 3.60 -36.89
N GLN C 327 28.18 4.26 -37.93
CA GLN C 327 27.23 5.37 -37.72
C GLN C 327 25.85 4.84 -37.17
N THR C 328 24.72 5.25 -37.74
CA THR C 328 23.49 4.53 -37.53
C THR C 328 23.30 3.82 -38.89
N GLY D 1 29.13 5.42 -17.06
CA GLY D 1 28.29 5.58 -15.88
C GLY D 1 29.19 6.10 -14.78
N LEU D 2 29.17 5.53 -13.57
CA LEU D 2 29.92 6.12 -12.48
C LEU D 2 31.41 6.05 -12.66
N PHE D 3 31.96 5.10 -13.40
CA PHE D 3 33.39 5.01 -13.49
C PHE D 3 33.90 5.64 -14.75
N GLY D 4 33.03 5.83 -15.74
CA GLY D 4 33.46 6.52 -16.94
C GLY D 4 34.43 5.71 -17.80
N ALA D 5 34.40 4.37 -17.74
CA ALA D 5 35.15 3.56 -18.66
C ALA D 5 34.25 3.39 -19.88
N ILE D 6 33.15 2.65 -19.76
CA ILE D 6 32.22 2.40 -20.86
C ILE D 6 31.58 3.71 -21.19
N ALA D 7 31.54 4.00 -22.49
CA ALA D 7 30.98 5.24 -23.02
C ALA D 7 31.68 6.39 -22.35
N GLY D 8 32.92 6.18 -21.94
CA GLY D 8 33.71 7.14 -21.23
C GLY D 8 35.08 7.14 -21.86
N PHE D 9 36.15 6.79 -21.13
CA PHE D 9 37.48 6.84 -21.71
C PHE D 9 37.65 5.77 -22.76
N ILE D 10 36.81 4.76 -22.76
CA ILE D 10 36.82 3.79 -23.82
C ILE D 10 35.73 4.29 -24.77
N GLU D 11 36.17 4.85 -25.90
CA GLU D 11 35.28 5.49 -26.84
C GLU D 11 34.05 4.71 -27.32
N ASN D 12 34.15 3.41 -27.64
CA ASN D 12 32.96 2.66 -28.03
C ASN D 12 33.25 1.20 -27.93
N GLY D 13 32.23 0.36 -28.02
CA GLY D 13 32.37 -1.06 -27.92
C GLY D 13 32.80 -1.68 -29.23
N TRP D 14 33.13 -2.95 -29.21
CA TRP D 14 33.51 -3.69 -30.38
C TRP D 14 32.35 -4.58 -30.74
N GLU D 15 31.66 -4.31 -31.86
CA GLU D 15 30.57 -5.19 -32.31
C GLU D 15 31.15 -6.54 -32.72
N GLY D 16 32.44 -6.56 -33.04
CA GLY D 16 33.10 -7.78 -33.43
C GLY D 16 33.45 -8.74 -32.30
N MET D 17 33.36 -8.35 -31.03
CA MET D 17 33.75 -9.27 -30.00
C MET D 17 32.56 -10.15 -29.71
N ILE D 18 32.65 -11.41 -30.09
CA ILE D 18 31.46 -12.24 -29.95
C ILE D 18 31.61 -13.29 -28.90
N ASP D 19 32.82 -13.43 -28.41
CA ASP D 19 33.17 -14.49 -27.50
C ASP D 19 33.20 -14.04 -26.04
N GLY D 20 32.79 -12.82 -25.71
CA GLY D 20 32.76 -12.38 -24.33
C GLY D 20 32.38 -10.93 -24.26
N TRP D 21 32.18 -10.39 -23.05
CA TRP D 21 31.72 -9.03 -22.92
C TRP D 21 32.87 -8.04 -22.81
N TYR D 22 34.02 -8.44 -22.28
CA TYR D 22 35.14 -7.51 -22.13
C TYR D 22 36.33 -8.22 -22.72
N GLY D 23 37.35 -7.55 -23.23
CA GLY D 23 38.47 -8.26 -23.80
C GLY D 23 39.55 -7.33 -24.31
N PHE D 24 40.51 -7.93 -24.99
CA PHE D 24 41.69 -7.27 -25.47
C PHE D 24 41.84 -7.33 -26.98
N ARG D 25 42.50 -6.35 -27.57
CA ARG D 25 42.96 -6.38 -28.94
C ARG D 25 44.38 -5.85 -28.85
N HIS D 26 45.32 -6.44 -29.54
CA HIS D 26 46.70 -6.02 -29.45
C HIS D 26 47.34 -5.96 -30.82
N GLN D 27 48.51 -5.37 -30.86
CA GLN D 27 49.34 -5.46 -32.02
C GLN D 27 50.70 -5.65 -31.41
N ASN D 28 51.41 -6.67 -31.83
CA ASN D 28 52.70 -6.90 -31.27
C ASN D 28 53.67 -7.27 -32.36
N SER D 29 54.86 -7.77 -31.99
CA SER D 29 55.90 -8.13 -32.98
C SER D 29 55.39 -9.15 -33.97
N GLU D 30 54.45 -9.95 -33.56
CA GLU D 30 53.96 -11.02 -34.39
C GLU D 30 52.69 -10.72 -35.15
N GLY D 31 52.04 -9.53 -35.10
CA GLY D 31 50.83 -9.27 -35.88
C GLY D 31 49.72 -8.65 -35.03
N THR D 32 48.43 -8.76 -35.36
CA THR D 32 47.37 -8.14 -34.58
C THR D 32 46.49 -9.22 -33.98
N GLY D 33 45.68 -8.97 -32.92
CA GLY D 33 44.79 -10.02 -32.44
C GLY D 33 43.69 -9.50 -31.53
N GLN D 34 42.61 -10.26 -31.24
CA GLN D 34 41.55 -9.89 -30.33
C GLN D 34 41.28 -11.08 -29.41
N ALA D 35 40.86 -10.96 -28.18
CA ALA D 35 40.59 -12.10 -27.31
C ALA D 35 39.61 -11.68 -26.22
N ALA D 36 38.50 -12.36 -25.95
CA ALA D 36 37.61 -11.97 -24.89
C ALA D 36 38.27 -12.29 -23.57
N ASP D 37 37.94 -11.58 -22.51
CA ASP D 37 38.45 -11.86 -21.18
C ASP D 37 37.31 -12.59 -20.50
N LEU D 38 37.52 -13.83 -20.07
CA LEU D 38 36.40 -14.55 -19.53
C LEU D 38 36.14 -14.34 -18.09
N LYS D 39 37.12 -13.90 -17.28
CA LYS D 39 36.84 -13.70 -15.88
C LYS D 39 35.96 -12.49 -15.64
N SER D 40 36.21 -11.36 -16.30
CA SER D 40 35.37 -10.22 -16.09
C SER D 40 34.04 -10.46 -16.77
N THR D 41 33.97 -11.16 -17.91
CA THR D 41 32.68 -11.46 -18.49
C THR D 41 31.85 -12.29 -17.53
N GLN D 42 32.45 -13.28 -16.86
CA GLN D 42 31.68 -14.07 -15.93
C GLN D 42 31.27 -13.25 -14.71
N ALA D 43 32.13 -12.37 -14.19
CA ALA D 43 31.77 -11.51 -13.06
C ALA D 43 30.57 -10.66 -13.35
N ALA D 44 30.60 -9.98 -14.49
CA ALA D 44 29.47 -9.17 -14.90
C ALA D 44 28.24 -10.05 -15.08
N ILE D 45 28.32 -11.18 -15.81
CA ILE D 45 27.17 -12.04 -16.02
C ILE D 45 26.60 -12.61 -14.74
N ASP D 46 27.41 -13.13 -13.82
CA ASP D 46 26.93 -13.68 -12.58
C ASP D 46 26.17 -12.68 -11.77
N GLN D 47 26.67 -11.44 -11.66
CA GLN D 47 25.96 -10.41 -10.92
C GLN D 47 24.63 -10.09 -11.53
N ILE D 48 24.55 -9.92 -12.86
CA ILE D 48 23.24 -9.69 -13.50
C ILE D 48 22.32 -10.89 -13.34
N ASN D 49 22.78 -12.13 -13.34
CA ASN D 49 21.88 -13.23 -13.09
C ASN D 49 21.42 -13.24 -11.66
N GLY D 50 22.27 -12.79 -10.75
CA GLY D 50 21.93 -12.80 -9.34
C GLY D 50 20.77 -11.87 -9.11
N LYS D 51 20.90 -10.72 -9.72
CA LYS D 51 19.92 -9.67 -9.68
C LYS D 51 18.66 -10.18 -10.29
N LEU D 52 18.80 -10.83 -11.42
CA LEU D 52 17.64 -11.34 -12.15
C LEU D 52 16.85 -12.38 -11.35
N ASN D 53 17.52 -13.32 -10.72
CA ASN D 53 16.81 -14.36 -10.02
C ASN D 53 16.07 -13.83 -8.80
N ARG D 54 16.60 -12.78 -8.19
CA ARG D 54 16.01 -12.21 -7.00
C ARG D 54 14.68 -11.62 -7.44
N VAL D 55 14.63 -10.97 -8.61
CA VAL D 55 13.40 -10.35 -9.11
C VAL D 55 12.39 -11.38 -9.52
N ILE D 56 12.76 -12.56 -9.96
CA ILE D 56 11.78 -13.56 -10.35
C ILE D 56 11.45 -14.57 -9.20
N GLU D 57 12.06 -14.36 -8.01
CA GLU D 57 11.81 -15.11 -6.78
C GLU D 57 10.34 -14.92 -6.38
N LYS D 58 9.70 -16.08 -6.19
CA LYS D 58 8.31 -16.31 -5.77
C LYS D 58 7.17 -15.33 -6.10
N THR D 59 6.30 -15.73 -7.04
CA THR D 59 5.01 -15.06 -7.19
C THR D 59 4.21 -15.57 -6.02
N ASN D 60 3.65 -14.75 -5.17
CA ASN D 60 2.89 -15.28 -4.06
C ASN D 60 1.50 -15.64 -4.59
N GLU D 61 0.75 -16.54 -3.95
CA GLU D 61 -0.52 -16.95 -4.52
C GLU D 61 -1.68 -16.48 -3.71
N LYS D 62 -2.77 -16.16 -4.36
CA LYS D 62 -3.91 -15.62 -3.68
C LYS D 62 -5.14 -16.33 -4.23
N PHE D 63 -6.08 -16.66 -3.37
CA PHE D 63 -7.26 -17.39 -3.77
C PHE D 63 -8.50 -16.53 -3.63
N HIS D 64 -9.46 -16.75 -2.70
CA HIS D 64 -10.65 -15.90 -2.67
C HIS D 64 -10.26 -14.48 -2.29
N GLN D 65 -10.66 -13.46 -3.03
CA GLN D 65 -10.27 -12.10 -2.67
C GLN D 65 -11.51 -11.24 -2.60
N ILE D 66 -11.62 -10.06 -3.22
CA ILE D 66 -12.82 -9.26 -3.15
C ILE D 66 -13.25 -9.09 -4.58
N GLU D 67 -14.48 -8.70 -4.82
CA GLU D 67 -14.91 -8.46 -6.19
C GLU D 67 -14.33 -7.19 -6.74
N LYS D 68 -13.97 -7.22 -8.02
CA LYS D 68 -13.30 -6.06 -8.61
C LYS D 68 -14.03 -5.51 -9.82
N GLU D 69 -15.20 -6.04 -10.11
CA GLU D 69 -16.03 -5.62 -11.21
C GLU D 69 -17.45 -5.77 -10.70
N PHE D 70 -18.32 -4.77 -10.96
CA PHE D 70 -19.65 -4.72 -10.38
C PHE D 70 -20.71 -4.45 -11.46
N SER D 71 -21.92 -4.96 -11.43
CA SER D 71 -22.88 -4.62 -12.48
C SER D 71 -23.97 -3.67 -12.05
N GLU D 72 -24.17 -3.42 -10.76
CA GLU D 72 -25.21 -2.54 -10.28
C GLU D 72 -24.52 -1.39 -9.56
N VAL D 73 -25.23 -0.30 -9.28
CA VAL D 73 -24.67 0.83 -8.56
C VAL D 73 -25.08 0.64 -7.12
N GLU D 74 -24.14 0.63 -6.18
CA GLU D 74 -24.53 0.36 -4.81
C GLU D 74 -24.15 1.47 -3.83
N GLY D 75 -23.15 2.31 -4.10
CA GLY D 75 -22.85 3.38 -3.17
C GLY D 75 -21.69 3.06 -2.23
N ARG D 76 -21.85 3.41 -0.95
CA ARG D 76 -20.78 3.40 0.02
C ARG D 76 -19.89 2.16 0.05
N ILE D 77 -20.44 0.94 0.15
CA ILE D 77 -19.56 -0.22 0.25
C ILE D 77 -18.83 -0.48 -1.06
N GLN D 78 -19.48 -0.33 -2.22
CA GLN D 78 -18.82 -0.60 -3.47
C GLN D 78 -17.76 0.46 -3.74
N ASP D 79 -17.94 1.69 -3.28
CA ASP D 79 -16.95 2.75 -3.43
C ASP D 79 -15.66 2.36 -2.75
N LEU D 80 -15.77 1.78 -1.55
CA LEU D 80 -14.63 1.35 -0.79
C LEU D 80 -13.98 0.17 -1.47
N GLU D 81 -14.75 -0.82 -1.93
CA GLU D 81 -14.18 -1.98 -2.65
C GLU D 81 -13.38 -1.53 -3.84
N LYS D 82 -13.90 -0.56 -4.59
CA LYS D 82 -13.14 0.01 -5.67
C LYS D 82 -11.91 0.77 -5.20
N TYR D 83 -12.01 1.66 -4.18
CA TYR D 83 -10.88 2.42 -3.67
C TYR D 83 -9.78 1.52 -3.11
N VAL D 84 -10.06 0.46 -2.35
CA VAL D 84 -9.03 -0.44 -1.88
C VAL D 84 -8.21 -0.96 -3.07
N GLU D 85 -8.85 -1.42 -4.16
CA GLU D 85 -8.13 -1.97 -5.28
C GLU D 85 -7.37 -0.93 -6.05
N ASP D 86 -7.96 0.23 -6.26
CA ASP D 86 -7.26 1.21 -7.03
C ASP D 86 -6.06 1.70 -6.26
N THR D 87 -6.14 1.80 -4.90
CA THR D 87 -4.94 2.26 -4.27
C THR D 87 -3.91 1.11 -4.23
N LYS D 88 -4.32 -0.16 -4.17
CA LYS D 88 -3.38 -1.26 -4.22
C LYS D 88 -2.65 -1.26 -5.56
N ILE D 89 -3.36 -1.20 -6.68
CA ILE D 89 -2.72 -1.14 -7.99
C ILE D 89 -1.74 0.02 -8.15
N ASP D 90 -2.09 1.29 -7.83
CA ASP D 90 -1.13 2.36 -7.97
C ASP D 90 0.16 2.11 -7.14
N LEU D 91 0.04 1.54 -5.91
CA LEU D 91 1.17 1.28 -5.08
C LEU D 91 2.01 0.22 -5.73
N TRP D 92 1.45 -0.91 -6.17
CA TRP D 92 2.26 -1.90 -6.86
C TRP D 92 2.85 -1.35 -8.17
N SER D 93 2.19 -0.43 -8.87
CA SER D 93 2.76 0.11 -10.09
C SER D 93 3.93 1.03 -9.79
N TYR D 94 3.85 1.78 -8.69
CA TYR D 94 4.92 2.66 -8.31
C TYR D 94 6.11 1.79 -8.03
N ASN D 95 5.86 0.69 -7.29
CA ASN D 95 6.93 -0.22 -6.92
C ASN D 95 7.63 -0.77 -8.13
N ALA D 96 6.89 -1.24 -9.13
CA ALA D 96 7.51 -1.80 -10.30
C ALA D 96 8.36 -0.76 -11.06
N GLU D 97 7.82 0.44 -11.21
CA GLU D 97 8.51 1.50 -11.91
C GLU D 97 9.82 1.88 -11.23
N LEU D 98 9.79 2.05 -9.90
CA LEU D 98 11.00 2.39 -9.19
C LEU D 98 11.98 1.23 -9.22
N LEU D 99 11.51 -0.03 -9.13
CA LEU D 99 12.38 -1.18 -9.07
C LEU D 99 13.17 -1.24 -10.32
N VAL D 100 12.58 -1.22 -11.52
CA VAL D 100 13.41 -1.35 -12.71
C VAL D 100 14.30 -0.13 -12.85
N ALA D 101 13.87 1.07 -12.47
CA ALA D 101 14.77 2.22 -12.57
C ALA D 101 16.02 2.05 -11.70
N LEU D 102 15.92 1.67 -10.43
CA LEU D 102 17.09 1.48 -9.60
C LEU D 102 17.94 0.37 -10.19
N GLU D 103 17.31 -0.77 -10.44
CA GLU D 103 17.98 -1.91 -10.99
C GLU D 103 18.81 -1.59 -12.22
N ASN D 104 18.19 -0.89 -13.18
CA ASN D 104 18.85 -0.61 -14.46
C ASN D 104 20.00 0.34 -14.31
N GLN D 105 19.81 1.30 -13.43
CA GLN D 105 20.84 2.27 -13.14
C GLN D 105 22.04 1.54 -12.61
N HIS D 106 21.80 0.63 -11.66
CA HIS D 106 22.87 -0.13 -11.07
C HIS D 106 23.52 -1.05 -12.09
N THR D 107 22.77 -1.71 -13.00
CA THR D 107 23.38 -2.59 -13.98
C THR D 107 24.33 -1.83 -14.88
N ILE D 108 24.02 -0.61 -15.27
CA ILE D 108 24.96 0.16 -16.05
C ILE D 108 26.17 0.52 -15.19
N ASP D 109 26.10 0.91 -13.92
CA ASP D 109 27.33 1.22 -13.20
C ASP D 109 28.12 -0.01 -12.87
N LEU D 110 27.48 -1.13 -12.58
CA LEU D 110 28.14 -2.40 -12.34
C LEU D 110 29.01 -2.81 -13.54
N THR D 111 28.45 -2.80 -14.76
CA THR D 111 29.21 -3.18 -15.94
C THR D 111 30.28 -2.15 -16.25
N ASP D 112 30.05 -0.86 -15.95
CA ASP D 112 31.06 0.20 -16.11
C ASP D 112 32.24 -0.10 -15.19
N SER D 113 31.91 -0.44 -13.95
CA SER D 113 32.84 -0.91 -12.95
C SER D 113 33.66 -2.08 -13.44
N GLU D 114 33.08 -3.22 -13.89
CA GLU D 114 33.89 -4.35 -14.33
C GLU D 114 34.83 -3.98 -15.45
N MET D 115 34.41 -3.12 -16.39
CA MET D 115 35.33 -2.65 -17.42
C MET D 115 36.51 -1.97 -16.79
N ASN D 116 36.22 -1.02 -15.89
CA ASN D 116 37.30 -0.27 -15.25
C ASN D 116 38.14 -1.15 -14.37
N LYS D 117 37.60 -2.16 -13.71
CA LYS D 117 38.41 -3.03 -12.91
C LYS D 117 39.37 -3.81 -13.80
N LEU D 118 38.92 -4.29 -14.98
CA LEU D 118 39.80 -5.02 -15.88
C LEU D 118 40.93 -4.11 -16.32
N PHE D 119 40.61 -2.86 -16.60
CA PHE D 119 41.64 -1.93 -16.98
C PHE D 119 42.64 -1.81 -15.86
N GLU D 120 42.22 -1.50 -14.64
CA GLU D 120 43.11 -1.30 -13.50
C GLU D 120 43.99 -2.48 -13.19
N LYS D 121 43.45 -3.66 -13.39
CA LYS D 121 44.17 -4.90 -13.17
C LYS D 121 45.30 -5.01 -14.17
N THR D 122 45.02 -4.81 -15.46
CA THR D 122 46.04 -4.84 -16.48
C THR D 122 47.09 -3.77 -16.22
N ARG D 123 46.71 -2.55 -15.83
CA ARG D 123 47.65 -1.48 -15.50
C ARG D 123 48.67 -1.92 -14.45
N ARG D 124 48.14 -2.36 -13.33
CA ARG D 124 48.91 -2.84 -12.21
C ARG D 124 49.95 -3.87 -12.56
N GLN D 125 49.60 -4.75 -13.49
CA GLN D 125 50.42 -5.85 -13.91
C GLN D 125 51.57 -5.42 -14.80
N LEU D 126 51.33 -4.52 -15.74
CA LEU D 126 52.36 -4.06 -16.62
C LEU D 126 53.38 -3.22 -15.87
N ARG D 127 53.07 -2.77 -14.66
CA ARG D 127 53.99 -1.99 -13.84
C ARG D 127 54.73 -0.88 -14.56
N GLU D 128 56.05 -0.75 -14.51
CA GLU D 128 56.73 0.36 -15.13
C GLU D 128 57.01 0.18 -16.61
N ASN D 129 56.43 -0.84 -17.25
CA ASN D 129 56.80 -1.19 -18.60
C ASN D 129 55.84 -0.69 -19.66
N ALA D 130 54.75 -0.05 -19.25
CA ALA D 130 53.79 0.41 -20.23
C ALA D 130 53.26 1.76 -19.82
N GLU D 131 52.71 2.48 -20.77
CA GLU D 131 52.09 3.73 -20.45
C GLU D 131 50.68 3.73 -20.94
N GLU D 132 49.83 4.46 -20.25
CA GLU D 132 48.44 4.55 -20.63
C GLU D 132 48.25 5.60 -21.70
N MET D 133 47.77 5.19 -22.87
CA MET D 133 47.51 6.14 -23.92
C MET D 133 46.25 6.93 -23.64
N GLY D 134 45.49 6.54 -22.60
CA GLY D 134 44.35 7.32 -22.15
C GLY D 134 43.05 6.99 -22.82
N ASN D 135 43.06 6.09 -23.78
CA ASN D 135 41.87 5.69 -24.51
C ASN D 135 41.63 4.24 -24.18
N GLY D 136 42.10 3.76 -23.02
CA GLY D 136 41.93 2.35 -22.71
C GLY D 136 42.96 1.47 -23.40
N CYS D 137 43.95 2.02 -24.11
CA CYS D 137 45.05 1.23 -24.66
C CYS D 137 46.33 1.53 -23.93
N PHE D 138 47.13 0.52 -23.61
CA PHE D 138 48.46 0.70 -23.09
C PHE D 138 49.49 0.61 -24.23
N LYS D 139 50.52 1.45 -24.20
CA LYS D 139 51.66 1.35 -25.09
C LYS D 139 52.69 0.54 -24.31
N ILE D 140 53.02 -0.68 -24.71
CA ILE D 140 54.00 -1.52 -24.01
C ILE D 140 55.38 -1.21 -24.57
N TYR D 141 56.29 -0.63 -23.80
CA TYR D 141 57.60 -0.21 -24.27
C TYR D 141 58.66 -1.31 -24.29
N HIS D 142 58.34 -2.49 -24.79
CA HIS D 142 59.36 -3.52 -24.92
C HIS D 142 58.85 -4.48 -25.99
N LYS D 143 59.71 -5.31 -26.59
CA LYS D 143 59.28 -6.24 -27.62
C LYS D 143 58.37 -7.26 -26.96
N CYS D 144 57.12 -7.37 -27.39
CA CYS D 144 56.20 -8.29 -26.72
C CYS D 144 55.47 -9.14 -27.75
N ASP D 145 55.98 -10.35 -27.96
CA ASP D 145 55.40 -11.27 -28.94
C ASP D 145 54.10 -11.83 -28.44
N ASN D 146 53.48 -12.71 -29.20
CA ASN D 146 52.20 -13.27 -28.87
C ASN D 146 52.16 -13.98 -27.57
N ALA D 147 53.24 -14.61 -27.15
CA ALA D 147 53.19 -15.34 -25.89
C ALA D 147 53.25 -14.34 -24.76
N CYS D 148 53.96 -13.23 -25.01
CA CYS D 148 53.99 -12.14 -24.04
C CYS D 148 52.58 -11.60 -23.92
N ILE D 149 51.87 -11.28 -25.03
CA ILE D 149 50.51 -10.77 -24.95
C ILE D 149 49.65 -11.80 -24.21
N GLU D 150 49.83 -13.09 -24.44
CA GLU D 150 49.06 -14.11 -23.75
C GLU D 150 49.32 -14.10 -22.26
N SER D 151 50.57 -13.92 -21.81
CA SER D 151 50.83 -13.90 -20.39
C SER D 151 50.19 -12.71 -19.71
N ILE D 152 50.07 -11.53 -20.36
CA ILE D 152 49.35 -10.38 -19.78
C ILE D 152 47.89 -10.74 -19.61
N ARG D 153 47.28 -11.29 -20.65
CA ARG D 153 45.89 -11.66 -20.64
C ARG D 153 45.63 -12.73 -19.61
N ASN D 154 46.36 -13.84 -19.59
CA ASN D 154 46.10 -14.88 -18.58
C ASN D 154 46.72 -14.58 -17.22
N GLY D 155 47.30 -13.38 -17.06
CA GLY D 155 47.70 -12.91 -15.75
C GLY D 155 48.99 -13.47 -15.20
N THR D 156 49.90 -13.92 -16.05
CA THR D 156 51.15 -14.41 -15.54
C THR D 156 52.31 -13.50 -15.96
N TYR D 157 52.07 -12.31 -16.50
CA TYR D 157 53.16 -11.49 -17.02
C TYR D 157 54.14 -11.06 -15.94
N ASP D 158 55.44 -11.28 -16.16
CA ASP D 158 56.45 -10.85 -15.23
C ASP D 158 57.08 -9.56 -15.71
N HIS D 159 56.83 -8.47 -14.98
CA HIS D 159 57.32 -7.19 -15.41
C HIS D 159 58.82 -7.14 -15.31
N ASP D 160 59.41 -7.84 -14.33
CA ASP D 160 60.83 -7.77 -14.14
C ASP D 160 61.62 -8.22 -15.33
N VAL D 161 61.15 -9.29 -15.97
CA VAL D 161 61.73 -9.84 -17.17
C VAL D 161 61.97 -8.75 -18.22
N TYR D 162 61.13 -7.72 -18.31
CA TYR D 162 61.33 -6.73 -19.34
C TYR D 162 61.60 -5.36 -18.79
N ARG D 163 61.76 -5.21 -17.48
CA ARG D 163 61.88 -3.89 -16.92
C ARG D 163 63.02 -3.05 -17.47
N ASP D 164 64.27 -3.52 -17.55
CA ASP D 164 65.36 -2.68 -18.06
C ASP D 164 65.17 -2.34 -19.53
N GLU D 165 64.64 -3.29 -20.33
CA GLU D 165 64.36 -3.03 -21.73
C GLU D 165 63.34 -1.92 -21.85
N ALA D 166 62.23 -2.06 -21.12
CA ALA D 166 61.17 -1.09 -21.14
C ALA D 166 61.60 0.25 -20.60
N LEU D 167 62.27 0.31 -19.45
CA LEU D 167 62.67 1.58 -18.87
C LEU D 167 63.63 2.35 -19.77
N ASN D 168 64.50 1.62 -20.47
CA ASN D 168 65.38 2.24 -21.41
C ASN D 168 64.62 2.92 -22.55
N ASN D 169 63.76 2.13 -23.20
CA ASN D 169 62.92 2.55 -24.31
C ASN D 169 62.01 3.72 -23.96
N ARG D 170 61.52 3.68 -22.74
CA ARG D 170 60.52 4.61 -22.30
C ARG D 170 61.06 5.91 -21.83
N PHE D 171 62.18 5.88 -21.11
CA PHE D 171 62.69 7.12 -20.61
C PHE D 171 63.85 7.63 -21.43
N GLN D 172 65.03 7.01 -21.27
CA GLN D 172 66.26 7.48 -21.86
C GLN D 172 66.14 8.32 -23.13
N ILE D 173 65.78 7.71 -24.26
CA ILE D 173 65.64 8.39 -25.55
C ILE D 173 66.56 9.59 -25.81
N LYS D 174 66.23 10.81 -25.38
CA LYS D 174 67.11 11.95 -25.60
C LYS D 174 66.70 13.15 -24.74
N GLY D 175 66.03 12.88 -23.62
CA GLY D 175 65.58 13.93 -22.74
C GLY D 175 65.41 13.34 -21.35
N GLN E 1 64.08 18.02 -31.50
CA GLN E 1 62.67 17.72 -31.74
C GLN E 1 62.18 19.13 -31.39
N ASP E 2 61.17 19.35 -30.55
CA ASP E 2 60.84 20.71 -30.12
C ASP E 2 62.07 21.21 -29.36
N LEU E 3 62.55 22.41 -29.69
CA LEU E 3 63.79 22.90 -29.09
C LEU E 3 63.49 24.02 -28.11
N PRO E 4 63.69 23.78 -26.79
CA PRO E 4 63.43 24.73 -25.71
C PRO E 4 64.08 26.10 -25.87
N GLY E 5 65.28 26.15 -26.46
CA GLY E 5 66.00 27.41 -26.61
C GLY E 5 66.62 27.87 -25.29
N ASN E 6 65.82 28.18 -24.25
CA ASN E 6 66.36 28.69 -22.99
C ASN E 6 65.54 28.43 -21.71
N ASP E 7 64.22 28.69 -21.69
CA ASP E 7 63.47 28.63 -20.43
C ASP E 7 63.36 27.23 -19.84
N ASN E 8 63.43 27.19 -18.49
CA ASN E 8 63.36 25.98 -17.66
C ASN E 8 62.44 26.26 -16.46
N SER E 9 61.21 25.76 -16.45
CA SER E 9 60.31 26.11 -15.37
C SER E 9 59.17 25.10 -15.31
N THR E 10 58.26 25.26 -14.35
CA THR E 10 57.14 24.36 -14.18
C THR E 10 55.83 25.15 -14.10
N ALA E 11 54.68 24.50 -14.03
CA ALA E 11 53.40 25.17 -13.89
C ALA E 11 52.59 24.39 -12.90
N THR E 12 51.51 24.93 -12.38
CA THR E 12 50.63 24.20 -11.48
C THR E 12 49.23 24.29 -12.01
N LEU E 13 48.52 23.17 -12.12
CA LEU E 13 47.14 23.19 -12.58
C LEU E 13 46.32 22.54 -11.48
N CYS E 14 45.21 23.12 -11.03
CA CYS E 14 44.43 22.50 -9.98
C CYS E 14 43.00 22.37 -10.41
N LEU E 15 42.43 21.19 -10.18
CA LEU E 15 41.05 21.01 -10.50
C LEU E 15 40.23 21.26 -9.25
N GLY E 16 39.02 21.78 -9.37
CA GLY E 16 38.21 21.98 -8.20
C GLY E 16 36.77 22.06 -8.65
N HIS E 17 35.89 22.36 -7.71
CA HIS E 17 34.47 22.42 -8.00
C HIS E 17 33.89 23.64 -7.29
N HIS E 18 32.69 24.14 -7.59
CA HIS E 18 32.18 25.31 -6.92
C HIS E 18 31.72 25.02 -5.48
N ALA E 19 31.29 26.04 -4.76
CA ALA E 19 30.70 25.91 -3.44
C ALA E 19 29.89 27.18 -3.30
N VAL E 20 28.87 27.23 -2.46
CA VAL E 20 28.05 28.43 -2.35
C VAL E 20 28.12 28.85 -0.91
N PRO E 21 27.95 30.12 -0.61
CA PRO E 21 28.00 30.59 0.76
C PRO E 21 26.86 30.02 1.58
N ASN E 22 25.68 29.95 0.97
CA ASN E 22 24.42 29.50 1.57
C ASN E 22 24.28 27.98 1.58
N GLY E 23 23.63 27.24 0.69
CA GLY E 23 23.62 25.78 0.87
C GLY E 23 22.37 25.29 1.58
N THR E 24 21.89 24.06 1.34
CA THR E 24 20.64 23.57 1.88
C THR E 24 20.87 22.22 2.47
N LEU E 25 20.27 21.90 3.59
CA LEU E 25 20.49 20.59 4.20
C LEU E 25 19.51 19.62 3.59
N VAL E 26 19.93 18.40 3.23
CA VAL E 26 19.04 17.39 2.70
C VAL E 26 19.30 16.09 3.43
N LYS E 27 18.37 15.11 3.36
CA LYS E 27 18.52 13.80 4.00
C LYS E 27 19.15 12.85 3.00
N THR E 28 19.83 11.80 3.44
CA THR E 28 20.57 10.86 2.63
C THR E 28 20.28 9.49 3.17
N ILE E 29 20.84 8.42 2.57
CA ILE E 29 20.72 7.07 3.08
C ILE E 29 21.57 7.03 4.36
N THR E 30 22.76 7.61 4.35
CA THR E 30 23.60 7.57 5.52
C THR E 30 23.59 8.78 6.42
N ASP E 31 23.06 9.95 6.03
CA ASP E 31 23.04 11.13 6.88
C ASP E 31 21.65 11.69 6.86
N ASP E 32 21.22 12.49 7.81
CA ASP E 32 19.90 13.09 7.66
C ASP E 32 19.95 14.60 7.61
N GLN E 33 21.13 15.16 7.74
CA GLN E 33 21.33 16.53 7.37
C GLN E 33 22.68 16.59 6.74
N ILE E 34 22.79 16.65 5.42
CA ILE E 34 24.08 16.87 4.83
C ILE E 34 23.84 18.09 3.96
N GLU E 35 24.81 18.99 3.81
CA GLU E 35 24.55 20.25 3.12
C GLU E 35 24.92 20.17 1.68
N VAL E 36 24.02 20.52 0.77
CA VAL E 36 24.32 20.51 -0.65
C VAL E 36 24.20 21.92 -1.19
N THR E 37 24.81 22.17 -2.35
CA THR E 37 24.72 23.39 -3.10
C THR E 37 23.32 23.86 -3.36
N ASN E 38 22.37 22.99 -3.68
CA ASN E 38 21.02 23.44 -4.02
C ASN E 38 20.03 22.30 -3.86
N ALA E 39 18.75 22.54 -3.70
CA ALA E 39 17.78 21.49 -3.52
C ALA E 39 16.45 21.99 -4.06
N THR E 40 15.43 21.17 -4.15
CA THR E 40 14.12 21.60 -4.63
C THR E 40 13.07 20.91 -3.77
N GLU E 41 11.95 21.56 -3.49
CA GLU E 41 10.98 21.05 -2.56
C GLU E 41 10.00 20.15 -3.27
N LEU E 42 9.74 18.98 -2.73
CA LEU E 42 8.83 18.06 -3.38
C LEU E 42 7.46 18.02 -2.71
N VAL E 43 7.24 18.68 -1.55
CA VAL E 43 5.94 18.64 -0.93
C VAL E 43 5.24 19.99 -1.09
N GLN E 44 4.09 20.03 -1.74
CA GLN E 44 3.27 21.23 -1.84
C GLN E 44 2.55 21.39 -0.52
N SER E 45 2.69 22.49 0.19
CA SER E 45 2.11 22.58 1.51
C SER E 45 1.21 23.76 1.73
N SER E 46 0.82 24.44 0.67
CA SER E 46 0.00 25.62 0.84
C SER E 46 -1.02 25.70 -0.26
N SER E 47 -2.21 26.16 0.09
CA SER E 47 -3.28 26.29 -0.87
C SER E 47 -3.39 27.76 -1.19
N THR E 48 -4.07 28.04 -2.29
CA THR E 48 -4.36 29.42 -2.68
C THR E 48 -5.42 29.91 -1.70
N GLY E 49 -6.34 29.05 -1.27
CA GLY E 49 -7.41 29.44 -0.39
C GLY E 49 -8.70 29.53 -1.17
N LYS E 50 -8.64 29.41 -2.48
CA LYS E 50 -9.84 29.52 -3.27
C LYS E 50 -9.96 28.35 -4.21
N ILE E 51 -11.17 27.91 -4.48
CA ILE E 51 -11.41 26.81 -5.39
C ILE E 51 -11.50 27.45 -6.77
N CYS E 52 -10.54 27.25 -7.66
CA CYS E 52 -10.63 27.81 -8.98
C CYS E 52 -11.76 27.18 -9.75
N ASN E 53 -12.54 28.00 -10.44
CA ASN E 53 -13.71 27.54 -11.17
C ASN E 53 -13.40 27.04 -12.57
N ASN E 54 -12.18 26.57 -12.79
CA ASN E 54 -11.77 26.13 -14.13
C ASN E 54 -10.56 25.24 -13.98
N PRO E 55 -10.32 24.13 -14.67
CA PRO E 55 -11.13 23.51 -15.69
C PRO E 55 -12.33 22.67 -15.30
N HIS E 56 -12.55 22.34 -14.02
CA HIS E 56 -13.65 21.43 -13.74
C HIS E 56 -14.89 22.25 -13.57
N ARG E 57 -16.09 21.68 -13.68
CA ARG E 57 -17.30 22.45 -13.52
C ARG E 57 -17.70 22.47 -12.07
N ILE E 58 -17.40 23.52 -11.33
CA ILE E 58 -17.74 23.53 -9.91
C ILE E 58 -19.18 23.98 -9.74
N LEU E 59 -20.04 23.29 -9.00
CA LEU E 59 -21.40 23.76 -8.73
C LEU E 59 -21.47 24.15 -7.26
N ASP E 60 -21.66 25.40 -6.88
CA ASP E 60 -21.64 25.78 -5.49
C ASP E 60 -23.03 25.49 -4.97
N GLY E 61 -23.14 24.70 -3.93
CA GLY E 61 -24.46 24.32 -3.43
C GLY E 61 -25.16 25.41 -2.64
N ILE E 62 -24.47 26.51 -2.40
CA ILE E 62 -24.92 27.61 -1.54
C ILE E 62 -25.54 27.06 -0.25
N ASP E 63 -26.82 27.18 0.05
CA ASP E 63 -27.33 26.63 1.29
C ASP E 63 -28.21 25.40 1.10
N CYS E 64 -27.89 24.65 0.06
CA CYS E 64 -28.52 23.38 -0.24
C CYS E 64 -27.48 22.29 -0.18
N THR E 65 -27.84 21.16 0.41
CA THR E 65 -27.00 19.98 0.32
C THR E 65 -27.38 19.33 -1.00
N LEU E 66 -26.63 18.34 -1.48
CA LEU E 66 -26.98 17.68 -2.72
C LEU E 66 -28.31 16.97 -2.57
N ILE E 67 -28.57 16.20 -1.50
CA ILE E 67 -29.84 15.49 -1.36
C ILE E 67 -31.04 16.46 -1.38
N ASP E 68 -31.04 17.63 -0.70
CA ASP E 68 -32.15 18.56 -0.77
C ASP E 68 -32.32 19.12 -2.17
N ALA E 69 -31.22 19.40 -2.90
CA ALA E 69 -31.34 19.82 -4.29
C ALA E 69 -32.02 18.72 -5.11
N LEU E 70 -31.72 17.45 -4.79
CA LEU E 70 -32.27 16.30 -5.49
C LEU E 70 -33.76 16.21 -5.22
N LEU E 71 -34.14 16.18 -3.95
CA LEU E 71 -35.54 16.03 -3.59
C LEU E 71 -36.42 17.19 -4.03
N GLY E 72 -35.84 18.38 -4.03
CA GLY E 72 -36.57 19.56 -4.45
C GLY E 72 -37.16 20.35 -3.31
N ASP E 73 -36.38 20.53 -2.25
CA ASP E 73 -36.73 21.44 -1.17
C ASP E 73 -36.99 22.76 -1.86
N PRO E 74 -38.08 23.49 -1.61
CA PRO E 74 -38.39 24.75 -2.24
C PRO E 74 -37.18 25.65 -2.40
N HIS E 75 -36.42 25.82 -1.33
CA HIS E 75 -35.32 26.76 -1.37
C HIS E 75 -34.18 26.29 -2.24
N CYS E 76 -34.17 25.05 -2.71
CA CYS E 76 -33.12 24.57 -3.57
C CYS E 76 -33.62 24.45 -4.98
N ASP E 77 -34.76 25.05 -5.32
CA ASP E 77 -35.28 24.88 -6.66
C ASP E 77 -34.38 25.44 -7.75
N VAL E 78 -33.41 26.26 -7.35
CA VAL E 78 -32.41 26.80 -8.27
C VAL E 78 -31.66 25.70 -8.99
N PHE E 79 -31.53 24.51 -8.36
CA PHE E 79 -30.67 23.48 -8.88
C PHE E 79 -31.37 22.50 -9.81
N GLN E 80 -32.60 22.73 -10.25
CA GLN E 80 -33.26 21.68 -11.03
C GLN E 80 -32.54 21.45 -12.33
N ASN E 81 -32.30 20.20 -12.71
CA ASN E 81 -31.64 19.84 -13.96
C ASN E 81 -30.21 20.35 -14.04
N GLU E 82 -29.60 20.66 -12.90
CA GLU E 82 -28.25 21.15 -12.87
C GLU E 82 -27.21 20.05 -13.07
N THR E 83 -25.95 20.39 -13.38
CA THR E 83 -24.90 19.39 -13.60
C THR E 83 -23.59 19.88 -13.02
N TRP E 84 -22.60 19.01 -12.81
CA TRP E 84 -21.36 19.41 -12.17
C TRP E 84 -20.23 18.41 -12.40
N ASP E 85 -18.99 18.87 -12.27
CA ASP E 85 -17.89 17.99 -12.14
C ASP E 85 -17.64 17.83 -10.65
N LEU E 86 -17.80 18.91 -9.88
CA LEU E 86 -17.61 18.84 -8.47
C LEU E 86 -18.74 19.62 -7.85
N PHE E 87 -19.59 19.01 -7.03
CA PHE E 87 -20.60 19.75 -6.31
C PHE E 87 -19.98 20.11 -4.96
N VAL E 88 -19.85 21.40 -4.60
CA VAL E 88 -19.28 21.81 -3.32
C VAL E 88 -20.41 21.99 -2.33
N GLU E 89 -20.51 21.26 -1.23
CA GLU E 89 -21.51 21.42 -0.19
C GLU E 89 -20.98 22.33 0.90
N ARG E 90 -21.77 23.33 1.34
CA ARG E 90 -21.27 24.29 2.30
C ARG E 90 -21.73 23.98 3.69
N SER E 91 -20.95 24.34 4.72
CA SER E 91 -21.32 23.99 6.09
C SER E 91 -22.61 24.67 6.55
N LYS E 92 -22.95 25.75 5.87
CA LYS E 92 -24.11 26.55 6.16
C LYS E 92 -25.39 26.05 5.60
N ALA E 93 -25.35 24.97 4.79
CA ALA E 93 -26.54 24.47 4.16
C ALA E 93 -27.60 24.08 5.18
N PHE E 94 -28.87 24.21 4.84
CA PHE E 94 -29.91 23.87 5.78
C PHE E 94 -31.06 23.28 5.01
N SER E 95 -31.84 22.43 5.65
CA SER E 95 -33.04 21.93 5.03
C SER E 95 -34.17 22.73 5.61
N ASN E 96 -35.22 22.87 4.84
CA ASN E 96 -36.33 23.68 5.26
C ASN E 96 -37.61 23.25 4.57
N CYS E 97 -37.97 21.99 4.74
CA CYS E 97 -39.21 21.48 4.19
C CYS E 97 -39.67 20.36 5.11
N TYR E 98 -40.52 19.40 4.67
CA TYR E 98 -41.05 18.36 5.53
C TYR E 98 -39.90 17.56 6.15
N PRO E 99 -39.83 17.28 7.45
CA PRO E 99 -38.72 16.51 8.01
C PRO E 99 -38.63 15.10 7.45
N TYR E 100 -37.47 14.71 6.94
CA TYR E 100 -37.29 13.43 6.30
C TYR E 100 -36.01 12.77 6.79
N ASP E 101 -35.78 11.49 6.55
CA ASP E 101 -34.52 10.87 6.85
C ASP E 101 -34.26 9.92 5.71
N VAL E 102 -33.01 9.64 5.39
CA VAL E 102 -32.70 8.77 4.26
C VAL E 102 -31.95 7.60 4.83
N PRO E 103 -32.49 6.38 4.92
CA PRO E 103 -31.86 5.20 5.46
C PRO E 103 -30.40 5.03 5.04
N ASP E 104 -30.02 5.01 3.78
CA ASP E 104 -28.59 4.96 3.55
C ASP E 104 -28.21 6.27 2.87
N TYR E 105 -28.31 7.37 3.60
CA TYR E 105 -28.02 8.71 3.09
C TYR E 105 -26.69 8.73 2.37
N ALA E 106 -25.72 8.06 2.95
CA ALA E 106 -24.41 8.03 2.38
C ALA E 106 -24.35 7.37 1.01
N SER E 107 -25.05 6.30 0.74
CA SER E 107 -24.99 5.81 -0.60
C SER E 107 -25.77 6.67 -1.55
N LEU E 108 -26.94 7.20 -1.21
CA LEU E 108 -27.68 8.05 -2.14
C LEU E 108 -26.87 9.31 -2.45
N ARG E 109 -26.27 10.02 -1.47
CA ARG E 109 -25.42 11.17 -1.76
C ARG E 109 -24.31 10.79 -2.69
N SER E 110 -23.70 9.58 -2.55
CA SER E 110 -22.60 9.14 -3.39
C SER E 110 -23.02 8.92 -4.83
N LEU E 111 -24.03 8.09 -4.95
CA LEU E 111 -24.57 7.62 -6.19
C LEU E 111 -25.02 8.78 -7.06
N VAL E 112 -25.65 9.81 -6.44
CA VAL E 112 -26.03 10.99 -7.20
C VAL E 112 -24.79 11.83 -7.50
N ALA E 113 -23.93 12.00 -6.50
CA ALA E 113 -22.74 12.81 -6.62
C ALA E 113 -21.89 12.42 -7.79
N SER E 114 -21.64 11.14 -8.02
CA SER E 114 -20.83 10.82 -9.17
C SER E 114 -21.60 10.68 -10.46
N SER E 115 -22.93 10.59 -10.42
CA SER E 115 -23.69 10.61 -11.67
C SER E 115 -23.52 11.98 -12.26
N GLY E 116 -23.57 13.01 -11.44
CA GLY E 116 -23.25 14.33 -11.89
C GLY E 116 -24.38 15.07 -12.58
N THR E 117 -25.63 14.64 -12.45
CA THR E 117 -26.70 15.34 -13.11
C THR E 117 -27.97 15.22 -12.30
N LEU E 118 -28.75 16.28 -12.29
CA LEU E 118 -30.02 16.28 -11.63
C LEU E 118 -31.15 16.37 -12.64
N GLU E 119 -30.86 16.05 -13.92
CA GLU E 119 -31.84 16.04 -15.00
C GLU E 119 -33.00 15.15 -14.66
N PHE E 120 -34.17 15.75 -14.59
CA PHE E 120 -35.37 15.05 -14.19
C PHE E 120 -36.35 15.03 -15.32
N ILE E 121 -36.93 13.86 -15.54
CA ILE E 121 -37.92 13.65 -16.56
C ILE E 121 -39.20 13.33 -15.84
N THR E 122 -40.29 14.01 -16.12
CA THR E 122 -41.54 13.71 -15.44
C THR E 122 -42.23 12.62 -16.23
N GLU E 123 -42.82 11.64 -15.57
CA GLU E 123 -43.50 10.61 -16.30
C GLU E 123 -44.94 10.64 -15.87
N GLY E 124 -45.79 10.12 -16.72
CA GLY E 124 -47.21 10.23 -16.47
C GLY E 124 -47.76 9.14 -15.58
N PHE E 125 -47.44 9.14 -14.31
CA PHE E 125 -48.01 8.13 -13.43
C PHE E 125 -49.48 8.47 -13.24
N THR E 126 -50.41 7.52 -13.24
CA THR E 126 -51.79 7.90 -13.03
C THR E 126 -52.22 7.32 -11.70
N TRP E 127 -52.50 8.16 -10.72
CA TRP E 127 -52.88 7.65 -9.41
C TRP E 127 -54.39 7.68 -9.28
N THR E 128 -55.12 6.59 -9.54
CA THR E 128 -56.56 6.66 -9.47
C THR E 128 -57.15 6.39 -8.10
N GLY E 129 -57.94 7.31 -7.56
CA GLY E 129 -58.61 7.04 -6.31
C GLY E 129 -57.95 7.68 -5.12
N VAL E 130 -56.93 8.50 -5.32
CA VAL E 130 -56.26 9.19 -4.25
C VAL E 130 -56.15 10.65 -4.61
N THR E 131 -55.96 11.49 -3.62
CA THR E 131 -55.71 12.90 -3.82
C THR E 131 -54.21 13.13 -3.97
N GLN E 132 -53.81 13.76 -5.08
CA GLN E 132 -52.42 14.06 -5.38
C GLN E 132 -51.99 15.38 -4.80
N ASN E 133 -50.70 15.66 -4.92
CA ASN E 133 -50.13 16.96 -4.66
C ASN E 133 -50.23 17.49 -3.25
N GLY E 134 -50.31 16.60 -2.27
CA GLY E 134 -50.34 17.05 -0.89
C GLY E 134 -49.07 17.83 -0.55
N GLY E 135 -49.22 18.79 0.34
CA GLY E 135 -48.12 19.62 0.74
C GLY E 135 -48.26 19.90 2.22
N SER E 136 -47.39 20.71 2.78
CA SER E 136 -47.37 20.98 4.18
C SER E 136 -46.91 22.39 4.35
N ASN E 137 -47.25 22.92 5.50
CA ASN E 137 -46.84 24.24 5.81
C ASN E 137 -45.43 24.28 6.28
N ALA E 138 -44.83 23.13 6.61
CA ALA E 138 -43.42 23.12 6.94
C ALA E 138 -42.56 23.19 5.70
N CYS E 139 -43.17 23.07 4.51
CA CYS E 139 -42.44 23.13 3.26
C CYS E 139 -43.10 24.20 2.41
N LYS E 140 -43.05 25.43 2.87
CA LYS E 140 -43.71 26.54 2.20
C LYS E 140 -43.22 26.75 0.77
N ARG E 141 -44.08 26.69 -0.23
CA ARG E 141 -43.59 27.08 -1.52
C ARG E 141 -44.37 28.37 -1.77
N GLY E 142 -43.58 29.42 -1.68
CA GLY E 142 -44.09 30.79 -1.77
C GLY E 142 -44.93 31.09 -0.53
N PRO E 143 -46.15 31.62 -0.68
CA PRO E 143 -47.02 31.92 0.44
C PRO E 143 -47.68 30.64 0.98
N GLY E 144 -47.87 29.65 0.09
CA GLY E 144 -48.64 28.48 0.40
C GLY E 144 -47.85 27.35 1.02
N SER E 145 -48.57 26.29 1.28
CA SER E 145 -47.96 25.05 1.68
C SER E 145 -47.22 24.51 0.47
N GLY E 146 -46.36 23.51 0.64
CA GLY E 146 -45.70 22.90 -0.50
C GLY E 146 -45.05 21.63 -0.05
N PHE E 147 -44.26 21.02 -0.91
CA PHE E 147 -43.60 19.79 -0.63
C PHE E 147 -42.38 19.73 -1.53
N PHE E 148 -41.65 18.64 -1.59
CA PHE E 148 -40.49 18.53 -2.44
C PHE E 148 -40.92 18.57 -3.90
N SER E 149 -40.29 19.33 -4.80
CA SER E 149 -40.76 19.40 -6.18
C SER E 149 -40.76 18.05 -6.88
N ARG E 150 -39.87 17.13 -6.52
CA ARG E 150 -39.77 15.90 -7.26
C ARG E 150 -40.53 14.74 -6.66
N LEU E 151 -41.38 14.95 -5.66
CA LEU E 151 -42.11 13.85 -4.99
C LEU E 151 -43.59 14.16 -4.99
N ASN E 152 -44.53 13.22 -4.79
CA ASN E 152 -45.95 13.53 -4.90
C ASN E 152 -46.68 12.85 -3.80
N TRP E 153 -47.16 13.60 -2.81
CA TRP E 153 -47.78 13.03 -1.59
C TRP E 153 -49.22 12.68 -1.81
N LEU E 154 -49.53 11.40 -1.78
CA LEU E 154 -50.87 10.92 -2.01
C LEU E 154 -51.57 10.66 -0.68
N THR E 155 -52.81 11.10 -0.62
CA THR E 155 -53.68 10.94 0.53
C THR E 155 -55.02 10.46 0.01
N LYS E 156 -55.95 10.06 0.87
CA LYS E 156 -57.23 9.50 0.43
C LYS E 156 -58.13 10.44 -0.37
N SER E 157 -59.00 9.86 -1.19
CA SER E 157 -60.03 10.64 -1.83
C SER E 157 -61.32 10.22 -1.16
N GLY E 158 -61.93 11.18 -0.51
CA GLY E 158 -63.17 10.98 0.17
C GLY E 158 -62.96 10.05 1.35
N SER E 159 -63.35 8.80 1.19
CA SER E 159 -63.26 7.89 2.32
C SER E 159 -62.44 6.68 2.03
N THR E 160 -61.66 6.73 0.95
CA THR E 160 -60.94 5.55 0.58
C THR E 160 -59.59 5.84 -0.03
N TYR E 161 -58.66 4.96 0.30
CA TYR E 161 -57.34 4.93 -0.28
C TYR E 161 -57.35 3.53 -0.88
N PRO E 162 -57.32 3.39 -2.20
CA PRO E 162 -57.33 2.10 -2.87
C PRO E 162 -55.99 1.39 -2.79
N VAL E 163 -55.85 0.19 -3.33
CA VAL E 163 -54.53 -0.36 -3.46
C VAL E 163 -54.03 0.15 -4.77
N LEU E 164 -53.01 0.98 -4.73
CA LEU E 164 -52.41 1.51 -5.94
C LEU E 164 -51.49 0.43 -6.46
N ASN E 165 -51.51 0.22 -7.76
CA ASN E 165 -50.69 -0.77 -8.40
C ASN E 165 -50.29 -0.21 -9.75
N VAL E 166 -49.24 0.59 -9.87
CA VAL E 166 -48.90 1.22 -11.14
C VAL E 166 -47.62 0.64 -11.69
N THR E 167 -47.31 0.86 -12.97
CA THR E 167 -46.12 0.33 -13.57
C THR E 167 -45.55 1.31 -14.57
N MET E 168 -44.23 1.36 -14.70
CA MET E 168 -43.58 2.28 -15.61
C MET E 168 -42.37 1.57 -16.18
N PRO E 169 -42.44 1.22 -17.47
CA PRO E 169 -41.42 0.50 -18.22
C PRO E 169 -40.19 1.31 -18.54
N ASN E 170 -39.02 0.69 -18.51
CA ASN E 170 -37.85 1.44 -18.89
C ASN E 170 -37.65 1.03 -20.32
N ASN E 171 -38.09 1.87 -21.21
CA ASN E 171 -37.99 1.53 -22.62
C ASN E 171 -36.85 2.25 -23.29
N ASP E 172 -36.16 3.08 -22.55
CA ASP E 172 -35.07 3.82 -23.08
C ASP E 172 -33.87 2.92 -22.96
N ASN E 173 -32.73 3.45 -23.31
CA ASN E 173 -31.52 2.67 -23.31
C ASN E 173 -30.58 3.17 -22.23
N PHE E 174 -31.09 3.70 -21.14
CA PHE E 174 -30.24 4.14 -20.06
C PHE E 174 -30.90 3.77 -18.73
N ASP E 175 -30.15 3.80 -17.62
CA ASP E 175 -30.71 3.49 -16.32
C ASP E 175 -31.47 4.68 -15.79
N LYS E 176 -32.54 4.38 -15.06
CA LYS E 176 -33.39 5.42 -14.51
C LYS E 176 -33.31 5.37 -13.00
N LEU E 177 -33.07 6.47 -12.31
CA LEU E 177 -33.06 6.50 -10.84
C LEU E 177 -34.42 7.02 -10.40
N TYR E 178 -35.19 6.28 -9.60
CA TYR E 178 -36.44 6.78 -9.06
C TYR E 178 -36.30 7.00 -7.56
N ILE E 179 -36.53 8.20 -7.05
CA ILE E 179 -36.52 8.50 -5.62
C ILE E 179 -37.99 8.50 -5.17
N TRP E 180 -38.34 7.72 -4.17
CA TRP E 180 -39.69 7.67 -3.66
C TRP E 180 -39.61 7.66 -2.14
N GLY E 181 -40.70 7.50 -1.38
CA GLY E 181 -40.60 7.55 0.06
C GLY E 181 -41.84 7.05 0.75
N ILE E 182 -41.87 7.09 2.07
CA ILE E 182 -43.01 6.61 2.83
C ILE E 182 -43.23 7.61 3.97
N HIS E 183 -44.47 7.88 4.36
CA HIS E 183 -44.78 8.81 5.44
C HIS E 183 -45.03 8.01 6.70
N HIS E 184 -44.28 8.32 7.76
CA HIS E 184 -44.50 7.72 9.07
C HIS E 184 -45.32 8.71 9.86
N PRO E 185 -46.60 8.46 10.17
CA PRO E 185 -47.45 9.37 10.92
C PRO E 185 -47.07 9.43 12.40
N SER E 186 -47.49 10.44 13.16
CA SER E 186 -47.23 10.45 14.57
C SER E 186 -48.25 9.66 15.32
N THR E 187 -49.50 9.68 14.90
CA THR E 187 -50.57 9.06 15.64
C THR E 187 -51.36 8.13 14.78
N ASN E 188 -52.01 7.15 15.37
CA ASN E 188 -52.88 6.26 14.61
C ASN E 188 -54.01 7.06 14.01
N GLN E 189 -54.38 8.14 14.68
CA GLN E 189 -55.38 9.02 14.15
C GLN E 189 -54.86 9.66 12.88
N GLU E 190 -53.64 10.21 12.85
CA GLU E 190 -53.08 10.80 11.63
C GLU E 190 -53.09 9.76 10.51
N GLN E 191 -52.76 8.52 10.84
CA GLN E 191 -52.72 7.44 9.89
C GLN E 191 -54.07 7.30 9.23
N THR E 192 -55.12 7.16 10.00
CA THR E 192 -56.41 6.89 9.44
C THR E 192 -57.00 8.11 8.77
N SER E 193 -56.74 9.30 9.30
CA SER E 193 -57.18 10.53 8.69
C SER E 193 -56.64 10.64 7.28
N LEU E 194 -55.35 10.42 7.08
CA LEU E 194 -54.76 10.56 5.77
C LEU E 194 -54.93 9.35 4.87
N TYR E 195 -54.67 8.16 5.35
CA TYR E 195 -54.55 7.00 4.49
C TYR E 195 -55.63 5.95 4.70
N VAL E 196 -56.58 6.22 5.60
CA VAL E 196 -57.72 5.37 5.94
C VAL E 196 -57.29 4.07 6.60
N GLN E 197 -56.56 3.20 5.89
CA GLN E 197 -56.05 1.96 6.42
C GLN E 197 -55.25 2.24 7.67
N ALA E 198 -55.37 1.44 8.71
CA ALA E 198 -54.60 1.68 9.92
C ALA E 198 -53.16 1.24 9.83
N SER E 199 -52.78 0.60 8.73
CA SER E 199 -51.40 0.18 8.54
C SER E 199 -51.10 0.25 7.05
N GLY E 200 -50.21 1.17 6.67
CA GLY E 200 -49.84 1.33 5.28
C GLY E 200 -48.80 0.32 4.88
N ARG E 201 -48.38 0.38 3.62
CA ARG E 201 -47.41 -0.53 3.06
C ARG E 201 -46.97 0.01 1.71
N VAL E 202 -45.69 0.01 1.36
CA VAL E 202 -45.24 0.43 0.07
C VAL E 202 -44.33 -0.68 -0.41
N THR E 203 -44.52 -1.24 -1.60
CA THR E 203 -43.64 -2.23 -2.18
C THR E 203 -43.19 -1.69 -3.53
N VAL E 204 -41.91 -1.41 -3.79
CA VAL E 204 -41.49 -0.94 -5.10
C VAL E 204 -40.60 -2.03 -5.66
N SER E 205 -40.80 -2.50 -6.88
CA SER E 205 -40.04 -3.60 -7.40
C SER E 205 -39.75 -3.50 -8.87
N THR E 206 -38.84 -4.36 -9.31
CA THR E 206 -38.50 -4.51 -10.70
C THR E 206 -38.45 -6.02 -10.95
N ARG E 207 -37.97 -6.48 -12.09
CA ARG E 207 -37.78 -7.89 -12.30
C ARG E 207 -36.66 -8.40 -11.42
N ARG E 208 -35.74 -7.52 -11.07
CA ARG E 208 -34.58 -7.86 -10.28
C ARG E 208 -34.69 -7.64 -8.77
N SER E 209 -35.52 -6.75 -8.26
CA SER E 209 -35.44 -6.42 -6.85
C SER E 209 -36.78 -6.04 -6.31
N GLN E 210 -36.89 -5.84 -5.00
CA GLN E 210 -38.11 -5.38 -4.38
C GLN E 210 -37.77 -4.76 -3.06
N GLN E 211 -38.52 -3.75 -2.61
CA GLN E 211 -38.37 -3.22 -1.28
C GLN E 211 -39.77 -3.10 -0.80
N THR E 212 -40.09 -3.61 0.38
CA THR E 212 -41.39 -3.33 0.96
C THR E 212 -41.08 -2.65 2.27
N ILE E 213 -41.58 -1.45 2.48
CA ILE E 213 -41.36 -0.72 3.69
C ILE E 213 -42.72 -0.55 4.31
N ILE E 214 -42.87 -0.75 5.59
CA ILE E 214 -44.13 -0.42 6.21
C ILE E 214 -43.83 0.76 7.12
N PRO E 215 -44.74 1.72 7.28
CA PRO E 215 -44.55 2.89 8.10
C PRO E 215 -44.45 2.59 9.56
N ASN E 216 -44.11 3.56 10.39
CA ASN E 216 -43.98 3.34 11.81
C ASN E 216 -44.59 4.52 12.51
N ILE E 217 -45.66 4.29 13.24
CA ILE E 217 -46.37 5.36 13.90
C ILE E 217 -45.77 5.66 15.24
N GLY E 218 -45.53 6.91 15.55
CA GLY E 218 -45.01 7.27 16.85
C GLY E 218 -44.55 8.71 16.79
N SER E 219 -44.41 9.37 17.93
CA SER E 219 -43.95 10.73 17.90
C SER E 219 -42.44 10.78 17.84
N ARG E 220 -41.95 11.59 16.93
CA ARG E 220 -40.54 11.91 16.91
C ARG E 220 -40.42 13.35 17.45
N PRO E 221 -39.24 13.97 17.54
CA PRO E 221 -39.12 15.35 18.00
C PRO E 221 -39.72 16.33 16.99
N TRP E 222 -40.35 17.36 17.52
CA TRP E 222 -40.88 18.47 16.75
C TRP E 222 -39.78 19.06 15.90
N VAL E 223 -39.97 18.99 14.58
CA VAL E 223 -39.09 19.63 13.63
C VAL E 223 -40.01 20.36 12.67
N ARG E 224 -39.86 21.69 12.61
CA ARG E 224 -40.71 22.59 11.85
C ARG E 224 -42.20 22.33 12.02
N GLY E 225 -42.59 22.19 13.28
CA GLY E 225 -43.99 21.98 13.59
C GLY E 225 -44.43 20.54 13.50
N LEU E 226 -43.59 19.61 13.06
CA LEU E 226 -44.01 18.25 12.85
C LEU E 226 -43.31 17.17 13.67
N SER E 227 -44.05 16.11 14.03
CA SER E 227 -43.49 14.92 14.67
C SER E 227 -43.50 13.74 13.75
N SER E 228 -44.09 13.88 12.56
CA SER E 228 -44.10 12.84 11.57
C SER E 228 -42.77 12.92 10.84
N ARG E 229 -42.43 11.94 10.01
CA ARG E 229 -41.21 11.96 9.23
C ARG E 229 -41.51 11.31 7.91
N ILE E 230 -40.77 11.59 6.85
CA ILE E 230 -40.92 10.73 5.69
C ILE E 230 -39.53 10.13 5.47
N SER E 231 -39.36 8.86 5.10
CA SER E 231 -38.04 8.29 4.87
C SER E 231 -37.89 8.16 3.37
N ILE E 232 -36.74 8.52 2.80
CA ILE E 232 -36.51 8.48 1.36
C ILE E 232 -35.83 7.16 0.92
N TYR E 233 -36.25 6.58 -0.20
CA TYR E 233 -35.68 5.37 -0.76
C TYR E 233 -35.36 5.60 -2.24
N TRP E 234 -34.67 4.69 -2.93
CA TRP E 234 -34.33 4.88 -4.34
C TRP E 234 -34.37 3.54 -5.04
N THR E 235 -34.68 3.49 -6.33
CA THR E 235 -34.71 2.26 -7.08
C THR E 235 -34.11 2.59 -8.42
N ILE E 236 -33.16 1.84 -8.92
CA ILE E 236 -32.65 2.11 -10.24
C ILE E 236 -33.32 1.12 -11.14
N VAL E 237 -33.77 1.51 -12.32
CA VAL E 237 -34.44 0.61 -13.23
C VAL E 237 -33.59 0.56 -14.47
N LYS E 238 -33.14 -0.65 -14.80
CA LYS E 238 -32.25 -0.86 -15.93
C LYS E 238 -33.02 -0.83 -17.24
N PRO E 239 -32.42 -0.64 -18.41
CA PRO E 239 -33.15 -0.62 -19.67
C PRO E 239 -33.81 -1.97 -19.85
N GLY E 240 -35.06 -1.93 -20.28
CA GLY E 240 -35.82 -3.13 -20.49
C GLY E 240 -36.50 -3.65 -19.24
N ASP E 241 -36.20 -3.09 -18.07
CA ASP E 241 -36.86 -3.58 -16.86
C ASP E 241 -38.14 -2.79 -16.65
N VAL E 242 -38.84 -2.98 -15.54
CA VAL E 242 -40.07 -2.30 -15.35
C VAL E 242 -40.22 -2.00 -13.88
N LEU E 243 -40.73 -0.82 -13.53
CA LEU E 243 -41.01 -0.47 -12.15
C LEU E 243 -42.46 -0.81 -11.86
N VAL E 244 -42.78 -1.43 -10.73
CA VAL E 244 -44.16 -1.61 -10.29
C VAL E 244 -44.24 -1.02 -8.88
N ILE E 245 -45.11 -0.03 -8.63
CA ILE E 245 -45.23 0.60 -7.31
C ILE E 245 -46.56 0.11 -6.77
N ASN E 246 -46.58 -0.55 -5.64
CA ASN E 246 -47.81 -1.07 -5.13
C ASN E 246 -47.98 -0.66 -3.68
N SER E 247 -49.03 0.06 -3.36
CA SER E 247 -49.18 0.55 -2.02
C SER E 247 -50.63 0.59 -1.66
N ASN E 248 -50.79 0.68 -0.37
CA ASN E 248 -52.06 0.55 0.29
C ASN E 248 -52.22 1.67 1.30
N GLY E 249 -51.24 2.58 1.37
CA GLY E 249 -51.28 3.73 2.25
C GLY E 249 -49.86 4.25 2.47
N ASN E 250 -49.70 5.53 2.74
CA ASN E 250 -48.44 6.16 3.11
C ASN E 250 -47.40 6.36 2.03
N LEU E 251 -47.68 6.10 0.77
CA LEU E 251 -46.71 6.28 -0.31
C LEU E 251 -46.47 7.75 -0.58
N ILE E 252 -45.22 8.17 -0.76
CA ILE E 252 -44.87 9.48 -1.26
C ILE E 252 -44.33 9.11 -2.63
N ALA E 253 -45.12 9.29 -3.69
CA ALA E 253 -44.84 8.75 -5.02
C ALA E 253 -43.83 9.48 -5.83
N PRO E 254 -43.07 8.86 -6.73
CA PRO E 254 -42.11 9.56 -7.56
C PRO E 254 -42.84 10.36 -8.64
N ARG E 255 -42.29 11.47 -9.18
CA ARG E 255 -42.96 12.13 -10.29
C ARG E 255 -42.30 11.75 -11.61
N GLY E 256 -41.22 10.99 -11.60
CA GLY E 256 -40.52 10.62 -12.82
C GLY E 256 -39.13 10.19 -12.41
N TYR E 257 -38.17 10.28 -13.32
CA TYR E 257 -36.86 9.75 -13.00
C TYR E 257 -35.76 10.76 -13.18
N PHE E 258 -34.68 10.55 -12.45
CA PHE E 258 -33.46 11.29 -12.65
C PHE E 258 -32.70 10.44 -13.61
N LYS E 259 -32.01 10.98 -14.57
CA LYS E 259 -31.24 10.05 -15.34
C LYS E 259 -29.84 9.94 -14.80
N MET E 260 -29.28 8.76 -14.96
CA MET E 260 -27.98 8.50 -14.41
C MET E 260 -26.94 8.57 -15.47
N ARG E 261 -25.74 9.03 -15.12
CA ARG E 261 -24.63 8.88 -16.02
C ARG E 261 -23.36 8.47 -15.32
N THR E 262 -22.34 8.22 -16.12
CA THR E 262 -21.07 7.71 -15.68
C THR E 262 -20.08 8.78 -16.01
N GLY E 263 -19.39 9.35 -15.04
CA GLY E 263 -18.45 10.40 -15.37
C GLY E 263 -17.45 10.59 -14.26
N LYS E 264 -16.79 11.73 -14.27
CA LYS E 264 -15.78 12.00 -13.30
C LYS E 264 -16.31 12.88 -12.18
N SER E 265 -17.61 12.88 -11.94
CA SER E 265 -18.18 13.81 -10.99
C SER E 265 -18.06 13.27 -9.60
N SER E 266 -18.07 14.16 -8.64
CA SER E 266 -17.95 13.84 -7.26
C SER E 266 -18.53 14.99 -6.46
N ILE E 267 -18.48 14.94 -5.13
CA ILE E 267 -19.01 15.99 -4.29
C ILE E 267 -17.95 16.32 -3.28
N MET E 268 -17.86 17.53 -2.72
CA MET E 268 -16.82 17.88 -1.75
C MET E 268 -17.40 18.81 -0.71
N ARG E 269 -17.00 18.70 0.54
CA ARG E 269 -17.52 19.60 1.54
C ARG E 269 -16.43 20.61 1.73
N SER E 270 -16.73 21.88 1.49
CA SER E 270 -15.74 22.91 1.59
C SER E 270 -16.42 24.26 1.76
N ASP E 271 -15.81 25.12 2.58
CA ASP E 271 -16.30 26.47 2.67
C ASP E 271 -15.38 27.41 1.93
N ALA E 272 -14.43 26.90 1.17
CA ALA E 272 -13.56 27.76 0.40
C ALA E 272 -14.34 28.50 -0.69
N PRO E 273 -13.98 29.75 -0.98
CA PRO E 273 -14.56 30.63 -1.99
C PRO E 273 -14.29 30.15 -3.38
N ILE E 274 -15.24 30.17 -4.30
CA ILE E 274 -14.90 29.78 -5.66
C ILE E 274 -14.43 31.05 -6.36
N ASP E 275 -13.45 30.96 -7.21
CA ASP E 275 -12.84 32.13 -7.79
C ASP E 275 -12.47 31.84 -9.22
N THR E 276 -12.05 32.81 -9.99
CA THR E 276 -11.80 32.52 -11.38
C THR E 276 -10.32 32.37 -11.55
N CYS E 277 -9.91 31.18 -11.95
CA CYS E 277 -8.53 30.84 -12.18
C CYS E 277 -8.51 29.44 -12.70
N ILE E 278 -7.47 28.98 -13.36
CA ILE E 278 -7.52 27.61 -13.80
C ILE E 278 -6.58 26.85 -12.87
N SER E 279 -7.03 25.74 -12.34
CA SER E 279 -6.25 24.90 -11.46
C SER E 279 -6.84 23.52 -11.58
N GLU E 280 -6.01 22.53 -11.76
CA GLU E 280 -6.46 21.19 -11.90
C GLU E 280 -6.79 20.45 -10.62
N CYS E 281 -6.09 20.75 -9.53
CA CYS E 281 -6.23 20.02 -8.30
C CYS E 281 -7.06 20.76 -7.28
N ILE E 282 -8.12 20.19 -6.74
CA ILE E 282 -8.95 20.86 -5.76
C ILE E 282 -8.89 20.08 -4.48
N THR E 283 -8.80 20.84 -3.41
CA THR E 283 -8.65 20.39 -2.05
C THR E 283 -9.73 21.11 -1.27
N PRO E 284 -10.33 20.60 -0.22
CA PRO E 284 -11.33 21.35 0.52
C PRO E 284 -10.77 22.66 1.05
N ASN E 285 -9.45 22.81 1.13
CA ASN E 285 -8.80 24.06 1.50
C ASN E 285 -8.61 24.99 0.32
N GLY E 286 -9.09 24.71 -0.87
CA GLY E 286 -8.82 25.55 -2.01
C GLY E 286 -7.91 24.83 -2.94
N SER E 287 -7.74 25.30 -4.17
CA SER E 287 -6.86 24.68 -5.12
C SER E 287 -5.39 24.77 -4.72
N ILE E 288 -4.59 23.83 -5.26
CA ILE E 288 -3.17 23.79 -4.99
C ILE E 288 -2.49 23.44 -6.30
N PRO E 289 -1.25 23.86 -6.55
CA PRO E 289 -0.55 23.50 -7.78
C PRO E 289 0.05 22.11 -7.75
N ASN E 290 -0.19 21.39 -8.84
CA ASN E 290 0.27 20.03 -8.98
C ASN E 290 1.59 19.94 -9.70
N ASP E 291 2.45 20.93 -9.52
CA ASP E 291 3.78 20.88 -10.07
C ASP E 291 4.62 19.94 -9.18
N LYS E 292 4.51 19.96 -7.84
CA LYS E 292 5.30 19.07 -7.00
C LYS E 292 4.73 17.65 -6.98
N PRO E 293 5.45 16.57 -6.68
CA PRO E 293 4.89 15.22 -6.65
C PRO E 293 4.07 14.87 -5.42
N PHE E 294 4.29 15.49 -4.27
CA PHE E 294 3.60 15.12 -3.06
C PHE E 294 2.94 16.36 -2.48
N GLN E 295 1.89 16.25 -1.68
CA GLN E 295 1.33 17.43 -1.08
C GLN E 295 0.94 17.10 0.32
N ASN E 296 0.82 18.12 1.12
CA ASN E 296 0.50 17.92 2.50
C ASN E 296 -0.64 18.85 2.88
N VAL E 297 -1.39 19.37 1.91
CA VAL E 297 -2.45 20.29 2.25
C VAL E 297 -3.64 19.53 2.79
N ASN E 298 -4.20 18.56 2.06
CA ASN E 298 -5.34 17.80 2.58
C ASN E 298 -5.40 16.44 1.88
N LYS E 299 -5.86 15.39 2.58
CA LYS E 299 -5.96 14.04 2.04
C LYS E 299 -7.17 13.89 1.14
N ILE E 300 -8.04 14.90 1.08
CA ILE E 300 -9.21 14.91 0.21
C ILE E 300 -8.85 15.68 -1.03
N THR E 301 -8.90 15.09 -2.19
CA THR E 301 -8.58 15.86 -3.36
C THR E 301 -9.56 15.47 -4.44
N TYR E 302 -9.63 16.28 -5.51
CA TYR E 302 -10.39 15.98 -6.72
C TYR E 302 -9.53 16.48 -7.86
N GLY E 303 -9.31 15.75 -8.96
CA GLY E 303 -8.55 16.30 -10.09
C GLY E 303 -7.14 15.74 -10.18
N ALA E 304 -6.24 16.33 -10.98
CA ALA E 304 -4.85 15.85 -11.10
C ALA E 304 -4.04 16.40 -9.95
N CYS E 305 -3.87 15.68 -8.84
CA CYS E 305 -3.27 16.25 -7.65
C CYS E 305 -2.04 15.51 -7.17
N PRO E 306 -1.15 16.13 -6.37
CA PRO E 306 0.02 15.43 -5.83
C PRO E 306 -0.42 14.36 -4.81
N LYS E 307 0.41 13.35 -4.51
CA LYS E 307 0.03 12.32 -3.59
C LYS E 307 0.18 12.88 -2.18
N TYR E 308 -0.88 12.84 -1.37
CA TYR E 308 -0.84 13.31 0.01
C TYR E 308 0.13 12.53 0.85
N VAL E 309 0.90 13.23 1.66
CA VAL E 309 1.97 12.63 2.42
C VAL E 309 1.97 13.26 3.82
N LYS E 310 2.45 12.52 4.82
CA LYS E 310 2.48 13.03 6.18
C LYS E 310 3.55 14.10 6.30
N GLN E 311 4.69 13.99 5.62
CA GLN E 311 5.78 14.95 5.69
C GLN E 311 5.40 16.34 5.22
N ASN E 312 5.92 17.43 5.76
CA ASN E 312 5.56 18.71 5.13
C ASN E 312 6.71 19.29 4.36
N THR E 313 7.88 18.69 4.39
CA THR E 313 8.94 19.15 3.54
C THR E 313 9.79 17.95 3.17
N LEU E 314 10.16 17.82 1.90
CA LEU E 314 11.07 16.82 1.42
C LEU E 314 11.87 17.44 0.28
N LYS E 315 13.14 17.75 0.56
CA LYS E 315 14.01 18.40 -0.41
C LYS E 315 14.86 17.44 -1.18
N LEU E 316 14.81 17.57 -2.49
CA LEU E 316 15.58 16.76 -3.39
C LEU E 316 16.84 17.52 -3.76
N ALA E 317 18.02 17.00 -3.46
CA ALA E 317 19.27 17.66 -3.81
C ALA E 317 19.37 17.85 -5.29
N THR E 318 19.66 19.06 -5.76
CA THR E 318 19.89 19.27 -7.17
C THR E 318 21.29 19.82 -7.34
N GLY E 319 22.25 19.46 -6.49
CA GLY E 319 23.62 19.92 -6.64
C GLY E 319 24.53 19.09 -5.78
N MET E 320 25.82 19.28 -5.95
CA MET E 320 26.85 18.57 -5.21
C MET E 320 26.87 18.94 -3.75
N ARG E 321 27.75 18.30 -2.99
CA ARG E 321 27.91 18.65 -1.60
C ARG E 321 28.56 20.02 -1.50
N ASN E 322 28.13 20.85 -0.55
CA ASN E 322 28.68 22.19 -0.38
C ASN E 322 29.87 22.13 0.55
N VAL E 323 31.09 22.33 0.09
CA VAL E 323 32.25 22.34 0.97
C VAL E 323 32.86 23.73 0.80
N PRO E 324 32.41 24.78 1.49
CA PRO E 324 32.88 26.15 1.33
C PRO E 324 34.26 26.46 1.86
N GLU E 325 34.70 27.61 1.41
CA GLU E 325 36.02 28.08 1.74
C GLU E 325 36.08 28.60 3.16
N LYS E 326 35.13 29.45 3.53
CA LYS E 326 35.18 29.95 4.87
C LYS E 326 34.37 29.05 5.78
N GLN E 327 33.03 29.15 5.75
CA GLN E 327 32.10 28.56 6.71
C GLN E 327 30.70 28.70 6.12
N THR E 328 29.78 28.14 6.89
CA THR E 328 28.36 28.08 6.62
C THR E 328 27.71 28.05 8.01
N GLY F 1 32.10 11.49 -1.34
CA GLY F 1 31.12 10.40 -1.32
C GLY F 1 31.85 9.16 -1.78
N LEU F 2 31.35 8.41 -2.77
CA LEU F 2 32.00 7.14 -3.09
C LEU F 2 33.36 7.28 -3.71
N PHE F 3 33.66 8.38 -4.37
CA PHE F 3 34.95 8.47 -5.05
C PHE F 3 35.93 9.26 -4.21
N GLY F 4 35.45 10.05 -3.27
CA GLY F 4 36.36 10.76 -2.40
C GLY F 4 37.14 11.88 -3.09
N ALA F 5 36.59 12.49 -4.15
CA ALA F 5 37.19 13.65 -4.74
C ALA F 5 36.59 14.79 -3.98
N ILE F 6 35.29 15.09 -4.13
CA ILE F 6 34.62 16.20 -3.44
C ILE F 6 34.59 15.88 -1.97
N ALA F 7 34.96 16.88 -1.17
CA ALA F 7 35.06 16.76 0.26
C ALA F 7 35.97 15.59 0.58
N GLY F 8 36.93 15.32 -0.30
CA GLY F 8 37.83 14.21 -0.20
C GLY F 8 39.21 14.73 -0.54
N PHE F 9 39.87 14.20 -1.58
CA PHE F 9 41.20 14.66 -1.87
C PHE F 9 41.21 16.10 -2.33
N ILE F 10 40.07 16.61 -2.77
CA ILE F 10 39.96 18.01 -3.09
C ILE F 10 39.40 18.61 -1.80
N GLU F 11 40.25 19.30 -1.06
CA GLU F 11 39.93 19.90 0.23
C GLU F 11 38.63 20.68 0.35
N ASN F 12 38.32 21.59 -0.56
CA ASN F 12 37.07 22.33 -0.49
C ASN F 12 36.75 22.95 -1.81
N GLY F 13 35.56 23.48 -1.98
CA GLY F 13 35.11 24.07 -3.22
C GLY F 13 35.57 25.51 -3.33
N TRP F 14 35.38 26.10 -4.50
CA TRP F 14 35.73 27.46 -4.77
C TRP F 14 34.46 28.24 -4.80
N GLU F 15 34.20 29.12 -3.81
CA GLU F 15 32.99 29.94 -3.83
C GLU F 15 33.10 30.93 -4.97
N GLY F 16 34.32 31.20 -5.41
CA GLY F 16 34.53 32.12 -6.50
C GLY F 16 34.23 31.60 -7.89
N MET F 17 34.01 30.29 -8.08
CA MET F 17 33.77 29.81 -9.44
C MET F 17 32.30 30.02 -9.74
N ILE F 18 31.99 30.96 -10.60
CA ILE F 18 30.60 31.28 -10.79
C ILE F 18 30.10 30.87 -12.14
N ASP F 19 31.01 30.47 -13.00
CA ASP F 19 30.72 30.19 -14.37
C ASP F 19 30.57 28.71 -14.67
N GLY F 20 30.59 27.83 -13.65
CA GLY F 20 30.42 26.41 -13.89
C GLY F 20 30.61 25.65 -12.60
N TRP F 21 30.35 24.34 -12.61
CA TRP F 21 30.42 23.57 -11.38
C TRP F 21 31.80 22.99 -11.15
N TYR F 22 32.56 22.68 -12.19
CA TYR F 22 33.86 22.07 -12.01
C TYR F 22 34.80 22.90 -12.85
N GLY F 23 36.08 22.97 -12.55
CA GLY F 23 36.95 23.80 -13.35
C GLY F 23 38.39 23.77 -12.86
N PHE F 24 39.19 24.64 -13.46
CA PHE F 24 40.62 24.70 -13.26
C PHE F 24 41.09 26.04 -12.71
N ARG F 25 42.24 25.99 -12.01
CA ARG F 25 42.98 27.13 -11.45
C ARG F 25 44.44 26.85 -11.69
N HIS F 26 45.20 27.79 -12.24
CA HIS F 26 46.58 27.50 -12.58
C HIS F 26 47.52 28.60 -12.17
N GLN F 27 48.80 28.27 -12.06
CA GLN F 27 49.81 29.25 -11.78
C GLN F 27 50.98 28.91 -12.66
N ASN F 28 51.30 29.73 -13.64
CA ASN F 28 52.44 29.50 -14.51
C ASN F 28 53.29 30.77 -14.54
N SER F 29 54.39 30.76 -15.30
CA SER F 29 55.33 31.88 -15.42
C SER F 29 54.79 33.11 -16.12
N GLU F 30 53.53 33.06 -16.52
CA GLU F 30 52.91 34.15 -17.19
C GLU F 30 51.81 34.68 -16.26
N GLY F 31 51.32 33.87 -15.29
CA GLY F 31 50.31 34.35 -14.37
C GLY F 31 49.54 33.28 -13.66
N THR F 32 48.36 33.64 -13.16
CA THR F 32 47.47 32.72 -12.50
C THR F 32 46.11 32.89 -13.14
N GLY F 33 45.24 31.87 -13.18
CA GLY F 33 43.90 32.03 -13.73
C GLY F 33 42.94 30.96 -13.22
N GLN F 34 41.67 31.14 -13.57
CA GLN F 34 40.63 30.19 -13.20
C GLN F 34 39.72 30.00 -14.42
N ALA F 35 39.13 28.85 -14.67
CA ALA F 35 38.25 28.69 -15.81
C ALA F 35 37.29 27.56 -15.50
N ALA F 36 35.96 27.69 -15.69
CA ALA F 36 35.06 26.57 -15.45
C ALA F 36 35.23 25.57 -16.55
N ASP F 37 34.93 24.30 -16.30
CA ASP F 37 34.98 23.27 -17.31
C ASP F 37 33.54 23.05 -17.69
N LEU F 38 33.18 23.27 -18.94
CA LEU F 38 31.77 23.18 -19.26
C LEU F 38 31.27 21.82 -19.58
N LYS F 39 32.12 20.89 -20.00
CA LYS F 39 31.62 19.57 -20.32
C LYS F 39 31.23 18.79 -19.08
N SER F 40 32.03 18.80 -18.01
CA SER F 40 31.66 18.10 -16.83
C SER F 40 30.53 18.84 -16.13
N THR F 41 30.47 20.17 -16.19
CA THR F 41 29.34 20.85 -15.63
C THR F 41 28.05 20.44 -16.33
N GLN F 42 28.07 20.31 -17.66
CA GLN F 42 26.87 19.90 -18.36
C GLN F 42 26.54 18.44 -18.05
N ALA F 43 27.51 17.54 -17.97
CA ALA F 43 27.25 16.16 -17.60
C ALA F 43 26.55 16.05 -16.27
N ALA F 44 27.10 16.71 -15.24
CA ALA F 44 26.47 16.70 -13.94
C ALA F 44 25.07 17.31 -14.04
N ILE F 45 24.90 18.47 -14.66
CA ILE F 45 23.59 19.11 -14.73
C ILE F 45 22.58 18.28 -15.47
N ASP F 46 22.91 17.72 -16.62
CA ASP F 46 21.97 16.92 -17.38
C ASP F 46 21.47 15.73 -16.61
N GLN F 47 22.35 15.00 -15.91
CA GLN F 47 21.92 13.88 -15.07
C GLN F 47 20.98 14.32 -13.96
N ILE F 48 21.27 15.39 -13.24
CA ILE F 48 20.36 15.86 -12.22
C ILE F 48 19.05 16.31 -12.85
N ASN F 49 19.03 16.91 -14.04
CA ASN F 49 17.74 17.25 -14.62
C ASN F 49 16.98 16.01 -15.05
N GLY F 50 17.69 14.98 -15.47
CA GLY F 50 17.07 13.76 -15.89
C GLY F 50 16.30 13.13 -14.76
N LYS F 51 17.00 13.09 -13.63
CA LYS F 51 16.50 12.58 -12.38
C LYS F 51 15.30 13.41 -11.98
N LEU F 52 15.44 14.72 -12.06
CA LEU F 52 14.40 15.63 -11.67
C LEU F 52 13.13 15.44 -12.46
N ASN F 53 13.22 15.33 -13.77
CA ASN F 53 12.03 15.24 -14.58
C ASN F 53 11.30 13.94 -14.37
N ARG F 54 12.00 12.88 -14.02
CA ARG F 54 11.41 11.59 -13.82
C ARG F 54 10.53 11.71 -12.57
N VAL F 55 10.99 12.41 -11.54
CA VAL F 55 10.25 12.60 -10.30
C VAL F 55 9.04 13.47 -10.50
N ILE F 56 9.05 14.43 -11.40
CA ILE F 56 7.89 15.26 -11.61
C ILE F 56 6.95 14.76 -12.75
N GLU F 57 7.30 13.61 -13.36
CA GLU F 57 6.51 12.90 -14.38
C GLU F 57 5.17 12.49 -13.73
N LYS F 58 4.11 12.90 -14.45
CA LYS F 58 2.67 12.69 -14.21
C LYS F 58 2.08 12.51 -12.80
N THR F 59 1.38 13.56 -12.32
CA THR F 59 0.51 13.39 -11.16
C THR F 59 -0.68 12.64 -11.75
N ASN F 60 -1.07 11.51 -11.22
CA ASN F 60 -2.22 10.81 -11.76
C ASN F 60 -3.47 11.49 -11.20
N GLU F 61 -4.62 11.39 -11.85
CA GLU F 61 -5.78 12.10 -11.38
C GLU F 61 -6.85 11.19 -10.86
N LYS F 62 -7.57 11.63 -9.84
CA LYS F 62 -8.55 10.79 -9.22
C LYS F 62 -9.77 11.67 -9.00
N PHE F 63 -10.94 11.10 -9.20
CA PHE F 63 -12.20 11.82 -9.10
C PHE F 63 -13.01 11.32 -7.94
N HIS F 64 -14.17 10.64 -8.09
CA HIS F 64 -14.93 10.22 -6.91
C HIS F 64 -14.14 9.18 -6.14
N GLN F 65 -13.94 9.33 -4.82
CA GLN F 65 -13.16 8.35 -4.07
C GLN F 65 -13.96 7.89 -2.87
N ILE F 66 -13.46 7.85 -1.63
CA ILE F 66 -14.25 7.46 -0.49
C ILE F 66 -14.26 8.64 0.43
N GLU F 67 -15.19 8.72 1.39
CA GLU F 67 -15.18 9.80 2.36
C GLU F 67 -14.04 9.65 3.34
N LYS F 68 -13.42 10.76 3.70
CA LYS F 68 -12.26 10.70 4.57
C LYS F 68 -12.44 11.52 5.84
N GLU F 69 -13.62 12.05 6.07
CA GLU F 69 -13.95 12.83 7.24
C GLU F 69 -15.40 12.49 7.52
N PHE F 70 -15.74 12.25 8.80
CA PHE F 70 -17.07 11.75 9.18
C PHE F 70 -17.66 12.58 10.31
N SER F 71 -18.97 12.83 10.42
CA SER F 71 -19.44 13.60 11.56
C SER F 71 -20.17 12.80 12.61
N GLU F 72 -20.55 11.55 12.33
CA GLU F 72 -21.26 10.73 13.28
C GLU F 72 -20.39 9.53 13.59
N VAL F 73 -20.69 8.77 14.64
CA VAL F 73 -19.94 7.58 14.99
C VAL F 73 -20.69 6.43 14.40
N GLU F 74 -20.07 5.60 13.58
CA GLU F 74 -20.83 4.54 12.97
C GLU F 74 -20.31 3.14 13.26
N GLY F 75 -19.04 2.93 13.58
CA GLY F 75 -18.58 1.59 13.90
C GLY F 75 -17.88 0.90 12.74
N ARG F 76 -18.18 -0.37 12.55
CA ARG F 76 -17.45 -1.24 11.64
C ARG F 76 -17.14 -0.69 10.26
N ILE F 77 -18.10 -0.19 9.49
CA ILE F 77 -17.77 0.28 8.15
C ILE F 77 -16.91 1.54 8.18
N GLN F 78 -17.18 2.48 9.07
CA GLN F 78 -16.38 3.70 9.12
C GLN F 78 -14.97 3.39 9.61
N ASP F 79 -14.78 2.39 10.48
CA ASP F 79 -13.46 2.01 10.93
C ASP F 79 -12.58 1.56 9.77
N LEU F 80 -13.17 0.77 8.86
CA LEU F 80 -12.48 0.28 7.68
C LEU F 80 -12.21 1.44 6.74
N GLU F 81 -13.17 2.35 6.46
CA GLU F 81 -12.92 3.53 5.64
C GLU F 81 -11.75 4.32 6.16
N LYS F 82 -11.67 4.54 7.47
CA LYS F 82 -10.53 5.19 8.05
C LYS F 82 -9.27 4.36 7.90
N TYR F 83 -9.27 3.05 8.20
CA TYR F 83 -8.08 2.21 8.11
C TYR F 83 -7.54 2.14 6.69
N VAL F 84 -8.37 2.03 5.65
CA VAL F 84 -7.89 2.01 4.27
C VAL F 84 -7.08 3.26 4.00
N GLU F 85 -7.57 4.45 4.39
CA GLU F 85 -6.86 5.66 4.09
C GLU F 85 -5.61 5.81 4.94
N ASP F 86 -5.67 5.45 6.21
CA ASP F 86 -4.49 5.64 7.00
C ASP F 86 -3.42 4.71 6.54
N THR F 87 -3.76 3.48 6.08
CA THR F 87 -2.64 2.67 5.65
C THR F 87 -2.16 3.16 4.27
N LYS F 88 -3.02 3.73 3.42
CA LYS F 88 -2.58 4.29 2.15
C LYS F 88 -1.61 5.46 2.39
N ILE F 89 -1.97 6.44 3.22
CA ILE F 89 -1.06 7.54 3.56
C ILE F 89 0.28 7.08 4.12
N ASP F 90 0.36 6.19 5.13
CA ASP F 90 1.67 5.77 5.63
C ASP F 90 2.54 5.13 4.51
N LEU F 91 1.92 4.34 3.59
CA LEU F 91 2.66 3.70 2.53
C LEU F 91 3.16 4.77 1.58
N TRP F 92 2.34 5.73 1.15
CA TRP F 92 2.87 6.79 0.32
C TRP F 92 3.88 7.65 1.02
N SER F 93 3.81 7.85 2.34
CA SER F 93 4.82 8.63 3.06
C SER F 93 6.12 7.89 3.13
N TYR F 94 6.08 6.56 3.30
CA TYR F 94 7.28 5.76 3.34
C TYR F 94 7.97 5.93 2.02
N ASN F 95 7.20 5.83 0.95
CA ASN F 95 7.72 5.91 -0.40
C ASN F 95 8.41 7.20 -0.62
N ALA F 96 7.78 8.32 -0.28
CA ALA F 96 8.42 9.62 -0.48
C ALA F 96 9.73 9.75 0.33
N GLU F 97 9.73 9.33 1.58
CA GLU F 97 10.91 9.42 2.39
C GLU F 97 12.07 8.61 1.82
N LEU F 98 11.81 7.37 1.40
CA LEU F 98 12.85 6.52 0.83
C LEU F 98 13.31 7.07 -0.49
N LEU F 99 12.38 7.60 -1.31
CA LEU F 99 12.73 8.10 -2.62
C LEU F 99 13.71 9.22 -2.47
N VAL F 100 13.44 10.30 -1.71
CA VAL F 100 14.44 11.37 -1.69
C VAL F 100 15.72 10.86 -1.04
N ALA F 101 15.69 9.96 -0.03
CA ALA F 101 16.94 9.44 0.51
C ALA F 101 17.83 8.76 -0.53
N LEU F 102 17.30 7.84 -1.33
CA LEU F 102 18.09 7.17 -2.36
C LEU F 102 18.56 8.20 -3.36
N GLU F 103 17.63 8.99 -3.89
CA GLU F 103 17.94 10.02 -4.85
C GLU F 103 19.09 10.92 -4.42
N ASN F 104 19.04 11.47 -3.20
CA ASN F 104 20.02 12.42 -2.72
C ASN F 104 21.35 11.77 -2.53
N GLN F 105 21.33 10.55 -2.04
CA GLN F 105 22.55 9.81 -1.85
C GLN F 105 23.25 9.68 -3.19
N HIS F 106 22.49 9.30 -4.21
CA HIS F 106 23.01 9.12 -5.54
C HIS F 106 23.48 10.43 -6.14
N THR F 107 22.77 11.55 -5.96
CA THR F 107 23.23 12.82 -6.49
C THR F 107 24.58 13.20 -5.90
N ILE F 108 24.85 12.98 -4.63
CA ILE F 108 26.17 13.26 -4.10
C ILE F 108 27.18 12.32 -4.72
N ASP F 109 26.95 11.01 -4.91
CA ASP F 109 28.01 10.20 -5.51
C ASP F 109 28.20 10.49 -6.97
N LEU F 110 27.14 10.78 -7.70
CA LEU F 110 27.21 11.18 -9.10
C LEU F 110 28.11 12.41 -9.30
N THR F 111 27.89 13.49 -8.52
CA THR F 111 28.71 14.69 -8.65
C THR F 111 30.13 14.43 -8.17
N ASP F 112 30.35 13.53 -7.19
CA ASP F 112 31.67 13.15 -6.72
C ASP F 112 32.39 12.48 -7.86
N SER F 113 31.69 11.56 -8.50
CA SER F 113 32.12 10.89 -9.71
C SER F 113 32.53 11.85 -10.81
N GLU F 114 31.69 12.81 -11.24
CA GLU F 114 32.10 13.73 -12.30
C GLU F 114 33.36 14.49 -11.95
N MET F 115 33.52 14.91 -10.67
CA MET F 115 34.75 15.58 -10.26
C MET F 115 35.92 14.65 -10.49
N ASN F 116 35.83 13.43 -10.01
CA ASN F 116 36.91 12.49 -10.16
C ASN F 116 37.13 12.13 -11.61
N LYS F 117 36.11 12.04 -12.46
CA LYS F 117 36.33 11.73 -13.87
C LYS F 117 37.10 12.88 -14.50
N LEU F 118 36.79 14.15 -14.19
CA LEU F 118 37.53 15.28 -14.74
C LEU F 118 38.98 15.19 -14.35
N PHE F 119 39.23 14.84 -13.10
CA PHE F 119 40.59 14.70 -12.64
C PHE F 119 41.27 13.64 -13.47
N GLU F 120 40.73 12.43 -13.55
CA GLU F 120 41.35 11.32 -14.28
C GLU F 120 41.63 11.60 -15.72
N LYS F 121 40.75 12.36 -16.34
CA LYS F 121 40.87 12.74 -17.73
C LYS F 121 42.08 13.63 -17.89
N THR F 122 42.21 14.67 -17.05
CA THR F 122 43.34 15.56 -17.09
C THR F 122 44.62 14.79 -16.80
N ARG F 123 44.62 13.86 -15.87
CA ARG F 123 45.80 13.04 -15.56
C ARG F 123 46.31 12.31 -16.80
N ARG F 124 45.40 11.56 -17.40
CA ARG F 124 45.67 10.79 -18.59
C ARG F 124 46.31 11.57 -19.71
N GLN F 125 45.88 12.81 -19.84
CA GLN F 125 46.30 13.72 -20.90
C GLN F 125 47.72 14.25 -20.70
N LEU F 126 48.05 14.64 -19.47
CA LEU F 126 49.35 15.16 -19.17
C LEU F 126 50.40 14.07 -19.26
N ARG F 127 50.00 12.81 -19.30
CA ARG F 127 50.93 11.69 -19.43
C ARG F 127 52.17 11.76 -18.55
N GLU F 128 53.40 11.62 -19.06
CA GLU F 128 54.57 11.60 -18.21
C GLU F 128 55.11 12.97 -17.86
N ASN F 129 54.36 14.05 -18.13
CA ASN F 129 54.88 15.39 -18.00
C ASN F 129 54.47 16.08 -16.72
N ALA F 130 53.63 15.45 -15.91
CA ALA F 130 53.14 16.12 -14.73
C ALA F 130 53.08 15.12 -13.61
N GLU F 131 53.10 15.62 -12.40
CA GLU F 131 52.92 14.73 -11.25
C GLU F 131 51.75 15.19 -10.41
N GLU F 132 51.10 14.24 -9.77
CA GLU F 132 49.96 14.58 -8.93
C GLU F 132 50.42 14.99 -7.56
N MET F 133 50.11 16.22 -7.18
CA MET F 133 50.48 16.68 -5.88
C MET F 133 49.59 16.08 -4.81
N GLY F 134 48.53 15.36 -5.21
CA GLY F 134 47.67 14.64 -4.29
C GLY F 134 46.51 15.43 -3.71
N ASN F 135 46.42 16.72 -3.99
CA ASN F 135 45.34 17.55 -3.49
C ASN F 135 44.51 17.98 -4.68
N GLY F 136 44.51 17.22 -5.77
CA GLY F 136 43.76 17.63 -6.94
C GLY F 136 44.52 18.62 -7.80
N CYS F 137 45.79 18.94 -7.49
CA CYS F 137 46.61 19.78 -8.35
C CYS F 137 47.72 18.97 -8.99
N PHE F 138 47.99 19.17 -10.27
CA PHE F 138 49.13 18.59 -10.91
C PHE F 138 50.26 19.62 -10.94
N LYS F 139 51.47 19.16 -10.75
CA LYS F 139 52.69 19.94 -10.96
C LYS F 139 53.16 19.64 -12.39
N ILE F 140 53.06 20.59 -13.35
CA ILE F 140 53.46 20.35 -14.73
C ILE F 140 54.95 20.63 -14.83
N TYR F 141 55.81 19.66 -15.09
CA TYR F 141 57.25 19.87 -15.14
C TYR F 141 57.81 20.40 -16.46
N HIS F 142 57.21 21.41 -17.05
CA HIS F 142 57.76 21.99 -18.25
C HIS F 142 57.19 23.40 -18.34
N LYS F 143 57.79 24.31 -19.10
CA LYS F 143 57.28 25.67 -19.21
C LYS F 143 55.94 25.60 -19.90
N CYS F 144 54.88 26.06 -19.25
CA CYS F 144 53.57 25.97 -19.85
C CYS F 144 52.85 27.29 -19.79
N ASP F 145 52.90 28.05 -20.88
CA ASP F 145 52.26 29.36 -20.94
C ASP F 145 50.74 29.22 -21.01
N ASN F 146 50.06 30.34 -21.11
CA ASN F 146 48.63 30.31 -21.08
C ASN F 146 48.00 29.56 -22.25
N ALA F 147 48.65 29.46 -23.40
CA ALA F 147 48.05 28.71 -24.49
C ALA F 147 48.22 27.25 -24.20
N CYS F 148 49.32 26.91 -23.54
CA CYS F 148 49.51 25.55 -23.10
C CYS F 148 48.44 25.19 -22.09
N ILE F 149 48.18 26.01 -21.07
CA ILE F 149 47.12 25.74 -20.12
C ILE F 149 45.79 25.62 -20.86
N GLU F 150 45.50 26.46 -21.87
CA GLU F 150 44.29 26.36 -22.63
C GLU F 150 44.19 25.04 -23.37
N SER F 151 45.27 24.53 -23.95
CA SER F 151 45.18 23.28 -24.66
C SER F 151 44.89 22.12 -23.74
N ILE F 152 45.36 22.13 -22.48
CA ILE F 152 45.02 21.08 -21.52
C ILE F 152 43.53 21.12 -21.23
N ARG F 153 43.02 22.32 -20.95
CA ARG F 153 41.63 22.52 -20.64
C ARG F 153 40.76 22.14 -21.82
N ASN F 154 41.02 22.64 -23.04
CA ASN F 154 40.17 22.28 -24.17
C ASN F 154 40.53 20.92 -24.76
N GLY F 155 41.44 20.19 -24.14
CA GLY F 155 41.67 18.82 -24.50
C GLY F 155 42.51 18.56 -25.73
N THR F 156 43.33 19.51 -26.15
CA THR F 156 44.15 19.28 -27.30
C THR F 156 45.62 19.20 -26.91
N TYR F 157 45.99 19.09 -25.64
CA TYR F 157 47.39 19.11 -25.25
C TYR F 157 48.18 17.93 -25.80
N ASP F 158 49.33 18.20 -26.41
CA ASP F 158 50.18 17.15 -26.93
C ASP F 158 51.33 16.92 -25.98
N HIS F 159 51.33 15.78 -25.32
CA HIS F 159 52.35 15.52 -24.34
C HIS F 159 53.68 15.37 -25.00
N ASP F 160 53.76 14.83 -26.22
CA ASP F 160 55.02 14.57 -26.87
C ASP F 160 55.83 15.82 -27.06
N VAL F 161 55.14 16.92 -27.41
CA VAL F 161 55.74 18.22 -27.61
C VAL F 161 56.60 18.61 -26.42
N TYR F 162 56.25 18.21 -25.20
CA TYR F 162 57.03 18.63 -24.06
C TYR F 162 57.66 17.47 -23.31
N ARG F 163 57.56 16.25 -23.81
CA ARG F 163 58.02 15.12 -23.06
C ARG F 163 59.49 15.15 -22.67
N ASP F 164 60.46 15.44 -23.55
CA ASP F 164 61.88 15.42 -23.15
C ASP F 164 62.17 16.55 -22.18
N GLU F 165 61.54 17.72 -22.37
CA GLU F 165 61.70 18.84 -21.44
C GLU F 165 61.23 18.42 -20.05
N ALA F 166 60.02 17.89 -19.98
CA ALA F 166 59.43 17.45 -18.74
C ALA F 166 60.18 16.33 -18.12
N LEU F 167 60.52 15.28 -18.85
CA LEU F 167 61.22 14.14 -18.26
C LEU F 167 62.57 14.53 -17.71
N ASN F 168 63.24 15.47 -18.37
CA ASN F 168 64.50 15.96 -17.85
C ASN F 168 64.33 16.65 -16.49
N ASN F 169 63.42 17.63 -16.47
CA ASN F 169 63.08 18.43 -15.28
C ASN F 169 62.62 17.56 -14.12
N ARG F 170 61.87 16.53 -14.44
CA ARG F 170 61.21 15.71 -13.46
C ARG F 170 62.08 14.65 -12.87
N PHE F 171 62.90 14.02 -13.69
CA PHE F 171 63.70 12.95 -13.15
C PHE F 171 65.12 13.41 -12.93
N GLN F 172 65.91 13.54 -14.00
CA GLN F 172 67.34 13.79 -13.91
C GLN F 172 67.84 14.49 -12.65
N ILE F 173 67.55 15.80 -12.50
CA ILE F 173 67.98 16.60 -11.34
C ILE F 173 69.31 16.22 -10.68
N LYS F 174 69.37 15.25 -9.76
CA LYS F 174 70.64 14.87 -9.15
C LYS F 174 70.51 13.55 -8.39
N GLY F 175 69.56 12.71 -8.78
CA GLY F 175 69.35 11.44 -8.15
C GLY F 175 68.65 10.52 -9.13
C1 NAG G . -44.58 13.11 22.83
C2 NAG G . -45.62 14.16 22.47
C3 NAG G . -44.96 15.31 21.74
C4 NAG G . -43.85 15.86 22.62
C5 NAG G . -42.88 14.78 23.00
C6 NAG G . -41.84 15.27 23.95
C7 NAG G . -47.81 13.13 22.02
C8 NAG G . -48.82 12.70 20.98
N2 NAG G . -46.66 13.64 21.59
O3 NAG G . -45.90 16.33 21.43
O4 NAG G . -43.11 16.86 21.90
O5 NAG G . -43.57 13.70 23.64
O6 NAG G . -42.49 15.61 25.16
O7 NAG G . -48.03 12.98 23.23
H1 NAG G . -44.07 12.70 21.94
H2 NAG G . -46.07 14.55 23.40
H3 NAG G . -44.51 14.96 20.79
H4 NAG G . -44.30 16.29 23.53
H5 NAG G . -42.38 14.39 22.09
H61 NAG G . -41.28 16.11 23.55
H62 NAG G . -41.16 14.43 24.08
H81 NAG G . -48.47 12.93 19.97
H82 NAG G . -49.78 13.22 21.16
H83 NAG G . -48.99 11.62 21.05
HN2 NAG G . -46.53 13.75 20.63
HO3 NAG G . -45.40 17.06 21.04
HO6 NAG G . -43.08 14.86 25.38
C1 NAG G . -43.32 18.23 22.21
C2 NAG G . -42.29 19.07 21.48
C3 NAG G . -42.53 20.53 21.76
C4 NAG G . -43.95 20.82 21.35
C5 NAG G . -44.95 19.96 22.10
C6 NAG G . -46.41 20.22 21.73
C7 NAG G . -40.18 17.81 21.33
C8 NAG G . -38.81 17.57 21.92
N2 NAG G . -40.94 18.74 21.91
O3 NAG G . -41.59 21.32 21.08
O4 NAG G . -44.30 22.17 21.63
O5 NAG G . -44.63 18.61 21.82
O6 NAG G . -46.60 19.98 20.36
O7 NAG G . -40.56 17.20 20.33
H1 NAG G . -43.20 18.33 23.31
H2 NAG G . -42.42 18.89 20.41
H3 NAG G . -42.43 20.73 22.84
H4 NAG G . -44.07 20.62 20.27
H5 NAG G . -44.84 20.13 23.18
H61 NAG G . -46.70 21.25 21.99
H62 NAG G . -47.07 19.55 22.33
H81 NAG G . -38.91 17.09 22.90
H82 NAG G . -38.27 18.52 22.05
H83 NAG G . -38.23 16.90 21.27
HN2 NAG G . -40.55 19.30 22.61
HO3 NAG G . -41.85 22.24 21.17
HO6 NAG G . -47.10 19.17 20.23
C1 BMA G . -44.27 23.12 20.63
C2 BMA G . -45.19 24.19 21.16
C3 BMA G . -45.22 25.30 20.14
C4 BMA G . -43.81 25.81 19.85
C5 BMA G . -42.80 24.67 19.58
C6 BMA G . -41.37 25.18 19.73
O2 BMA G . -44.69 24.64 22.42
O3 BMA G . -46.00 26.36 20.61
O4 BMA G . -43.89 26.63 18.70
O5 BMA G . -42.96 23.62 20.53
O6 BMA G . -41.16 25.58 21.07
H1 BMA G . -44.67 22.72 19.69
H2 BMA G . -46.21 23.78 21.27
H3 BMA G . -45.66 24.92 19.20
H4 BMA G . -43.48 26.42 20.71
H5 BMA G . -42.95 24.28 18.57
H61 BMA G . -41.20 26.02 19.05
H62 BMA G . -40.65 24.39 19.46
HO2 BMA G . -43.77 24.35 22.45
HO3 BMA G . -45.83 26.38 21.58
HO4 BMA G . -44.66 27.21 18.85
HO6 BMA G . -40.71 26.42 21.10
C1 NAG H . -40.43 -24.99 20.41
C2 NAG H . -40.89 -25.14 21.84
C3 NAG H . -39.70 -25.07 22.76
C4 NAG H . -38.71 -26.13 22.35
C5 NAG H . -38.33 -25.96 20.90
C6 NAG H . -37.43 -27.07 20.44
C7 NAG H . -43.14 -24.20 22.19
C8 NAG H . -43.96 -23.05 22.74
N2 NAG H . -41.80 -24.09 22.26
O3 NAG H . -40.08 -25.23 24.11
O4 NAG H . -37.51 -26.00 23.11
O5 NAG H . -39.51 -25.99 20.10
O6 NAG H . -38.13 -28.30 20.51
O7 NAG H . -43.68 -25.18 21.65
H1 NAG H . -39.92 -24.03 20.23
H2 NAG H . -41.36 -26.12 21.97
H3 NAG H . -39.21 -24.08 22.67
H4 NAG H . -39.17 -27.13 22.48
H5 NAG H . -37.81 -25.00 20.76
H61 NAG H . -36.50 -27.11 21.02
H62 NAG H . -37.18 -26.81 19.40
H81 NAG H . -43.32 -22.25 23.13
H82 NAG H . -44.61 -23.42 23.55
H83 NAG H . -44.60 -22.63 21.95
HN2 NAG H . -41.41 -23.29 22.66
HO3 NAG H . -39.26 -25.28 24.61
HO6 NAG H . -37.85 -28.90 19.81
C1 NAG H . -37.25 -26.92 24.16
C2 NAG H . -35.84 -26.72 24.68
C3 NAG H . -35.58 -27.65 25.85
C4 NAG H . -36.65 -27.40 26.90
C5 NAG H . -38.04 -27.61 26.33
C6 NAG H . -39.18 -27.38 27.33
C7 NAG H . -34.38 -26.06 22.85
C8 NAG H . -33.38 -26.50 21.80
N2 NAG H . -34.85 -26.98 23.66
O3 NAG H . -34.27 -27.45 26.34
O4 NAG H . -36.52 -28.26 28.01
O5 NAG H . -38.19 -26.73 25.22
O6 NAG H . -39.12 -26.05 27.79
O7 NAG H . -34.71 -24.87 22.94
H1 NAG H . -37.38 -27.94 23.73
H2 NAG H . -35.77 -25.68 25.05
H3 NAG H . -35.66 -28.70 25.50
H4 NAG H . -36.59 -26.35 27.23
H5 NAG H . -38.14 -28.65 25.96
H61 NAG H . -39.09 -28.08 28.17
H62 NAG H . -40.15 -27.57 26.84
H81 NAG H . -33.89 -26.64 20.84
H82 NAG H . -32.88 -27.43 22.08
H83 NAG H . -32.61 -25.71 21.67
HN2 NAG H . -34.45 -27.87 23.64
HO3 NAG H . -34.14 -28.02 27.11
HO6 NAG H . -39.46 -25.47 27.10
C1 BMA H . -35.70 -27.91 29.13
C2 BMA H . -36.24 -28.79 30.23
C3 BMA H . -35.43 -28.57 31.50
C4 BMA H . -33.95 -28.81 31.24
C5 BMA H . -33.45 -28.07 30.01
C6 BMA H . -32.05 -28.62 29.63
O2 BMA H . -36.14 -30.15 29.83
O3 BMA H . -35.89 -29.50 32.47
O4 BMA H . -33.25 -28.34 32.37
O5 BMA H . -34.34 -28.30 28.90
O6 BMA H . -32.17 -29.90 29.08
H1 BMA H . -35.82 -26.84 29.34
H2 BMA H . -37.29 -28.50 30.42
H3 BMA H . -35.58 -27.54 31.85
H4 BMA H . -33.77 -29.89 31.13
H5 BMA H . -33.37 -26.99 30.22
H61 BMA H . -31.40 -28.65 30.52
H62 BMA H . -31.56 -27.94 28.92
HO2 BMA H . -35.74 -30.14 28.96
HO3 BMA H . -36.12 -30.30 31.97
HO4 BMA H . -33.67 -28.75 33.13
HO6 BMA H . -32.89 -29.89 28.44
C1 NAG I . -50.42 -4.81 -10.89
C2 NAG I . -51.22 -5.97 -11.43
C3 NAG I . -50.35 -6.84 -12.30
C4 NAG I . -49.76 -5.99 -13.39
C5 NAG I . -49.02 -4.81 -12.80
C6 NAG I . -48.53 -3.89 -13.87
C7 NAG I . -52.96 -6.66 -9.85
C8 NAG I . -53.41 -7.67 -8.81
N2 NAG I . -51.77 -6.82 -10.39
O3 NAG I . -51.09 -7.91 -12.85
O4 NAG I . -48.81 -6.76 -14.14
O5 NAG I . -49.87 -4.06 -11.96
O6 NAG I . -49.63 -3.32 -14.54
O7 NAG I . -53.69 -5.72 -10.17
H1 NAG I . -49.56 -5.15 -10.27
H2 NAG I . -52.04 -5.57 -12.06
H3 NAG I . -49.53 -7.26 -11.70
H4 NAG I . -50.56 -5.62 -14.04
H5 NAG I . -48.14 -5.17 -12.23
H61 NAG I . -47.87 -4.40 -14.59
H62 NAG I . -47.94 -3.12 -13.36
H81 NAG I . -52.59 -8.34 -8.54
H82 NAG I . -54.25 -8.27 -9.19
H83 NAG I . -53.74 -7.15 -7.90
HN2 NAG I . -51.23 -7.59 -10.13
HO3 NAG I . -50.50 -8.35 -13.49
HO6 NAG I . -50.29 -3.10 -13.86
C1 NAG I . -49.17 -7.23 -15.43
C2 NAG I . -47.95 -7.81 -16.11
C3 NAG I . -48.34 -8.37 -17.46
C4 NAG I . -49.45 -9.38 -17.21
C5 NAG I . -50.64 -8.74 -16.54
C6 NAG I . -51.78 -9.71 -16.28
C7 NAG I . -45.95 -6.56 -15.42
C8 NAG I . -44.96 -5.45 -15.77
N2 NAG I . -46.91 -6.81 -16.30
O3 NAG I . -47.22 -8.94 -18.11
O4 NAG I . -49.88 -9.95 -18.45
O5 NAG I . -50.19 -8.22 -15.31
O6 NAG I . -51.33 -10.75 -15.46
O7 NAG I . -45.81 -7.20 -14.38
H1 NAG I . -49.56 -6.34 -15.99
H2 NAG I . -47.58 -8.63 -15.48
H3 NAG I . -48.73 -7.55 -18.09
H4 NAG I . -49.10 -10.16 -16.52
H5 NAG I . -51.03 -7.91 -17.16
H61 NAG I . -52.16 -10.12 -17.24
H62 NAG I . -52.62 -9.18 -15.82
H81 NAG I . -45.32 -4.49 -15.34
H82 NAG I . -44.85 -5.33 -16.85
H83 NAG I . -43.98 -5.67 -15.32
HN2 NAG I . -46.91 -6.34 -17.15
HO3 NAG I . -47.51 -9.23 -18.98
HO6 NAG I . -51.41 -10.46 -14.54
C1 BMA I . -49.08 -11.04 -18.89
C2 BMA I . -50.04 -12.12 -19.26
C3 BMA I . -49.28 -13.30 -19.79
C4 BMA I . -48.42 -12.79 -20.96
C5 BMA I . -47.46 -11.67 -20.53
C6 BMA I . -46.56 -11.14 -21.63
O2 BMA I . -50.94 -11.66 -20.26
O3 BMA I . -50.23 -14.28 -20.19
O4 BMA I . -47.65 -13.86 -21.42
O5 BMA I . -48.28 -10.62 -20.01
O6 BMA I . -45.63 -10.22 -21.08
H1 BMA I . -48.40 -11.40 -18.10
H2 BMA I . -50.59 -12.42 -18.34
H3 BMA I . -48.62 -13.73 -19.04
H4 BMA I . -49.07 -12.43 -21.79
H5 BMA I . -46.81 -12.06 -19.74
H61 BMA I . -47.15 -10.67 -22.43
H62 BMA I . -46.02 -11.98 -22.10
HO2 BMA I . -51.03 -10.71 -20.10
HO3 BMA I . -51.00 -13.79 -20.50
HO4 BMA I . -48.27 -14.61 -21.52
HO6 BMA I . -46.06 -9.76 -20.36
C1 NAG J . 27.38 -5.42 14.88
C2 NAG J . 28.31 -5.02 15.98
C3 NAG J . 27.51 -4.59 17.18
C4 NAG J . 26.59 -3.42 16.82
C5 NAG J . 25.71 -3.82 15.57
C6 NAG J . 25.00 -2.59 14.99
C7 NAG J . 30.52 -5.96 16.49
C8 NAG J . 31.32 -7.18 16.92
N2 NAG J . 29.19 -6.11 16.35
O3 NAG J . 28.36 -4.21 18.26
O4 NAG J . 25.82 -3.10 17.98
O5 NAG J . 26.54 -4.33 14.51
O6 NAG J . 25.97 -1.74 14.39
O7 NAG J . 31.09 -4.88 16.25
H1 NAG J . 26.70 -6.25 15.17
H2 NAG J . 28.88 -4.14 15.61
H3 NAG J . 26.88 -5.43 17.52
H4 NAG J . 27.22 -2.54 16.56
H5 NAG J . 24.97 -4.58 15.87
H61 NAG J . 24.48 -2.05 15.81
H62 NAG J . 24.23 -2.91 14.27
H81 NAG J . 31.78 -7.65 16.03
H82 NAG J . 30.68 -7.93 17.42
H83 NAG J . 32.12 -6.89 17.60
HN2 NAG J . 28.80 -7.01 16.44
HO3 NAG J . 29.22 -3.92 17.90
HO4 NAG J . 26.44 -3.09 18.72
HO6 NAG J . 26.65 -2.31 14.02
C1 NAG K . -20.53 7.13 37.93
C2 NAG K . -21.14 7.03 39.30
C3 NAG K . -22.24 8.04 39.39
C4 NAG K . -21.67 9.46 39.23
C5 NAG K . -21.06 9.54 37.83
C6 NAG K . -20.44 10.95 37.51
C7 NAG K . -20.91 4.74 40.10
C8 NAG K . -21.57 3.38 40.33
N2 NAG K . -21.66 5.71 39.60
O3 NAG K . -22.96 7.95 40.60
O4 NAG K . -22.67 10.46 39.44
O5 NAG K . -20.04 8.48 37.75
O6 NAG K . -19.63 11.47 38.56
O7 NAG K . -19.70 4.90 40.33
H1 NAG K . -21.23 6.93 37.11
H2 NAG K . -20.38 7.30 40.06
H3 NAG K . -22.97 7.87 38.58
H4 NAG K . -20.88 9.62 39.97
H5 NAG K . -21.82 9.32 37.06
H61 NAG K . -21.26 11.66 37.32
H62 NAG K . -19.86 10.88 36.57
H81 NAG K . -22.32 3.18 39.56
H82 NAG K . -22.04 3.38 41.32
H83 NAG K . -20.80 2.59 40.32
HN2 NAG K . -22.64 5.63 39.62
HO3 NAG K . -23.37 8.82 40.72
HO4 NAG K . -22.22 11.30 39.51
HO6 NAG K . -18.71 11.21 38.39
C1 NAG L . 1.57 -15.01 18.34
C2 NAG L . 2.45 -16.20 17.93
C3 NAG L . 1.85 -16.82 16.68
C4 NAG L . 0.40 -17.28 16.97
C5 NAG L . -0.40 -15.99 17.30
C6 NAG L . -1.88 -16.21 17.63
C7 NAG L . 4.70 -15.58 18.64
C8 NAG L . 6.10 -15.07 18.36
N2 NAG L . 3.81 -15.73 17.65
O3 NAG L . 2.62 -17.94 16.22
O4 NAG L . -0.08 -18.00 15.85
O5 NAG L . 0.19 -15.37 18.44
O6 NAG L . -2.03 -16.32 19.04
O7 NAG L . 4.37 -15.83 19.81
H1 NAG L . 1.65 -14.18 17.62
H2 NAG L . 2.44 -16.97 18.72
H3 NAG L . 1.84 -16.07 15.87
H4 NAG L . 0.38 -17.95 17.85
H5 NAG L . -0.34 -15.30 16.43
H61 NAG L . -2.26 -17.11 17.12
H62 NAG L . -2.49 -15.36 17.26
H81 NAG L . 6.08 -14.24 17.64
H82 NAG L . 6.71 -15.87 17.92
H83 NAG L . 6.60 -14.73 19.28
HN2 NAG L . 4.06 -15.47 16.74
HO3 NAG L . 3.50 -17.63 15.97
HO4 NAG L . 0.64 -18.59 15.59
HO6 NAG L . -1.24 -15.98 19.48
C1 AMN M . -38.32 -15.14 35.48
C2 AMN M . -39.86 -15.04 35.56
C3 AMN M . -40.27 -14.24 36.82
C4 AMN M . -39.99 -12.75 36.66
C5 AMN M . -40.68 -12.24 35.37
C6 AMN M . -40.16 -13.05 34.18
C7 AMN M . -40.69 -12.75 32.79
C8 AMN M . -40.22 -13.81 31.79
C9 AMN M . -40.70 -13.50 30.37
C10 AMN M . -41.26 -9.92 34.87
C11 AMN M . -40.86 -8.47 34.91
C12 AMN M . -40.09 -17.24 34.54
N5 AMN M . -40.38 -10.83 35.26
N9 AMN M . -39.88 -14.41 29.53
O1A AMN M . -37.69 -15.43 36.49
O1B AMN M . -37.71 -14.92 34.42
O2 AMN M . -40.36 -16.38 35.66
O4 AMN M . -40.39 -11.97 37.78
O6 AMN M . -40.41 -14.43 34.40
O7 AMN M . -42.10 -12.76 32.82
O8 AMN M . -38.82 -13.94 31.73
O10 AMN M . -42.36 -10.28 34.43
H32 AMN M . -39.77 -14.62 37.72
H31 AMN M . -41.35 -14.39 36.99
H4 AMN M . -38.90 -12.62 36.55
H5 AMN M . -41.78 -12.43 35.47
H6 AMN M . -39.07 -12.88 34.11
H7 AMN M . -40.36 -11.75 32.48
H8 AMN M . -40.65 -14.79 32.06
H92 AMN M . -40.52 -12.48 30.07
H91 AMN M . -41.75 -13.74 30.24
H111 AMN M . -40.50 -8.10 33.94
H113 AMN M . -40.10 -8.33 35.69
H112 AMN M . -41.72 -7.85 35.23
HN5 AMN M . -39.45 -10.58 35.36
HN91 AMN M . -39.22 -14.89 30.18
HN92 AMN M . -39.31 -13.83 28.88
HO4 AMN M . -40.76 -11.14 37.48
HO7 AMN M . -42.40 -12.09 33.46
HO8 AMN M . -38.52 -14.30 32.60
HN93 AMN M . -40.50 -15.01 28.95
C1 NAG N . 54.08 11.29 12.43
C2 NAG N . 53.94 12.29 13.57
C3 NAG N . 55.25 13.00 13.78
C4 NAG N . 56.30 11.99 14.20
C5 NAG N . 56.43 10.91 13.04
C6 NAG N . 57.27 9.72 13.53
C7 NAG N . 51.68 13.13 13.78
C8 NAG N . 50.71 14.24 13.44
N2 NAG N . 52.91 13.27 13.31
O3 NAG N . 55.14 14.04 14.73
O4 NAG N . 57.52 12.69 14.47
O5 NAG N . 55.14 10.38 12.72
O6 NAG N . 56.59 9.12 14.62
O7 NAG N . 51.37 12.14 14.45
H1 NAG N . 54.35 11.77 11.48
H2 NAG N . 53.72 11.72 14.49
H3 NAG N . 55.58 13.45 12.82
H4 NAG N . 55.97 11.49 15.13
H5 NAG N . 56.88 11.36 12.15
H61 NAG N . 58.27 10.06 13.82
H62 NAG N . 57.38 9.01 12.70
H81 NAG N . 50.28 14.08 12.44
H82 NAG N . 51.20 15.22 13.46
H83 NAG N . 49.89 14.26 14.17
HN2 NAG N . 53.18 14.09 12.84
HO3 NAG N . 56.05 14.26 14.97
HO4 NAG N . 58.01 12.17 15.13
HO6 NAG N . 55.67 8.98 14.36
C1 NAG O . 19.12 -11.23 -22.56
C2 NAG O . 19.87 -12.43 -23.11
C3 NAG O . 19.03 -13.66 -22.93
C4 NAG O . 18.73 -13.86 -21.45
C5 NAG O . 18.07 -12.56 -20.86
C6 NAG O . 18.02 -12.63 -19.34
C7 NAG O . 21.39 -12.48 -25.05
C8 NAG O . 21.55 -12.28 -26.55
N2 NAG O . 20.17 -12.26 -24.53
O3 NAG O . 19.69 -14.80 -23.45
O4 NAG O . 17.87 -15.00 -21.34
O5 NAG O . 18.85 -11.41 -21.18
O6 NAG O . 19.36 -12.53 -18.84
O7 NAG O . 22.35 -12.80 -24.35
H1 NAG O . 18.15 -11.07 -23.06
H2 NAG O . 20.79 -12.53 -22.52
H3 NAG O . 18.07 -13.54 -23.47
H4 NAG O . 19.66 -14.08 -20.91
H5 NAG O . 17.04 -12.44 -21.26
H61 NAG O . 17.57 -13.58 -19.01
H62 NAG O . 17.40 -11.81 -18.93
H81 NAG O . 20.80 -11.58 -26.93
H82 NAG O . 21.45 -13.24 -27.07
H83 NAG O . 22.55 -11.87 -26.77
HN2 NAG O . 19.46 -11.91 -25.11
HO3 NAG O . 20.65 -14.66 -23.44
HO4 NAG O . 18.26 -15.68 -21.92
HO6 NAG O . 19.83 -11.91 -19.40
C1 NAG P . -24.59 -36.07 -1.24
C2 NAG P . -25.51 -37.20 -1.62
C3 NAG P . -26.16 -37.73 -0.36
C4 NAG P . -25.07 -38.29 0.57
C5 NAG P . -24.14 -37.12 0.95
C6 NAG P . -22.98 -37.55 1.93
C7 NAG P . -26.33 -36.81 -3.90
C8 NAG P . -27.47 -36.36 -4.78
N2 NAG P . -26.54 -36.81 -2.58
O3 NAG P . -27.11 -38.74 -0.64
O4 NAG P . -25.64 -38.91 1.72
O5 NAG P . -23.61 -36.59 -0.31
O6 NAG P . -22.30 -38.75 1.54
O7 NAG P . -25.23 -37.12 -4.39
H1 NAG P . -25.10 -35.24 -0.75
H2 NAG P . -24.91 -38.03 -2.06
H3 NAG P . -26.68 -36.90 0.15
H4 NAG P . -24.46 -39.04 0.05
H5 NAG P . -24.71 -36.30 1.42
H61 NAG P . -23.42 -37.70 2.93
H62 NAG P . -22.27 -36.72 2.01
H81 NAG P . -27.50 -35.26 -4.80
H82 NAG P . -28.43 -36.76 -4.40
H83 NAG P . -27.33 -36.73 -5.81
HN2 NAG P . -27.45 -36.75 -2.23
HO3 NAG P . -26.89 -39.51 -0.09
HO4 NAG P . -26.39 -38.38 2.01
HO6 NAG P . -22.87 -39.50 1.73
C1 NAG Q . -8.45 -8.93 -20.34
C2 NAG Q . -7.99 -8.01 -21.49
C3 NAG Q . -8.46 -6.61 -21.20
C4 NAG Q . -10.00 -6.61 -21.04
C5 NAG Q . -10.30 -7.49 -19.80
C6 NAG Q . -11.79 -7.62 -19.46
C7 NAG Q . -5.89 -9.00 -22.27
C8 NAG Q . -4.37 -9.03 -22.38
N2 NAG Q . -6.54 -8.03 -21.61
O3 NAG Q . -8.07 -5.71 -22.21
O4 NAG Q . -10.43 -5.26 -20.93
O5 NAG Q . -9.83 -8.80 -20.07
O6 NAG Q . -12.31 -8.81 -20.07
O7 NAG Q . -6.55 -9.90 -22.80
H1 NAG Q . -7.88 -8.70 -19.41
H2 NAG Q . -8.47 -8.35 -22.43
H3 NAG Q . -8.00 -6.27 -20.25
H4 NAG Q . -10.48 -7.05 -21.93
H5 NAG Q . -9.79 -7.07 -18.93
H61 NAG Q . -12.35 -6.74 -19.80
H62 NAG Q . -11.93 -7.68 -18.37
H81 NAG Q . -3.98 -9.97 -21.98
H82 NAG Q . -3.92 -8.20 -21.82
H83 NAG Q . -4.06 -8.94 -23.43
HN2 NAG Q . -6.02 -7.30 -21.20
HO3 NAG Q . -8.33 -6.06 -23.07
HO4 NAG Q . -9.79 -4.72 -21.40
HO6 NAG Q . -11.59 -9.42 -20.22
C1 AMN R . -48.29 -22.73 -10.09
C2 AMN R . -49.66 -22.80 -9.39
C3 AMN R . -50.04 -24.27 -9.09
C4 AMN R . -49.19 -24.85 -7.95
C5 AMN R . -49.33 -23.95 -6.71
C6 AMN R . -48.87 -22.54 -7.09
C7 AMN R . -48.93 -21.44 -6.04
C8 AMN R . -48.65 -20.06 -6.67
C9 AMN R . -48.64 -18.96 -5.62
C10 AMN R . -48.86 -24.61 -4.41
C11 AMN R . -47.97 -25.37 -3.45
C12 AMN R . -50.43 -20.84 -10.60
N5 AMN R . -48.49 -24.55 -5.68
N9 AMN R . -48.05 -17.79 -6.34
O1A AMN R . -48.08 -23.49 -11.04
O1B AMN R . -47.41 -21.94 -9.72
O2 AMN R . -50.63 -22.22 -10.27
O4 AMN R . -49.51 -26.20 -7.62
O6 AMN R . -49.66 -22.06 -8.16
O7 AMN R . -50.17 -21.41 -5.43
O8 AMN R . -47.42 -20.01 -7.37
O10 AMN R . -49.85 -24.01 -4.02
H32 AMN R . -49.95 -24.88 -10.00
H31 AMN R . -51.11 -24.31 -8.79
H4 AMN R . -48.13 -24.85 -8.29
H5 AMN R . -50.39 -23.94 -6.42
H6 AMN R . -47.82 -22.60 -7.39
H7 AMN R . -48.19 -21.67 -5.26
H8 AMN R . -49.47 -19.83 -7.38
H92 AMN R . -48.04 -19.18 -4.75
H91 AMN R . -49.64 -18.72 -5.29
H111 AMN R . -47.24 -24.71 -2.97
H113 AMN R . -47.47 -26.17 -4.00
H112 AMN R . -48.58 -25.85 -2.66
HN5 AMN R . -47.62 -24.89 -5.95
HN91 AMN R . -47.81 -18.08 -7.31
HN92 AMN R . -47.24 -17.40 -5.83
HO4 AMN R . -49.36 -26.76 -8.38
HO7 AMN R . -50.68 -22.16 -5.77
HO8 AMN R . -47.50 -20.61 -8.15
HN93 AMN R . -48.74 -17.01 -6.29
C1 NAG S . 49.93 -17.88 -19.96
C2 NAG S . 49.91 -19.34 -19.60
C3 NAG S . 51.30 -19.89 -19.68
C4 NAG S . 51.78 -19.82 -21.12
C5 NAG S . 51.75 -18.29 -21.55
C6 NAG S . 51.93 -18.17 -23.08
C7 NAG S . 48.15 -19.85 -18.03
C8 NAG S . 47.76 -20.06 -16.56
N2 NAG S . 49.41 -19.55 -18.26
O3 NAG S . 51.36 -21.22 -19.21
O4 NAG S . 53.07 -20.43 -21.20
O5 NAG S . 50.48 -17.70 -21.27
O6 NAG S . 50.84 -18.80 -23.74
O7 NAG S . 47.33 -19.96 -18.94
H1 NAG S . 50.57 -17.29 -19.29
H2 NAG S . 49.29 -19.87 -20.34
H3 NAG S . 51.99 -19.28 -19.06
H4 NAG S . 51.08 -20.38 -21.77
H5 NAG S . 52.54 -17.73 -21.02
H61 NAG S . 52.89 -18.64 -23.39
H62 NAG S . 51.98 -17.11 -23.36
H81 NAG S . 48.35 -19.41 -15.91
H82 NAG S . 47.92 -21.12 -16.28
H83 NAG S . 46.69 -19.82 -16.42
HN2 NAG S . 50.06 -19.56 -17.53
HO3 NAG S . 52.19 -21.57 -19.55
HO4 NAG S . 53.20 -20.74 -22.10
HO6 NAG S . 50.02 -18.37 -23.46
C1 NAG T . 18.19 24.64 -7.75
C2 NAG T . 18.54 25.67 -8.79
C3 NAG T . 17.28 26.12 -9.47
C4 NAG T . 16.60 24.93 -10.15
C5 NAG T . 16.35 23.82 -9.09
C6 NAG T . 15.92 22.52 -9.77
C7 NAG T . 20.31 27.36 -8.68
C8 NAG T . 20.88 28.56 -7.95
N2 NAG T . 19.20 26.82 -8.18
O3 NAG T . 17.57 27.12 -10.43
O4 NAG T . 15.38 25.41 -10.74
O5 NAG T . 17.57 23.52 -8.38
O6 NAG T . 17.03 22.00 -10.50
O7 NAG T . 20.92 26.89 -9.65
H1 NAG T . 17.48 25.01 -6.99
H2 NAG T . 19.19 25.19 -9.55
H3 NAG T . 16.58 26.55 -8.73
H4 NAG T . 17.26 24.54 -10.94
H5 NAG T . 15.57 24.14 -8.38
H61 NAG T . 15.07 22.71 -10.44
H62 NAG T . 15.58 21.81 -9.01
H81 NAG T . 21.01 28.34 -6.89
H82 NAG T . 20.19 29.43 -8.06
H83 NAG T . 21.85 28.85 -8.37
HN2 NAG T . 18.81 27.18 -7.35
HO3 NAG T . 16.78 27.20 -10.97
HO4 NAG T . 15.39 25.19 -11.67
HO6 NAG T . 17.00 21.04 -10.50
C1 NAG U . -35.31 19.11 -17.34
C2 NAG U . -36.45 20.02 -17.68
C3 NAG U . -37.53 19.19 -18.36
C4 NAG U . -36.98 18.62 -19.67
C5 NAG U . -35.81 17.70 -19.31
C6 NAG U . -35.14 17.02 -20.57
C7 NAG U . -36.52 21.84 -16.04
C8 NAG U . -37.19 22.41 -14.79
N2 NAG U . -37.02 20.70 -16.52
O3 NAG U . -38.69 19.95 -18.62
O4 NAG U . -37.99 17.95 -20.40
O5 NAG U . -34.84 18.52 -18.57
O6 NAG U . -34.89 17.93 -21.64
O7 NAG U . -35.55 22.39 -16.56
H1 NAG U . -35.58 18.27 -16.67
H2 NAG U . -36.11 20.78 -18.40
H3 NAG U . -37.82 18.34 -17.71
H4 NAG U . -36.59 19.43 -20.30
H5 NAG U . -36.15 16.90 -18.62
H61 NAG U . -35.83 16.23 -20.93
H62 NAG U . -34.21 16.53 -20.26
H81 NAG U . -37.11 21.69 -13.97
H82 NAG U . -38.25 22.62 -15.00
H83 NAG U . -36.70 23.35 -14.51
HN2 NAG U . -37.90 20.38 -16.23
HO3 NAG U . -39.15 19.43 -19.30
HO4 NAG U . -37.63 17.79 -21.28
HO6 NAG U . -33.94 18.08 -21.71
C1 NAG V . -6.25 22.23 5.20
C2 NAG V . -5.24 22.77 6.21
C3 NAG V . -5.21 21.84 7.41
C4 NAG V . -6.62 21.75 8.01
C5 NAG V . -7.51 21.11 6.94
C6 NAG V . -8.98 20.91 7.32
C7 NAG V . -3.54 23.90 4.84
C8 NAG V . -2.16 23.95 4.21
N2 NAG V . -3.90 22.87 5.60
O3 NAG V . -4.29 22.27 8.39
O4 NAG V . -6.55 21.00 9.22
O5 NAG V . -7.50 21.97 5.79
O6 NAG V . -9.74 22.03 6.89
O7 NAG V . -4.33 24.83 4.66
H1 NAG V . -5.89 21.28 4.75
H2 NAG V . -5.57 23.77 6.56
H3 NAG V . -4.89 20.84 7.08
H4 NAG V . -6.99 22.76 8.24
H5 NAG V . -7.09 20.13 6.66
H61 NAG V . -9.08 20.76 8.41
H62 NAG V . -9.38 20.00 6.84
H81 NAG V . -1.86 22.96 3.86
H82 NAG V . -1.42 24.29 4.95
H83 NAG V . -2.14 24.65 3.36
HN2 NAG V . -3.26 22.15 5.81
HO3 NAG V . -4.51 21.78 9.19
HO4 NAG V . -7.28 21.29 9.80
HO6 NAG V . -9.31 22.41 6.10
C1 AMN W . -49.57 20.95 7.39
C2 AMN W . -50.99 20.39 7.63
C3 AMN W . -51.95 20.85 6.49
C4 AMN W . -51.67 20.12 5.17
C5 AMN W . -51.74 18.61 5.42
C6 AMN W . -50.72 18.23 6.50
C7 AMN W . -50.61 16.77 6.94
C8 AMN W . -49.69 16.65 8.17
C9 AMN W . -49.53 15.19 8.59
C10 AMN W . -52.08 16.87 3.71
C11 AMN W . -51.78 16.40 2.31
C12 AMN W . -50.68 20.50 10.03
N5 AMN W . -51.44 17.96 4.15
N9 AMN W . -48.41 15.26 9.54
O1A AMN W . -49.44 22.13 7.09
O1B AMN W . -48.57 20.23 7.46
O2 AMN W . -51.46 20.90 8.87
O4 AMN W . -52.56 20.48 4.12
O6 AMN W . -51.00 18.96 7.68
O7 AMN W . -51.87 16.27 7.27
O8 AMN W . -48.38 17.17 7.98
O10 AMN W . -52.85 16.27 4.45
H32 AMN W . -51.89 21.94 6.35
H31 AMN W . -52.99 20.64 6.81
H4 AMN W . -50.65 20.40 4.84
H5 AMN W . -52.76 18.35 5.77
H6 AMN W . -49.72 18.51 6.13
H7 AMN W . -50.21 16.20 6.10
H8 AMN W . -50.16 17.17 9.02
H92 AMN W . -49.27 14.52 7.78
H91 AMN W . -50.41 14.82 9.09
H111 AMN W . -51.25 15.43 2.32
H113 AMN W . -51.19 17.16 1.79
H112 AMN W . -52.72 16.26 1.76
HN5 AMN W . -50.72 18.34 3.61
HN91 AMN W . -48.11 16.26 9.58
HN92 AMN W . -47.62 14.69 9.21
HO4 AMN W . -52.47 21.43 3.94
HO7 AMN W . -52.46 16.44 6.51
HO8 AMN W . -48.08 17.03 7.09
HN93 AMN W . -48.70 14.84 10.45
C1 NAG X . 42.79 24.84 -27.60
C2 NAG X . 42.14 25.25 -28.91
C3 NAG X . 43.21 25.55 -29.92
C4 NAG X . 43.99 26.76 -29.45
C5 NAG X . 44.63 26.40 -28.06
C6 NAG X . 45.21 27.65 -27.40
C7 NAG X . 39.99 24.16 -29.23
C8 NAG X . 39.22 23.00 -29.82
N2 NAG X . 41.29 24.18 -29.44
O3 NAG X . 42.66 25.79 -31.21
O4 NAG X . 44.94 27.10 -30.46
O5 NAG X . 43.64 25.89 -27.16
O6 NAG X . 44.15 28.57 -27.14
O7 NAG X . 39.43 25.05 -28.57
H1 NAG X . 43.42 23.94 -27.70
H2 NAG X . 41.56 26.16 -28.74
H3 NAG X . 43.90 24.70 -30.01
H4 NAG X . 43.30 27.61 -29.32
H5 NAG X . 45.43 25.63 -28.20
H61 NAG X . 45.97 28.12 -28.05
H62 NAG X . 45.70 27.38 -26.46
H81 NAG X . 39.85 22.42 -30.52
H82 NAG X . 38.34 23.36 -30.36
H83 NAG X . 38.90 22.32 -29.03
HN2 NAG X . 41.71 23.52 -30.02
HO3 NAG X . 43.35 26.23 -31.71
HO4 NAG X . 45.10 28.04 -30.42
HO6 NAG X . 43.51 28.11 -26.55
#